data_1KL8
# 
_entry.id   1KL8 
# 
_audit_conform.dict_name       mmcif_pdbx.dic 
_audit_conform.dict_version    5.351 
_audit_conform.dict_location   http://mmcif.pdb.org/dictionaries/ascii/mmcif_pdbx.dic 
# 
loop_
_database_2.database_id 
_database_2.database_code 
_database_2.pdbx_database_accession 
_database_2.pdbx_DOI 
PDB   1KL8         pdb_00001kl8 10.2210/pdb1kl8/pdb 
RCSB  RCSB015074   ?            ?                   
WWPDB D_1000015074 ?            ?                   
# 
loop_
_pdbx_database_related.db_name 
_pdbx_database_related.db_id 
_pdbx_database_related.details 
_pdbx_database_related.content_type 
PDB 1abt 
;1ABT IS ALPHA-BUNGAROTOXIN COMPLEXED WITH THE 185 - 196  
FRAGMENT OF THE -SUBUNIT OF THE TORPEDO NICOTINIC  
ACETYLCHOLINE RECEPTOR (NMR, 4 STRUCTURES).
;
unspecified 
PDB 1idh 
;1IDH IS THE NMR SOLUTION STRUCTURE OF THE COMPLEX FORMED  
BETWEEN ALPHA-BUNGAROTOXIN AND AN 18MER COGNATE PEPTIDE.
;
unspecified 
PDB 2abx 
;2ABX IS THE CRYSTAL STRUCTURE OF ALPHA-BUNGAROTOXIN AT 2.5  
A RESOLUTION: RELATION TO SOLUTION STRUCTURE AND BINDING TO  
ACETYLCHOLINE RECEPTOR.
;
unspecified 
PDB 1i9b 
;1I9B IS THE X-RAY STRUCTURE OF ACETYLCHOLINE BINDING  
PROTEIN (ACHBP).
;
unspecified 
PDB 1hc9 '1HC9 IS A-BUNGAROTOXIN COMPLEXED WITH HIGH AFFINITY PEPTIDE.' unspecified 
PDB 1jbd 
;1JBD IS THE NMR STRUCTURE OF THE COMPLEX BETWEEN ALPHA-  
BUNGAROTOXIN AND A MIMOTOPE OF THE NICOTINIC ACETILCHOLINE  
RECEPTOR.
;
unspecified 
PDB 1kc4 
;1kc4 is the NMR STRUCTURAL ANALYSIS OF THE COMPLEX FORMED BETWEEN ALPHA-BUNGAROTOXIN AND THE PRINCIPAL ALPHA-NEUROTOXIN BINDING SEQUENCE ON THE ALPHA7 SUBUNIT OF A NEURONAL NICOTINIC ACETYLCHOLINE RECEPTOR (ensemble of 10 structures).
;
unspecified 
PDB 1KFH '1KFH IS the SOLUTION STRUCTURE OF ALPHA-BUNGAROTOXIN BY NMR SPECTROSCOPY.' unspecified 
PDB 1HAJ 
'1HAJ IS A BETA-HAIRPIN STRUCTURE IN A 13-MER PEPTIDE THAT BINDS A-BUNGAROTOXIN WITH HIGH AFFINITY AND NEUTRALIZES ITS TOXICITY.' 
unspecified 
PDB 1BXP '1BXP IS THE SOLUTION NMR STRUCTURE OF THE COMPLEX OF ALPHA-BUNGAROTOXIN WITH A LIBRARY DERIVED PEPTIDE, 20 STRUCTURES.' 
unspecified 
PDB 1IKC '1IKC IS THE NMR STRUCTURE OF ALPHA-BUNGAROTOXIN.' unspecified 
# 
_pdbx_database_status.status_code                     REL 
_pdbx_database_status.entry_id                        1KL8 
_pdbx_database_status.recvd_initial_deposition_date   2001-12-11 
_pdbx_database_status.deposit_site                    RCSB 
_pdbx_database_status.process_site                    RCSB 
_pdbx_database_status.SG_entry                        . 
_pdbx_database_status.pdb_format_compatible           Y 
_pdbx_database_status.status_code_mr                  ? 
_pdbx_database_status.status_code_sf                  ? 
_pdbx_database_status.status_code_cs                  ? 
_pdbx_database_status.status_code_nmr_data            ? 
_pdbx_database_status.methods_development_category    ? 
# 
loop_
_audit_author.name 
_audit_author.pdbx_ordinal 
'Moise, L.'     1 
'Piserchio, A.' 2 
'Basus, V.J.'   3 
'Hawrot, E.'    4 
# 
loop_
_citation.id 
_citation.title 
_citation.journal_abbrev 
_citation.journal_volume 
_citation.page_first 
_citation.page_last 
_citation.year 
_citation.journal_id_ASTM 
_citation.country 
_citation.journal_id_ISSN 
_citation.journal_id_CSD 
_citation.book_publisher 
_citation.pdbx_database_id_PubMed 
_citation.pdbx_database_id_DOI 
primary 
;NMR structural analysis of alpha-bungarotoxin and its complex with the principal alpha-neurotoxin-binding sequence on the alpha 7 subunit of a neuronal nicotinic acetylcholine receptor.
;
J.Biol.Chem. 277 12406 12417 2002 JBCHA3 US 0021-9258 0071 ? 11790782 10.1074/jbc.M110320200   
1       
'Chimeric Analysis of a Neuronal Nicotinic Acetylcholine Receptor Reveals Amino Acids Conferring Sensitivity to Alpha-Bungarotoxin.' 
J.Biol.Chem. 274 26113 26119 1999 JBCHA3 US 0021-9258 0071 ? ?        10.1074/jbc.274.37.26113 
2       
;Identification of Sequence Segments Forming the Alpha-Bungarotoxin Binding Sites on Two Nicotinic Acetylcholine Receptor Alpha Subunits from the Avian Brain.
;
J.Biol.Chem. 266 15230 15239 1991 JBCHA3 US 0021-9258 0071 ? ?        ?                        
3       'Structural Studies of Alpha-Bungarotoxin. 1. Sequence-Specific 1H NMR Resonance Assignments.' Biochemistry 27  2763  2771 
1988 BICHAW US 0006-2960 0033 ? ?        ?                        
# 
loop_
_citation_author.citation_id 
_citation_author.name 
_citation_author.ordinal 
_citation_author.identifier_ORCID 
primary 'Moise, L.'            1  ? 
primary 'Piserchio, A.'        2  ? 
primary 'Basus, V.J.'          3  ? 
primary 'Hawrot, E.'           4  ? 
1       'Levandoski, M.M.'     5  ? 
1       'Lin, Y.'              6  ? 
1       'Moise, L.'            7  ? 
1       'Mclaughlin, J.T.'     8  ? 
1       'Cooper, E.'           9  ? 
1       'Hawrot, E.'           10 ? 
2       'Mclane, K.E.'         11 ? 
2       'Wu, X.D.'             12 ? 
2       'Schoepfer, R.'        13 ? 
2       'Lindstrom, J.M.'      14 ? 
2       'Conti-Tronconi, B.M.' 15 ? 
3       'Basus, V.J.'          16 ? 
3       'Billeter, M.'         17 ? 
3       'Love, R.A.'           18 ? 
3       'Stroud, R.M.'         19 ? 
3       'Kuntz, I.D.'          20 ? 
# 
_cell.entry_id           1KL8 
_cell.length_a           1.000 
_cell.length_b           1.000 
_cell.length_c           1.000 
_cell.angle_alpha        90.00 
_cell.angle_beta         90.00 
_cell.angle_gamma        90.00 
_cell.Z_PDB              1 
_cell.pdbx_unique_axis   ? 
# 
_symmetry.entry_id                         1KL8 
_symmetry.space_group_name_H-M             'P 1' 
_symmetry.pdbx_full_space_group_name_H-M   ? 
_symmetry.cell_setting                     ? 
_symmetry.Int_Tables_number                1 
# 
loop_
_entity.id 
_entity.type 
_entity.src_method 
_entity.pdbx_description 
_entity.formula_weight 
_entity.pdbx_number_of_molecules 
_entity.pdbx_ec 
_entity.pdbx_mutation 
_entity.pdbx_fragment 
_entity.details 
1 polymer nat ALPHA-BUNGAROTOXIN                                       8005.281 1 ? ? ?                               ? 
2 polymer man 'NEURONAL ACETYLCHOLINE RECEPTOR PROTEIN, ALPHA-7 CHAIN' 2348.629 1 ? ? 'ALPHA-NEUROTOXIN BINDING SITE' ? 
# 
_entity_name_com.entity_id   1 
_entity_name_com.name        'LONG NEUROTOXIN 1' 
# 
loop_
_entity_poly.entity_id 
_entity_poly.type 
_entity_poly.nstd_linkage 
_entity_poly.nstd_monomer 
_entity_poly.pdbx_seq_one_letter_code 
_entity_poly.pdbx_seq_one_letter_code_can 
_entity_poly.pdbx_strand_id 
_entity_poly.pdbx_target_identifier 
1 'polypeptide(L)' no no  IVCHTTATSPISAVTCPPGENLCYRKMWCDAFCSSRGKVVELGCAATCPSKKPYEEVTCCSTDKCNPHPKQRPG 
IVCHTTATSPISAVTCPPGENLCYRKMWCDAFCSSRGKVVELGCAATCPSKKPYEEVTCCSTDKCNPHPKQRPG A ? 
2 'polypeptide(L)' no yes 'IPGKRTESFYECCKEPYPD(HSL)'                                                 IPGKRTESFYECCKEPYPDS B ? 
# 
loop_
_entity_poly_seq.entity_id 
_entity_poly_seq.num 
_entity_poly_seq.mon_id 
_entity_poly_seq.hetero 
1 1  ILE n 
1 2  VAL n 
1 3  CYS n 
1 4  HIS n 
1 5  THR n 
1 6  THR n 
1 7  ALA n 
1 8  THR n 
1 9  SER n 
1 10 PRO n 
1 11 ILE n 
1 12 SER n 
1 13 ALA n 
1 14 VAL n 
1 15 THR n 
1 16 CYS n 
1 17 PRO n 
1 18 PRO n 
1 19 GLY n 
1 20 GLU n 
1 21 ASN n 
1 22 LEU n 
1 23 CYS n 
1 24 TYR n 
1 25 ARG n 
1 26 LYS n 
1 27 MET n 
1 28 TRP n 
1 29 CYS n 
1 30 ASP n 
1 31 ALA n 
1 32 PHE n 
1 33 CYS n 
1 34 SER n 
1 35 SER n 
1 36 ARG n 
1 37 GLY n 
1 38 LYS n 
1 39 VAL n 
1 40 VAL n 
1 41 GLU n 
1 42 LEU n 
1 43 GLY n 
1 44 CYS n 
1 45 ALA n 
1 46 ALA n 
1 47 THR n 
1 48 CYS n 
1 49 PRO n 
1 50 SER n 
1 51 LYS n 
1 52 LYS n 
1 53 PRO n 
1 54 TYR n 
1 55 GLU n 
1 56 GLU n 
1 57 VAL n 
1 58 THR n 
1 59 CYS n 
1 60 CYS n 
1 61 SER n 
1 62 THR n 
1 63 ASP n 
1 64 LYS n 
1 65 CYS n 
1 66 ASN n 
1 67 PRO n 
1 68 HIS n 
1 69 PRO n 
1 70 LYS n 
1 71 GLN n 
1 72 ARG n 
1 73 PRO n 
1 74 GLY n 
2 1  ILE n 
2 2  PRO n 
2 3  GLY n 
2 4  LYS n 
2 5  ARG n 
2 6  THR n 
2 7  GLU n 
2 8  SER n 
2 9  PHE n 
2 10 TYR n 
2 11 GLU n 
2 12 CYS n 
2 13 CYS n 
2 14 LYS n 
2 15 GLU n 
2 16 PRO n 
2 17 TYR n 
2 18 PRO n 
2 19 ASP n 
2 20 HSL n 
# 
_entity_src_gen.entity_id                          2 
_entity_src_gen.pdbx_src_id                        1 
_entity_src_gen.pdbx_alt_source_flag               sample 
_entity_src_gen.pdbx_seq_type                      ? 
_entity_src_gen.pdbx_beg_seq_num                   ? 
_entity_src_gen.pdbx_end_seq_num                   ? 
_entity_src_gen.gene_src_common_name               chicken 
_entity_src_gen.gene_src_genus                     Gallus 
_entity_src_gen.pdbx_gene_src_gene                 ? 
_entity_src_gen.gene_src_species                   ? 
_entity_src_gen.gene_src_strain                    ? 
_entity_src_gen.gene_src_tissue                    ? 
_entity_src_gen.gene_src_tissue_fraction           ? 
_entity_src_gen.gene_src_details                   ? 
_entity_src_gen.pdbx_gene_src_fragment             ? 
_entity_src_gen.pdbx_gene_src_scientific_name      'Gallus gallus' 
_entity_src_gen.pdbx_gene_src_ncbi_taxonomy_id     9031 
_entity_src_gen.pdbx_gene_src_variant              ? 
_entity_src_gen.pdbx_gene_src_cell_line            ? 
_entity_src_gen.pdbx_gene_src_atcc                 ? 
_entity_src_gen.pdbx_gene_src_organ                ? 
_entity_src_gen.pdbx_gene_src_organelle            ? 
_entity_src_gen.pdbx_gene_src_cell                 ? 
_entity_src_gen.pdbx_gene_src_cellular_location    ? 
_entity_src_gen.host_org_common_name               ? 
_entity_src_gen.pdbx_host_org_scientific_name      'Escherichia coli' 
_entity_src_gen.pdbx_host_org_ncbi_taxonomy_id     562 
_entity_src_gen.host_org_genus                     Escherichia 
_entity_src_gen.pdbx_host_org_gene                 ? 
_entity_src_gen.pdbx_host_org_organ                ? 
_entity_src_gen.host_org_species                   ? 
_entity_src_gen.pdbx_host_org_tissue               ? 
_entity_src_gen.pdbx_host_org_tissue_fraction      ? 
_entity_src_gen.pdbx_host_org_strain               'BLR(DE3)PLYSS' 
_entity_src_gen.pdbx_host_org_variant              ? 
_entity_src_gen.pdbx_host_org_cell_line            ? 
_entity_src_gen.pdbx_host_org_atcc                 ? 
_entity_src_gen.pdbx_host_org_culture_collection   ? 
_entity_src_gen.pdbx_host_org_cell                 ? 
_entity_src_gen.pdbx_host_org_organelle            ? 
_entity_src_gen.pdbx_host_org_cellular_location    ? 
_entity_src_gen.pdbx_host_org_vector_type          PLASMID 
_entity_src_gen.pdbx_host_org_vector               ? 
_entity_src_gen.host_org_details                   ? 
_entity_src_gen.expression_system_id               ? 
_entity_src_gen.plasmid_name                       'PET31B(+)' 
_entity_src_gen.plasmid_details                    ? 
_entity_src_gen.pdbx_description                   ? 
# 
_entity_src_nat.entity_id                  1 
_entity_src_nat.pdbx_src_id                1 
_entity_src_nat.pdbx_alt_source_flag       sample 
_entity_src_nat.pdbx_beg_seq_num           ? 
_entity_src_nat.pdbx_end_seq_num           ? 
_entity_src_nat.common_name                'many-banded krait' 
_entity_src_nat.pdbx_organism_scientific   'Bungarus multicinctus' 
_entity_src_nat.pdbx_ncbi_taxonomy_id      8616 
_entity_src_nat.genus                      Bungarus 
_entity_src_nat.species                    ? 
_entity_src_nat.strain                     ? 
_entity_src_nat.tissue                     ? 
_entity_src_nat.tissue_fraction            ? 
_entity_src_nat.pdbx_secretion             ? 
_entity_src_nat.pdbx_fragment              ? 
_entity_src_nat.pdbx_variant               ? 
_entity_src_nat.pdbx_cell_line             ? 
_entity_src_nat.pdbx_atcc                  ? 
_entity_src_nat.pdbx_cellular_location     ? 
_entity_src_nat.pdbx_organ                 ? 
_entity_src_nat.pdbx_organelle             ? 
_entity_src_nat.pdbx_cell                  ? 
_entity_src_nat.pdbx_plasmid_name          ? 
_entity_src_nat.pdbx_plasmid_details       ? 
_entity_src_nat.details                    ? 
# 
loop_
_struct_ref.id 
_struct_ref.db_name 
_struct_ref.db_code 
_struct_ref.entity_id 
_struct_ref.pdbx_seq_one_letter_code 
_struct_ref.pdbx_align_begin 
_struct_ref.pdbx_db_accession 
_struct_ref.pdbx_db_isoform 
1 UNP NXL1A_BUNMU 1 IVCHTTATSPISAVTCPPGENLCYRKMWCDAFCSSRGKVVELGCAATCPSKKPYEEVTCCSTDKCNPHPKQRPG 1   P60615 ? 
2 UNP ACHA7_CHICK 2 IPGKRTESFYECCKEPYPD                                                        201 P22770 ? 
# 
loop_
_struct_ref_seq.align_id 
_struct_ref_seq.ref_id 
_struct_ref_seq.pdbx_PDB_id_code 
_struct_ref_seq.pdbx_strand_id 
_struct_ref_seq.seq_align_beg 
_struct_ref_seq.pdbx_seq_align_beg_ins_code 
_struct_ref_seq.seq_align_end 
_struct_ref_seq.pdbx_seq_align_end_ins_code 
_struct_ref_seq.pdbx_db_accession 
_struct_ref_seq.db_align_beg 
_struct_ref_seq.pdbx_db_align_beg_ins_code 
_struct_ref_seq.db_align_end 
_struct_ref_seq.pdbx_db_align_end_ins_code 
_struct_ref_seq.pdbx_auth_seq_align_beg 
_struct_ref_seq.pdbx_auth_seq_align_end 
1 1 1KL8 A 1 ? 74 ? P60615 1   ? 74  ? 1   74  
2 2 1KL8 B 1 ? 19 ? P22770 201 ? 219 ? 178 196 
# 
_struct_ref_seq_dif.align_id                     2 
_struct_ref_seq_dif.pdbx_pdb_id_code             1KL8 
_struct_ref_seq_dif.mon_id                       HSL 
_struct_ref_seq_dif.pdbx_pdb_strand_id           B 
_struct_ref_seq_dif.seq_num                      20 
_struct_ref_seq_dif.pdbx_pdb_ins_code            ? 
_struct_ref_seq_dif.pdbx_seq_db_name             UNP 
_struct_ref_seq_dif.pdbx_seq_db_accession_code   P22770 
_struct_ref_seq_dif.db_mon_id                    ? 
_struct_ref_seq_dif.pdbx_seq_db_seq_num          ? 
_struct_ref_seq_dif.details                      'engineered mutation' 
_struct_ref_seq_dif.pdbx_auth_seq_num            197 
_struct_ref_seq_dif.pdbx_ordinal                 1 
# 
loop_
_chem_comp.id 
_chem_comp.type 
_chem_comp.mon_nstd_flag 
_chem_comp.name 
_chem_comp.pdbx_synonyms 
_chem_comp.formula 
_chem_comp.formula_weight 
ALA 'L-peptide linking' y ALANINE              ? 'C3 H7 N O2'     89.093  
ARG 'L-peptide linking' y ARGININE             ? 'C6 H15 N4 O2 1' 175.209 
ASN 'L-peptide linking' y ASPARAGINE           ? 'C4 H8 N2 O3'    132.118 
ASP 'L-peptide linking' y 'ASPARTIC ACID'      ? 'C4 H7 N O4'     133.103 
CYS 'L-peptide linking' y CYSTEINE             ? 'C3 H7 N O2 S'   121.158 
GLN 'L-peptide linking' y GLUTAMINE            ? 'C5 H10 N2 O3'   146.144 
GLU 'L-peptide linking' y 'GLUTAMIC ACID'      ? 'C5 H9 N O4'     147.129 
GLY 'peptide linking'   y GLYCINE              ? 'C2 H5 N O2'     75.067  
HIS 'L-peptide linking' y HISTIDINE            ? 'C6 H10 N3 O2 1' 156.162 
HSL 'L-peptide linking' n 'HOMOSERINE LACTONE' ? 'C4 H7 N O2'     101.104 
ILE 'L-peptide linking' y ISOLEUCINE           ? 'C6 H13 N O2'    131.173 
LEU 'L-peptide linking' y LEUCINE              ? 'C6 H13 N O2'    131.173 
LYS 'L-peptide linking' y LYSINE               ? 'C6 H15 N2 O2 1' 147.195 
MET 'L-peptide linking' y METHIONINE           ? 'C5 H11 N O2 S'  149.211 
PHE 'L-peptide linking' y PHENYLALANINE        ? 'C9 H11 N O2'    165.189 
PRO 'L-peptide linking' y PROLINE              ? 'C5 H9 N O2'     115.130 
SER 'L-peptide linking' y SERINE               ? 'C3 H7 N O3'     105.093 
THR 'L-peptide linking' y THREONINE            ? 'C4 H9 N O3'     119.119 
TRP 'L-peptide linking' y TRYPTOPHAN           ? 'C11 H12 N2 O2'  204.225 
TYR 'L-peptide linking' y TYROSINE             ? 'C9 H11 N O3'    181.189 
VAL 'L-peptide linking' y VALINE               ? 'C5 H11 N O2'    117.146 
# 
loop_
_pdbx_nmr_exptl.experiment_id 
_pdbx_nmr_exptl.conditions_id 
_pdbx_nmr_exptl.type 
_pdbx_nmr_exptl.solution_id 
1 1 '2D NOESY'                1 
2 1 '2D TOCSY'                1 
3 1 '3D_15 SEPARATED_NOESY'   1 
4 1 '3D_15N- SEPARATED_TOCSY' 1 
5 1 '2D 1H-15N HSQC'          1 
6 1 HNHA                      1 
# 
_pdbx_nmr_exptl_sample_conditions.conditions_id       1 
_pdbx_nmr_exptl_sample_conditions.temperature         308.00 
_pdbx_nmr_exptl_sample_conditions.pressure            AMBIENT 
_pdbx_nmr_exptl_sample_conditions.pH                  5.50 
_pdbx_nmr_exptl_sample_conditions.ionic_strength      ? 
_pdbx_nmr_exptl_sample_conditions.pressure_units      ? 
_pdbx_nmr_exptl_sample_conditions.temperature_units   K 
# 
_pdbx_nmr_sample_details.solution_id      1 
_pdbx_nmr_sample_details.contents         
'1.6 MM ALPHA-BUNGAROTOXIN 15N]-ALPHA 7 19MER COMPLEX MM SODIUM PHOSPHATE, PH 5. MICROMOLAR SODIUM AZIDE 50 MICROMOLAR TMSP' 
_pdbx_nmr_sample_details.solvent_system   '95% H2O/5% D2O' 
# 
loop_
_pdbx_nmr_spectrometer.spectrometer_id 
_pdbx_nmr_spectrometer.model 
_pdbx_nmr_spectrometer.manufacturer 
_pdbx_nmr_spectrometer.field_strength 
_pdbx_nmr_spectrometer.type 
1 AVANCE Bruker 600 ? 
2 AVANCE Bruker 400 ? 
# 
_pdbx_nmr_refine.entry_id           1KL8 
_pdbx_nmr_refine.method             'DISTANCE GEOMETRY DYNAMIC SIMULATED ANNEALING' 
_pdbx_nmr_refine.details            'RMS DEVIATIONS FROM IDEAL VALUES BOND LENGTH(A) 0.0039, ANGLES(DEG) 0.61, IMPROPERS(DEG) 0.5' 
_pdbx_nmr_refine.software_ordinal   1 
# 
_pdbx_nmr_details.entry_id   1KL8 
_pdbx_nmr_details.text       
;THE WELL-DEFINED REGIONS IN THE COMPLEX, EXHIBITING EXTENSIVE LONG RANGE NOES, ARE: BGTX: 1-16, 22-28, 39-48, AND 54-68 ALPHA 7 19MER: 185-194.
;
# 
_pdbx_nmr_ensemble.entry_id                             1KL8 
_pdbx_nmr_ensemble.conformers_calculated_total_number   ? 
_pdbx_nmr_ensemble.conformers_submitted_total_number    1 
_pdbx_nmr_ensemble.conformer_selection_criteria         ? 
# 
_pdbx_nmr_representative.entry_id             1KL8 
_pdbx_nmr_representative.conformer_id         1 
_pdbx_nmr_representative.selection_criteria   'minimized average structure' 
# 
loop_
_pdbx_nmr_software.classification 
_pdbx_nmr_software.name 
_pdbx_nmr_software.version 
_pdbx_nmr_software.authors 
_pdbx_nmr_software.ordinal 
refinement           CNS     1.0  'BRUNGER, A.T., ET AL.' 1 
'structure solution' XwinNMR 2.1  ?                       2 
'structure solution' NMRPipe 1.8  ?                       3 
'structure solution' Sparky  3.87 ?                       4 
# 
_exptl.entry_id          1KL8 
_exptl.method            'SOLUTION NMR' 
_exptl.crystals_number   ? 
# 
_struct.entry_id                  1KL8 
_struct.title                     
;NMR STRUCTURAL ANALYSIS OF THE COMPLEX FORMED BETWEEN ALPHA-BUNGAROTOXIN AND THE PRINCIPAL ALPHA-NEUROTOXIN BINDING SEQUENCE ON THE ALPHA7 SUBUNIT OF A NEURONAL NICOTINIC ACETYLCHOLINE RECEPTOR
;
_struct.pdbx_model_details        ? 
_struct.pdbx_CASP_flag            ? 
_struct.pdbx_model_type_details   'minimized average' 
# 
_struct_keywords.entry_id        1KL8 
_struct_keywords.pdbx_keywords   TOXIN 
_struct_keywords.text            
;ALPHA-BUNGAROTOXIN, NICOTINIC ACETYLCHOLINE RECEPTOR ALPHA 7 SUBUNIT, ALPHA-NEUROTOXIN, LIGAND-GATED ION CHANNELS, NMR PROTEIN-PROTEIN INTERACTIONS, PROTEIN-PEPTIDE COMPLEX, TOXIN
;
# 
loop_
_struct_asym.id 
_struct_asym.pdbx_blank_PDB_chainid_flag 
_struct_asym.pdbx_modified 
_struct_asym.entity_id 
_struct_asym.details 
A N N 1 ? 
B N N 2 ? 
# 
_struct_biol.id   1 
# 
loop_
_struct_conn.id 
_struct_conn.conn_type_id 
_struct_conn.pdbx_leaving_atom_flag 
_struct_conn.pdbx_PDB_id 
_struct_conn.ptnr1_label_asym_id 
_struct_conn.ptnr1_label_comp_id 
_struct_conn.ptnr1_label_seq_id 
_struct_conn.ptnr1_label_atom_id 
_struct_conn.pdbx_ptnr1_label_alt_id 
_struct_conn.pdbx_ptnr1_PDB_ins_code 
_struct_conn.pdbx_ptnr1_standard_comp_id 
_struct_conn.ptnr1_symmetry 
_struct_conn.ptnr2_label_asym_id 
_struct_conn.ptnr2_label_comp_id 
_struct_conn.ptnr2_label_seq_id 
_struct_conn.ptnr2_label_atom_id 
_struct_conn.pdbx_ptnr2_label_alt_id 
_struct_conn.pdbx_ptnr2_PDB_ins_code 
_struct_conn.ptnr1_auth_asym_id 
_struct_conn.ptnr1_auth_comp_id 
_struct_conn.ptnr1_auth_seq_id 
_struct_conn.ptnr2_auth_asym_id 
_struct_conn.ptnr2_auth_comp_id 
_struct_conn.ptnr2_auth_seq_id 
_struct_conn.ptnr2_symmetry 
_struct_conn.pdbx_ptnr3_label_atom_id 
_struct_conn.pdbx_ptnr3_label_seq_id 
_struct_conn.pdbx_ptnr3_label_comp_id 
_struct_conn.pdbx_ptnr3_label_asym_id 
_struct_conn.pdbx_ptnr3_label_alt_id 
_struct_conn.pdbx_ptnr3_PDB_ins_code 
_struct_conn.details 
_struct_conn.pdbx_dist_value 
_struct_conn.pdbx_value_order 
_struct_conn.pdbx_role 
disulf1 disulf ? ? A CYS 3  SG ? ? ? 1_555 A CYS 23 SG ? ? A CYS 3   A CYS 23  1_555 ? ? ? ? ? ? ? 1.992 ? ? 
disulf2 disulf ? ? A CYS 16 SG ? ? ? 1_555 A CYS 44 SG ? ? A CYS 16  A CYS 44  1_555 ? ? ? ? ? ? ? 1.996 ? ? 
disulf3 disulf ? ? A CYS 29 SG ? ? ? 1_555 A CYS 33 SG ? ? A CYS 29  A CYS 33  1_555 ? ? ? ? ? ? ? 1.987 ? ? 
disulf4 disulf ? ? A CYS 48 SG ? ? ? 1_555 A CYS 59 SG ? ? A CYS 48  A CYS 59  1_555 ? ? ? ? ? ? ? 1.994 ? ? 
disulf5 disulf ? ? A CYS 60 SG ? ? ? 1_555 A CYS 65 SG ? ? A CYS 60  A CYS 65  1_555 ? ? ? ? ? ? ? 1.978 ? ? 
disulf6 disulf ? ? B CYS 12 SG ? ? ? 1_555 B CYS 13 SG ? ? B CYS 189 B CYS 190 1_555 ? ? ? ? ? ? ? 2.020 ? ? 
# 
_struct_conn_type.id          disulf 
_struct_conn_type.criteria    ? 
_struct_conn_type.reference   ? 
# 
_struct_sheet.id               A 
_struct_sheet.type             ? 
_struct_sheet.number_strands   3 
_struct_sheet.details          ? 
# 
loop_
_struct_sheet_order.sheet_id 
_struct_sheet_order.range_id_1 
_struct_sheet_order.range_id_2 
_struct_sheet_order.offset 
_struct_sheet_order.sense 
A 1 2 ? anti-parallel 
A 2 3 ? anti-parallel 
# 
loop_
_struct_sheet_range.sheet_id 
_struct_sheet_range.id 
_struct_sheet_range.beg_label_comp_id 
_struct_sheet_range.beg_label_asym_id 
_struct_sheet_range.beg_label_seq_id 
_struct_sheet_range.pdbx_beg_PDB_ins_code 
_struct_sheet_range.end_label_comp_id 
_struct_sheet_range.end_label_asym_id 
_struct_sheet_range.end_label_seq_id 
_struct_sheet_range.pdbx_end_PDB_ins_code 
_struct_sheet_range.beg_auth_comp_id 
_struct_sheet_range.beg_auth_asym_id 
_struct_sheet_range.beg_auth_seq_id 
_struct_sheet_range.end_auth_comp_id 
_struct_sheet_range.end_auth_asym_id 
_struct_sheet_range.end_auth_seq_id 
A 1 GLU A 41 ? ALA A 45 ? GLU A 41 ALA A 45 
A 2 LEU A 22 ? LYS A 26 ? LEU A 22 LYS A 26 
A 3 VAL A 57 ? THR A 58 ? VAL A 57 THR A 58 
# 
loop_
_pdbx_struct_sheet_hbond.sheet_id 
_pdbx_struct_sheet_hbond.range_id_1 
_pdbx_struct_sheet_hbond.range_id_2 
_pdbx_struct_sheet_hbond.range_1_label_atom_id 
_pdbx_struct_sheet_hbond.range_1_label_comp_id 
_pdbx_struct_sheet_hbond.range_1_label_asym_id 
_pdbx_struct_sheet_hbond.range_1_label_seq_id 
_pdbx_struct_sheet_hbond.range_1_PDB_ins_code 
_pdbx_struct_sheet_hbond.range_1_auth_atom_id 
_pdbx_struct_sheet_hbond.range_1_auth_comp_id 
_pdbx_struct_sheet_hbond.range_1_auth_asym_id 
_pdbx_struct_sheet_hbond.range_1_auth_seq_id 
_pdbx_struct_sheet_hbond.range_2_label_atom_id 
_pdbx_struct_sheet_hbond.range_2_label_comp_id 
_pdbx_struct_sheet_hbond.range_2_label_asym_id 
_pdbx_struct_sheet_hbond.range_2_label_seq_id 
_pdbx_struct_sheet_hbond.range_2_PDB_ins_code 
_pdbx_struct_sheet_hbond.range_2_auth_atom_id 
_pdbx_struct_sheet_hbond.range_2_auth_comp_id 
_pdbx_struct_sheet_hbond.range_2_auth_asym_id 
_pdbx_struct_sheet_hbond.range_2_auth_seq_id 
A 1 2 O ALA A 45 ? O ALA A 45 N LEU A 22 ? N LEU A 22 
A 2 3 N ARG A 25 ? N ARG A 25 O THR A 58 ? O THR A 58 
# 
_atom_sites.entry_id                    1KL8 
_atom_sites.fract_transf_matrix[1][1]   1.000000 
_atom_sites.fract_transf_matrix[1][2]   0.000000 
_atom_sites.fract_transf_matrix[1][3]   0.000000 
_atom_sites.fract_transf_matrix[2][1]   0.000000 
_atom_sites.fract_transf_matrix[2][2]   1.000000 
_atom_sites.fract_transf_matrix[2][3]   0.000000 
_atom_sites.fract_transf_matrix[3][1]   0.000000 
_atom_sites.fract_transf_matrix[3][2]   0.000000 
_atom_sites.fract_transf_matrix[3][3]   1.000000 
_atom_sites.fract_transf_vector[1]      0.00000 
_atom_sites.fract_transf_vector[2]      0.00000 
_atom_sites.fract_transf_vector[3]      0.00000 
# 
loop_
_atom_type.symbol 
C 
H 
N 
O 
S 
# 
loop_
_atom_site.group_PDB 
_atom_site.id 
_atom_site.type_symbol 
_atom_site.label_atom_id 
_atom_site.label_alt_id 
_atom_site.label_comp_id 
_atom_site.label_asym_id 
_atom_site.label_entity_id 
_atom_site.label_seq_id 
_atom_site.pdbx_PDB_ins_code 
_atom_site.Cartn_x 
_atom_site.Cartn_y 
_atom_site.Cartn_z 
_atom_site.occupancy 
_atom_site.B_iso_or_equiv 
_atom_site.pdbx_formal_charge 
_atom_site.auth_seq_id 
_atom_site.auth_comp_id 
_atom_site.auth_asym_id 
_atom_site.auth_atom_id 
_atom_site.pdbx_PDB_model_num 
ATOM 1    N N    . ILE A 1 1  ? 18.628  -1.116  3.988   1.00 1.50 ? 1   ILE A N    1 
ATOM 2    C CA   . ILE A 1 1  ? 17.209  -1.528  3.893   1.00 1.24 ? 1   ILE A CA   1 
ATOM 3    C C    . ILE A 1 1  ? 16.513  -0.770  2.729   1.00 1.11 ? 1   ILE A C    1 
ATOM 4    O O    . ILE A 1 1  ? 16.759  0.416   2.480   1.00 1.18 ? 1   ILE A O    1 
ATOM 5    C CB   . ILE A 1 1  ? 16.488  -1.380  5.275   1.00 1.36 ? 1   ILE A CB   1 
ATOM 6    C CG1  . ILE A 1 1  ? 15.091  -2.055  5.296   1.00 1.44 ? 1   ILE A CG1  1 
ATOM 7    C CG2  . ILE A 1 1  ? 16.393  0.081   5.787   1.00 1.65 ? 1   ILE A CG2  1 
ATOM 8    C CD1  . ILE A 1 1  ? 14.580  -2.467  6.683   1.00 1.72 ? 1   ILE A CD1  1 
ATOM 9    H H1   . ILE A 1 1  ? 18.703  -0.168  4.374   1.00 1.86 ? 1   ILE A H1   1 
ATOM 10   H H2   . ILE A 1 1  ? 19.079  -1.106  3.067   1.00 1.70 ? 1   ILE A H2   1 
ATOM 11   H H3   . ILE A 1 1  ? 19.168  -1.739  4.598   1.00 1.79 ? 1   ILE A H3   1 
ATOM 12   H HA   . ILE A 1 1  ? 17.236  -2.610  3.649   1.00 1.23 ? 1   ILE A HA   1 
ATOM 13   H HB   . ILE A 1 1  ? 17.099  -1.948  6.004   1.00 1.47 ? 1   ILE A HB   1 
ATOM 14   H HG12 . ILE A 1 1  ? 14.342  -1.399  4.809   1.00 1.72 ? 1   ILE A HG12 1 
ATOM 15   H HG13 . ILE A 1 1  ? 15.121  -2.961  4.668   1.00 1.75 ? 1   ILE A HG13 1 
ATOM 16   H HG21 . ILE A 1 1  ? 17.152  0.272   6.565   1.00 2.17 ? 1   ILE A HG21 1 
ATOM 17   H HG22 . ILE A 1 1  ? 15.402  0.311   6.217   1.00 2.02 ? 1   ILE A HG22 1 
ATOM 18   H HG23 . ILE A 1 1  ? 16.554  0.836   4.998   1.00 1.85 ? 1   ILE A HG23 1 
ATOM 19   H HD11 . ILE A 1 1  ? 14.452  -3.562  6.749   1.00 2.17 ? 1   ILE A HD11 1 
ATOM 20   H HD12 . ILE A 1 1  ? 13.598  -2.015  6.894   1.00 1.86 ? 1   ILE A HD12 1 
ATOM 21   H HD13 . ILE A 1 1  ? 15.257  -2.173  7.505   1.00 2.28 ? 1   ILE A HD13 1 
ATOM 22   N N    . VAL A 1 2  ? 15.589  -1.475  2.068   1.00 0.99 ? 2   VAL A N    1 
ATOM 23   C CA   . VAL A 1 2  ? 14.664  -0.876  1.072   1.00 0.87 ? 2   VAL A CA   1 
ATOM 24   C C    . VAL A 1 2  ? 13.205  -0.932  1.622   1.00 0.77 ? 2   VAL A C    1 
ATOM 25   O O    . VAL A 1 2  ? 12.899  -1.511  2.661   1.00 0.79 ? 2   VAL A O    1 
ATOM 26   C CB   . VAL A 1 2  ? 14.950  -1.534  -0.323  1.00 0.88 ? 2   VAL A CB   1 
ATOM 27   C CG1  . VAL A 1 2  ? 14.579  -3.024  -0.435  1.00 1.09 ? 2   VAL A CG1  1 
ATOM 28   C CG2  . VAL A 1 2  ? 14.336  -0.761  -1.506  1.00 1.26 ? 2   VAL A CG2  1 
ATOM 29   H H    . VAL A 1 2  ? 15.433  -2.421  2.435   1.00 0.00 ? 2   VAL A H    1 
ATOM 30   H HA   . VAL A 1 2  ? 14.894  0.202   0.963   1.00 0.91 ? 2   VAL A HA   1 
ATOM 31   H HB   . VAL A 1 2  ? 16.043  -1.477  -0.492  1.00 1.24 ? 2   VAL A HB   1 
ATOM 32   H HG11 . VAL A 1 2  ? 13.530  -3.214  -0.143  1.00 1.57 ? 2   VAL A HG11 1 
ATOM 33   H HG12 . VAL A 1 2  ? 15.225  -3.651  0.203   1.00 1.59 ? 2   VAL A HG12 1 
ATOM 34   H HG13 . VAL A 1 2  ? 14.716  -3.395  -1.464  1.00 1.52 ? 2   VAL A HG13 1 
ATOM 35   H HG21 . VAL A 1 2  ? 13.232  -0.822  -1.525  1.00 1.76 ? 2   VAL A HG21 1 
ATOM 36   H HG22 . VAL A 1 2  ? 14.697  -1.142  -2.478  1.00 1.55 ? 2   VAL A HG22 1 
ATOM 37   H HG23 . VAL A 1 2  ? 14.614  0.306   -1.466  1.00 1.82 ? 2   VAL A HG23 1 
ATOM 38   N N    . CYS A 1 3  ? 12.292  -0.265  0.930   1.00 0.72 ? 3   CYS A N    1 
ATOM 39   C CA   . CYS A 1 3  ? 10.842  -0.339  1.182   1.00 0.68 ? 3   CYS A CA   1 
ATOM 40   C C    . CYS A 1 3  ? 10.159  0.207   -0.081  1.00 0.64 ? 3   CYS A C    1 
ATOM 41   O O    . CYS A 1 3  ? 10.465  1.331   -0.498  1.00 0.68 ? 3   CYS A O    1 
ATOM 42   C CB   . CYS A 1 3  ? 10.424  0.474   2.427   1.00 0.76 ? 3   CYS A CB   1 
ATOM 43   S SG   . CYS A 1 3  ? 8.693   0.130   2.730   1.00 1.12 ? 3   CYS A SG   1 
ATOM 44   H H    . CYS A 1 3  ? 12.670  0.315   0.173   1.00 0.75 ? 3   CYS A H    1 
ATOM 45   H HA   . CYS A 1 3  ? 10.563  -1.399  1.336   1.00 0.72 ? 3   CYS A HA   1 
ATOM 46   H HB2  . CYS A 1 3  ? 11.003  0.156   3.313   1.00 0.91 ? 3   CYS A HB2  1 
ATOM 47   H HB3  . CYS A 1 3  ? 10.586  1.561   2.299   1.00 0.75 ? 3   CYS A HB3  1 
ATOM 48   N N    . HIS A 1 4  ? 9.182   -0.533  -0.652  1.00 0.64 ? 4   HIS A N    1 
ATOM 49   C CA   . HIS A 1 4  ? 8.353   -0.043  -1.799  1.00 0.72 ? 4   HIS A CA   1 
ATOM 50   C C    . HIS A 1 4  ? 7.912   1.438   -1.662  1.00 0.86 ? 4   HIS A C    1 
ATOM 51   O O    . HIS A 1 4  ? 7.638   1.914   -0.553  1.00 0.98 ? 4   HIS A O    1 
ATOM 52   C CB   . HIS A 1 4  ? 7.079   -0.900  -2.024  1.00 0.80 ? 4   HIS A CB   1 
ATOM 53   C CG   . HIS A 1 4  ? 7.278   -2.204  -2.798  1.00 0.84 ? 4   HIS A CG   1 
ATOM 54   N ND1  . HIS A 1 4  ? 7.091   -2.281  -4.158  1.00 0.96 ? 4   HIS A ND1  1 
ATOM 55   C CD2  . HIS A 1 4  ? 7.747   -3.436  -2.328  1.00 0.86 ? 4   HIS A CD2  1 
ATOM 56   C CE1  . HIS A 1 4  ? 7.536   -3.540  -4.416  1.00 1.06 ? 4   HIS A CE1  1 
ATOM 57   N NE2  . HIS A 1 4  ? 7.948   -4.313  -3.380  1.00 1.00 ? 4   HIS A NE2  1 
ATOM 58   H H    . HIS A 1 4  ? 9.031   -1.452  -0.221  1.00 0.66 ? 4   HIS A H    1 
ATOM 59   H HA   . HIS A 1 4  ? 8.974   -0.154  -2.700  1.00 0.75 ? 4   HIS A HA   1 
ATOM 60   H HB2  . HIS A 1 4  ? 6.581   -1.059  -1.065  1.00 0.80 ? 4   HIS A HB2  1 
ATOM 61   H HB3  . HIS A 1 4  ? 6.317   -0.321  -2.582  1.00 0.90 ? 4   HIS A HB3  1 
ATOM 62   H HD1  . HIS A 1 4  ? 6.930   -1.510  -4.816  1.00 1.01 ? 4   HIS A HD1  1 
ATOM 63   H HD2  . HIS A 1 4  ? 7.990   -3.662  -1.303  1.00 0.83 ? 4   HIS A HD2  1 
ATOM 64   H HE1  . HIS A 1 4  ? 7.613   -3.894  -5.434  1.00 1.21 ? 4   HIS A HE1  1 
ATOM 65   H HE2  . HIS A 1 4  ? 8.315   -5.270  -3.381  1.00 1.05 ? 4   HIS A HE2  1 
ATOM 66   N N    . THR A 1 5  ? 7.856   2.144   -2.804  1.00 0.97 ? 5   THR A N    1 
ATOM 67   C CA   . THR A 1 5  ? 7.380   3.555   -2.868  1.00 1.22 ? 5   THR A CA   1 
ATOM 68   C C    . THR A 1 5  ? 5.998   3.762   -2.187  1.00 1.14 ? 5   THR A C    1 
ATOM 69   O O    . THR A 1 5  ? 5.297   2.798   -1.862  1.00 1.51 ? 5   THR A O    1 
ATOM 70   C CB   . THR A 1 5  ? 7.459   4.034   -4.361  1.00 1.58 ? 5   THR A CB   1 
ATOM 71   O OG1  . THR A 1 5  ? 7.215   5.434   -4.460  1.00 1.99 ? 5   THR A OG1  1 
ATOM 72   C CG2  . THR A 1 5  ? 6.579   3.306   -5.394  1.00 1.70 ? 5   THR A CG2  1 
ATOM 73   H H    . THR A 1 5  ? 7.985   1.584   -3.653  1.00 0.98 ? 5   THR A H    1 
ATOM 74   H HA   . THR A 1 5  ? 8.104   4.158   -2.285  1.00 1.81 ? 5   THR A HA   1 
ATOM 75   H HB   . THR A 1 5  ? 8.488   3.881   -4.724  1.00 2.01 ? 5   THR A HB   1 
ATOM 76   H HG1  . THR A 1 5  ? 7.794   5.856   -3.821  1.00 1.99 ? 5   THR A HG1  1 
ATOM 77   H HG21 . THR A 1 5  ? 7.102   3.251   -6.367  1.00 2.19 ? 5   THR A HG21 1 
ATOM 78   H HG22 . THR A 1 5  ? 5.620   3.818   -5.572  1.00 2.11 ? 5   THR A HG22 1 
ATOM 79   H HG23 . THR A 1 5  ? 6.355   2.265   -5.095  1.00 1.93 ? 5   THR A HG23 1 
ATOM 80   N N    . THR A 1 6  ? 5.582   5.023   -2.022  1.00 1.39 ? 6   THR A N    1 
ATOM 81   C CA   . THR A 1 6  ? 4.161   5.358   -1.695  1.00 1.94 ? 6   THR A CA   1 
ATOM 82   C C    . THR A 1 6  ? 3.070   4.687   -2.596  1.00 1.67 ? 6   THR A C    1 
ATOM 83   O O    . THR A 1 6  ? 1.913   4.598   -2.174  1.00 2.36 ? 6   THR A O    1 
ATOM 84   C CB   . THR A 1 6  ? 3.998   6.907   -1.692  1.00 2.74 ? 6   THR A CB   1 
ATOM 85   O OG1  . THR A 1 6  ? 4.997   7.517   -0.878  1.00 3.42 ? 6   THR A OG1  1 
ATOM 86   C CG2  . THR A 1 6  ? 2.637   7.396   -1.164  1.00 3.29 ? 6   THR A CG2  1 
ATOM 87   H H    . THR A 1 6  ? 6.208   5.717   -2.443  1.00 1.53 ? 6   THR A H    1 
ATOM 88   H HA   . THR A 1 6  ? 3.984   4.996   -0.666  1.00 2.30 ? 6   THR A HA   1 
ATOM 89   H HB   . THR A 1 6  ? 4.126   7.282   -2.727  1.00 3.02 ? 6   THR A HB   1 
ATOM 90   H HG1  . THR A 1 6  ? 5.356   8.234   -1.404  1.00 3.62 ? 6   THR A HG1  1 
ATOM 91   H HG21 . THR A 1 6  ? 2.404   6.949   -0.179  1.00 3.76 ? 6   THR A HG21 1 
ATOM 92   H HG22 . THR A 1 6  ? 1.813   7.125   -1.850  1.00 3.43 ? 6   THR A HG22 1 
ATOM 93   H HG23 . THR A 1 6  ? 2.611   8.494   -1.054  1.00 3.66 ? 6   THR A HG23 1 
ATOM 94   N N    . ALA A 1 7  ? 3.437   4.212   -3.810  1.00 0.96 ? 7   ALA A N    1 
ATOM 95   C CA   . ALA A 1 7  ? 2.511   3.643   -4.808  1.00 0.94 ? 7   ALA A CA   1 
ATOM 96   C C    . ALA A 1 7  ? 1.706   4.781   -5.476  1.00 1.02 ? 7   ALA A C    1 
ATOM 97   O O    . ALA A 1 7  ? 0.484   4.746   -5.515  1.00 1.31 ? 7   ALA A O    1 
ATOM 98   C CB   . ALA A 1 7  ? 1.675   2.494   -4.208  1.00 1.50 ? 7   ALA A CB   1 
ATOM 99   H H    . ALA A 1 7  ? 4.431   4.333   -4.035  1.00 0.99 ? 7   ALA A H    1 
ATOM 100  H HA   . ALA A 1 7  ? 3.139   3.177   -5.594  1.00 0.96 ? 7   ALA A HA   1 
ATOM 101  H HB1  . ALA A 1 7  ? 2.080   2.181   -3.237  1.00 1.75 ? 7   ALA A HB1  1 
ATOM 102  H HB2  . ALA A 1 7  ? 1.635   1.599   -4.853  1.00 1.78 ? 7   ALA A HB2  1 
ATOM 103  H HB3  . ALA A 1 7  ? 0.647   2.802   -3.966  1.00 2.15 ? 7   ALA A HB3  1 
ATOM 104  N N    . THR A 1 8  ? 2.377   5.813   -6.011  1.00 1.15 ? 8   THR A N    1 
ATOM 105  C CA   . THR A 1 8  ? 1.712   6.882   -6.813  1.00 1.54 ? 8   THR A CA   1 
ATOM 106  C C    . THR A 1 8  ? 0.908   6.343   -8.047  1.00 1.48 ? 8   THR A C    1 
ATOM 107  O O    . THR A 1 8  ? -0.216  6.777   -8.307  1.00 1.84 ? 8   THR A O    1 
ATOM 108  C CB   . THR A 1 8  ? 2.717   8.020   -7.225  1.00 1.95 ? 8   THR A CB   1 
ATOM 109  O OG1  . THR A 1 8  ? 4.088   7.734   -6.933  1.00 2.12 ? 8   THR A OG1  1 
ATOM 110  C CG2  . THR A 1 8  ? 2.380   9.362   -6.563  1.00 2.33 ? 8   THR A CG2  1 
ATOM 111  H H    . THR A 1 8  ? 3.390   5.801   -5.846  1.00 1.18 ? 8   THR A H    1 
ATOM 112  H HA   . THR A 1 8  ? 0.948   7.318   -6.136  1.00 1.70 ? 8   THR A HA   1 
ATOM 113  H HB   . THR A 1 8  ? 2.665   8.181   -8.317  1.00 1.96 ? 8   THR A HB   1 
ATOM 114  H HG1  . THR A 1 8  ? 4.346   7.014   -7.514  1.00 2.27 ? 8   THR A HG1  1 
ATOM 115  H HG21 . THR A 1 8  ? 1.317   9.629   -6.708  1.00 2.43 ? 8   THR A HG21 1 
ATOM 116  H HG22 . THR A 1 8  ? 2.985   10.179  -6.997  1.00 2.57 ? 8   THR A HG22 1 
ATOM 117  H HG23 . THR A 1 8  ? 2.575   9.341   -5.475  1.00 2.55 ? 8   THR A HG23 1 
ATOM 118  N N    . SER A 1 9  ? 1.522   5.392   -8.767  1.00 1.33 ? 9   SER A N    1 
ATOM 119  C CA   . SER A 1 9  ? 1.004   4.776   -10.006 1.00 1.33 ? 9   SER A CA   1 
ATOM 120  C C    . SER A 1 9  ? 1.887   3.521   -10.282 1.00 1.39 ? 9   SER A C    1 
ATOM 121  O O    . SER A 1 9  ? 1.335   2.417   -10.223 1.00 1.33 ? 9   SER A O    1 
ATOM 122  C CB   . SER A 1 9  ? 0.816   5.780   -11.174 1.00 1.55 ? 9   SER A CB   1 
ATOM 123  O OG   . SER A 1 9  ? 1.113   5.224   -12.451 1.00 1.71 ? 9   SER A OG   1 
ATOM 124  H H    . SER A 1 9  ? 2.404   5.073   -8.350  1.00 1.46 ? 9   SER A H    1 
ATOM 125  H HA   . SER A 1 9  ? 0.001   4.397   -9.801  1.00 1.20 ? 9   SER A HA   1 
ATOM 126  H HB2  . SER A 1 9  ? -0.225  6.144   -11.175 1.00 1.48 ? 9   SER A HB2  1 
ATOM 127  H HB3  . SER A 1 9  ? 1.442   6.679   -11.023 1.00 1.70 ? 9   SER A HB3  1 
ATOM 128  H HG   . SER A 1 9  ? 0.508   4.490   -12.575 1.00 1.92 ? 9   SER A HG   1 
ATOM 129  N N    . PRO A 1 10 ? 3.216   3.606   -10.583 1.00 1.56 ? 10  PRO A N    1 
ATOM 130  C CA   . PRO A 1 10 ? 4.051   2.427   -10.876 1.00 1.67 ? 10  PRO A CA   1 
ATOM 131  C C    . PRO A 1 10 ? 4.664   1.905   -9.552  1.00 1.55 ? 10  PRO A C    1 
ATOM 132  O O    . PRO A 1 10 ? 5.509   2.586   -8.959  1.00 2.06 ? 10  PRO A O    1 
ATOM 133  C CB   . PRO A 1 10 ? 5.064   3.063   -11.848 1.00 1.91 ? 10  PRO A CB   1 
ATOM 134  C CG   . PRO A 1 10 ? 5.288   4.496   -11.344 1.00 1.92 ? 10  PRO A CG   1 
ATOM 135  C CD   . PRO A 1 10 ? 3.981   4.872   -10.653 1.00 1.72 ? 10  PRO A CD   1 
ATOM 136  H HA   . PRO A 1 10 ? 3.482   1.634   -11.406 1.00 1.71 ? 10  PRO A HA   1 
ATOM 137  H HB2  . PRO A 1 10 ? 6.005   2.491   -11.928 1.00 1.91 ? 10  PRO A HB2  1 
ATOM 138  H HB3  . PRO A 1 10 ? 4.630   3.096   -12.867 1.00 2.10 ? 10  PRO A HB3  1 
ATOM 139  H HG2  . PRO A 1 10 ? 6.120   4.524   -10.615 1.00 1.89 ? 10  PRO A HG2  1 
ATOM 140  H HG3  . PRO A 1 10 ? 5.542   5.201   -12.156 1.00 2.16 ? 10  PRO A HG3  1 
ATOM 141  H HD2  . PRO A 1 10 ? 4.166   5.270   -9.635  1.00 1.70 ? 10  PRO A HD2  1 
ATOM 142  H HD3  . PRO A 1 10 ? 3.456   5.650   -11.228 1.00 1.80 ? 10  PRO A HD3  1 
ATOM 143  N N    . ILE A 1 11 ? 4.242   0.713   -9.089  1.00 0.98 ? 11  ILE A N    1 
ATOM 144  C CA   . ILE A 1 11 ? 4.808   0.083   -7.858  1.00 0.89 ? 11  ILE A CA   1 
ATOM 145  C C    . ILE A 1 11 ? 6.317   -0.226  -8.105  1.00 0.86 ? 11  ILE A C    1 
ATOM 146  O O    . ILE A 1 11 ? 6.670   -1.181  -8.803  1.00 0.98 ? 11  ILE A O    1 
ATOM 147  C CB   . ILE A 1 11 ? 4.002   -1.182  -7.401  1.00 0.98 ? 11  ILE A CB   1 
ATOM 148  C CG1  . ILE A 1 11 ? 2.541   -0.864  -6.990  1.00 1.16 ? 11  ILE A CG1  1 
ATOM 149  C CG2  . ILE A 1 11 ? 4.669   -1.944  -6.237  1.00 1.13 ? 11  ILE A CG2  1 
ATOM 150  C CD1  . ILE A 1 11 ? 1.588   -0.926  -8.170  1.00 0.77 ? 11  ILE A CD1  1 
ATOM 151  H H    . ILE A 1 11 ? 3.375   0.373   -9.521  1.00 0.81 ? 11  ILE A H    1 
ATOM 152  H HA   . ILE A 1 11 ? 4.705   0.823   -7.034  1.00 0.88 ? 11  ILE A HA   1 
ATOM 153  H HB   . ILE A 1 11 ? 3.988   -1.904  -8.242  1.00 1.12 ? 11  ILE A HB   1 
ATOM 154  H HG12 . ILE A 1 11 ? 2.159   -1.593  -6.250  1.00 1.59 ? 11  ILE A HG12 1 
ATOM 155  H HG13 . ILE A 1 11 ? 2.457   0.116   -6.483  1.00 1.77 ? 11  ILE A HG13 1 
ATOM 156  H HG21 . ILE A 1 11 ? 5.501   -2.568  -6.611  1.00 1.10 ? 11  ILE A HG21 1 
ATOM 157  H HG22 . ILE A 1 11 ? 3.993   -2.633  -5.697  1.00 1.55 ? 11  ILE A HG22 1 
ATOM 158  H HG23 . ILE A 1 11 ? 5.082   -1.238  -5.495  1.00 1.69 ? 11  ILE A HG23 1 
ATOM 159  H HD11 . ILE A 1 11 ? 1.912   -1.615  -8.973  1.00 1.06 ? 11  ILE A HD11 1 
ATOM 160  H HD12 . ILE A 1 11 ? 1.409   0.064   -8.629  1.00 1.44 ? 11  ILE A HD12 1 
ATOM 161  H HD13 . ILE A 1 11 ? 0.643   -1.329  -7.792  1.00 1.30 ? 11  ILE A HD13 1 
ATOM 162  N N    . SER A 1 12 ? 7.162   0.645   -7.537  1.00 0.82 ? 12  SER A N    1 
ATOM 163  C CA   . SER A 1 12 ? 8.629   0.597   -7.725  1.00 0.85 ? 12  SER A CA   1 
ATOM 164  C C    . SER A 1 12 ? 9.269   0.286   -6.341  1.00 0.92 ? 12  SER A C    1 
ATOM 165  O O    . SER A 1 12 ? 8.701   -0.453  -5.536  1.00 1.61 ? 12  SER A O    1 
ATOM 166  C CB   . SER A 1 12 ? 9.112   1.909   -8.410  1.00 0.90 ? 12  SER A CB   1 
ATOM 167  O OG   . SER A 1 12 ? 8.346   2.281   -9.549  1.00 1.35 ? 12  SER A OG   1 
ATOM 168  H H    . SER A 1 12 ? 6.708   1.400   -7.010  1.00 0.84 ? 12  SER A H    1 
ATOM 169  H HA   . SER A 1 12 ? 8.906   -0.243  -8.390  1.00 0.99 ? 12  SER A HA   1 
ATOM 170  H HB2  . SER A 1 12 ? 9.114   2.748   -7.689  1.00 1.69 ? 12  SER A HB2  1 
ATOM 171  H HB3  . SER A 1 12 ? 10.165  1.784   -8.724  1.00 1.11 ? 12  SER A HB3  1 
ATOM 172  H HG   . SER A 1 12 ? 8.490   3.225   -9.651  1.00 1.80 ? 12  SER A HG   1 
ATOM 173  N N    . ALA A 1 13 ? 10.474  0.801   -6.066  1.00 1.10 ? 13  ALA A N    1 
ATOM 174  C CA   . ALA A 1 13 ? 11.176  0.566   -4.787  1.00 1.21 ? 13  ALA A CA   1 
ATOM 175  C C    . ALA A 1 13 ? 12.017  1.802   -4.419  1.00 0.89 ? 13  ALA A C    1 
ATOM 176  O O    . ALA A 1 13 ? 12.570  2.497   -5.281  1.00 0.89 ? 13  ALA A O    1 
ATOM 177  C CB   . ALA A 1 13 ? 12.021  -0.722  -4.849  1.00 1.65 ? 13  ALA A CB   1 
ATOM 178  H H    . ALA A 1 13 ? 10.827  1.453   -6.774  1.00 1.65 ? 13  ALA A H    1 
ATOM 179  H HA   . ALA A 1 13 ? 10.416  0.425   -4.001  1.00 1.46 ? 13  ALA A HA   1 
ATOM 180  H HB1  . ALA A 1 13 ? 12.085  -1.191  -3.850  1.00 1.92 ? 13  ALA A HB1  1 
ATOM 181  H HB2  . ALA A 1 13 ? 13.052  -0.530  -5.195  1.00 2.33 ? 13  ALA A HB2  1 
ATOM 182  H HB3  . ALA A 1 13 ? 11.586  -1.485  -5.524  1.00 1.80 ? 13  ALA A HB3  1 
ATOM 183  N N    . VAL A 1 14 ? 12.082  2.083   -3.110  1.00 0.85 ? 14  VAL A N    1 
ATOM 184  C CA   . VAL A 1 14 ? 12.753  3.305   -2.581  1.00 0.94 ? 14  VAL A CA   1 
ATOM 185  C C    . VAL A 1 14 ? 13.388  2.952   -1.215  1.00 0.89 ? 14  VAL A C    1 
ATOM 186  O O    . VAL A 1 14 ? 13.021  1.993   -0.541  1.00 1.02 ? 14  VAL A O    1 
ATOM 187  C CB   . VAL A 1 14 ? 11.836  4.585   -2.469  1.00 1.27 ? 14  VAL A CB   1 
ATOM 188  C CG1  . VAL A 1 14 ? 12.660  5.891   -2.551  1.00 2.00 ? 14  VAL A CG1  1 
ATOM 189  C CG2  . VAL A 1 14 ? 10.698  4.682   -3.493  1.00 1.82 ? 14  VAL A CG2  1 
ATOM 190  H H    . VAL A 1 14 ? 11.557  1.442   -2.503  1.00 0.97 ? 14  VAL A H    1 
ATOM 191  H HA   . VAL A 1 14 ? 13.597  3.529   -3.266  1.00 1.10 ? 14  VAL A HA   1 
ATOM 192  H HB   . VAL A 1 14 ? 11.324  4.567   -1.485  1.00 1.84 ? 14  VAL A HB   1 
ATOM 193  H HG11 . VAL A 1 14 ? 12.057  6.773   -2.838  1.00 2.55 ? 14  VAL A HG11 1 
ATOM 194  H HG12 . VAL A 1 14 ? 13.479  5.812   -3.290  1.00 2.34 ? 14  VAL A HG12 1 
ATOM 195  H HG13 . VAL A 1 14 ? 13.122  6.134   -1.577  1.00 2.53 ? 14  VAL A HG13 1 
ATOM 196  H HG21 . VAL A 1 14 ? 10.086  3.772   -3.404  1.00 2.39 ? 14  VAL A HG21 1 
ATOM 197  H HG22 . VAL A 1 14 ? 11.057  4.735   -4.536  1.00 2.02 ? 14  VAL A HG22 1 
ATOM 198  H HG23 . VAL A 1 14 ? 10.025  5.539   -3.306  1.00 2.42 ? 14  VAL A HG23 1 
ATOM 199  N N    . THR A 1 15 ? 14.332  3.778   -0.764  1.00 1.02 ? 15  THR A N    1 
ATOM 200  C CA   . THR A 1 15 ? 14.935  3.629   0.580   1.00 1.06 ? 15  THR A CA   1 
ATOM 201  C C    . THR A 1 15 ? 13.957  4.160   1.671   1.00 0.99 ? 15  THR A C    1 
ATOM 202  O O    . THR A 1 15 ? 13.105  5.029   1.440   1.00 1.43 ? 15  THR A O    1 
ATOM 203  C CB   . THR A 1 15 ? 16.335  4.305   0.588   1.00 1.28 ? 15  THR A CB   1 
ATOM 204  O OG1  . THR A 1 15 ? 17.099  3.882   -0.539  1.00 1.84 ? 15  THR A OG1  1 
ATOM 205  C CG2  . THR A 1 15 ? 17.168  3.964   1.835   1.00 1.85 ? 15  THR A CG2  1 
ATOM 206  H H    . THR A 1 15 ? 14.463  4.621   -1.331  1.00 1.25 ? 15  THR A H    1 
ATOM 207  H HA   . THR A 1 15 ? 15.102  2.543   0.750   1.00 1.11 ? 15  THR A HA   1 
ATOM 208  H HB   . THR A 1 15 ? 16.210  5.403   0.528   1.00 1.68 ? 15  THR A HB   1 
ATOM 209  H HG1  . THR A 1 15 ? 17.894  4.418   -0.530  1.00 2.15 ? 15  THR A HG1  1 
ATOM 210  H HG21 . THR A 1 15 ? 18.247  4.123   1.667   1.00 2.39 ? 15  THR A HG21 1 
ATOM 211  H HG22 . THR A 1 15 ? 17.039  2.909   2.134   1.00 2.50 ? 15  THR A HG22 1 
ATOM 212  H HG23 . THR A 1 15 ? 16.872  4.585   2.699   1.00 1.96 ? 15  THR A HG23 1 
ATOM 213  N N    . CYS A 1 16 ? 14.114  3.597   2.872   1.00 0.95 ? 16  CYS A N    1 
ATOM 214  C CA   . CYS A 1 16 ? 13.418  4.089   4.073   1.00 0.89 ? 16  CYS A CA   1 
ATOM 215  C C    . CYS A 1 16 ? 14.192  5.270   4.754   1.00 1.02 ? 16  CYS A C    1 
ATOM 216  O O    . CYS A 1 16 ? 15.429  5.248   4.758   1.00 1.29 ? 16  CYS A O    1 
ATOM 217  C CB   . CYS A 1 16 ? 13.252  2.921   5.050   1.00 1.05 ? 16  CYS A CB   1 
ATOM 218  S SG   . CYS A 1 16 ? 11.693  2.076   4.806   1.00 1.43 ? 16  CYS A SG   1 
ATOM 219  H H    . CYS A 1 16 ? 14.949  3.008   2.950   1.00 1.30 ? 16  CYS A H    1 
ATOM 220  H HA   . CYS A 1 16 ? 12.398  4.400   3.783   1.00 1.06 ? 16  CYS A HA   1 
ATOM 221  H HB2  . CYS A 1 16 ? 14.085  2.194   5.028   1.00 1.70 ? 16  CYS A HB2  1 
ATOM 222  H HB3  . CYS A 1 16 ? 13.213  3.296   6.078   1.00 1.34 ? 16  CYS A HB3  1 
ATOM 223  N N    . PRO A 1 17 ? 13.517  6.270   5.398   1.00 1.56 ? 17  PRO A N    1 
ATOM 224  C CA   . PRO A 1 17 ? 14.178  7.319   6.230   1.00 1.96 ? 17  PRO A CA   1 
ATOM 225  C C    . PRO A 1 17 ? 15.195  6.835   7.328   1.00 1.57 ? 17  PRO A C    1 
ATOM 226  O O    . PRO A 1 17 ? 15.221  5.635   7.619   1.00 2.05 ? 17  PRO A O    1 
ATOM 227  C CB   . PRO A 1 17 ? 12.957  8.038   6.861   1.00 3.06 ? 17  PRO A CB   1 
ATOM 228  C CG   . PRO A 1 17 ? 11.775  7.772   5.941   1.00 3.15 ? 17  PRO A CG   1 
ATOM 229  C CD   . PRO A 1 17 ? 12.049  6.394   5.367   1.00 2.25 ? 17  PRO A CD   1 
ATOM 230  H HA   . PRO A 1 17 ? 14.695  8.013   5.540   1.00 2.30 ? 17  PRO A HA   1 
ATOM 231  H HB2  . PRO A 1 17 ? 12.732  7.650   7.875   1.00 3.40 ? 17  PRO A HB2  1 
ATOM 232  H HB3  . PRO A 1 17 ? 13.110  9.126   6.969   1.00 3.69 ? 17  PRO A HB3  1 
ATOM 233  H HG2  . PRO A 1 17 ? 10.804  7.820   6.461   1.00 3.56 ? 17  PRO A HG2  1 
ATOM 234  H HG3  . PRO A 1 17 ? 11.748  8.522   5.127   1.00 3.68 ? 17  PRO A HG3  1 
ATOM 235  H HD2  . PRO A 1 17 ? 11.601  5.586   5.968   1.00 2.33 ? 17  PRO A HD2  1 
ATOM 236  H HD3  . PRO A 1 17 ? 11.628  6.320   4.348   1.00 2.37 ? 17  PRO A HD3  1 
ATOM 237  N N    . PRO A 1 18 ? 16.027  7.692   7.988   1.00 1.61 ? 18  PRO A N    1 
ATOM 238  C CA   . PRO A 1 18 ? 16.864  7.274   9.153   1.00 1.97 ? 18  PRO A CA   1 
ATOM 239  C C    . PRO A 1 18 ? 16.126  6.636   10.380  1.00 1.85 ? 18  PRO A C    1 
ATOM 240  O O    . PRO A 1 18 ? 16.672  5.724   11.008  1.00 2.27 ? 18  PRO A O    1 
ATOM 241  C CB   . PRO A 1 18 ? 17.601  8.578   9.523   1.00 2.77 ? 18  PRO A CB   1 
ATOM 242  C CG   . PRO A 1 18 ? 16.706  9.706   9.010   1.00 2.96 ? 18  PRO A CG   1 
ATOM 243  C CD   . PRO A 1 18 ? 16.078  9.147   7.738   1.00 2.30 ? 18  PRO A CD   1 
ATOM 244  H HA   . PRO A 1 18 ? 17.617  6.541   8.799   1.00 2.29 ? 18  PRO A HA   1 
ATOM 245  H HB2  . PRO A 1 18 ? 17.809  8.678   10.605  1.00 3.10 ? 18  PRO A HB2  1 
ATOM 246  H HB3  . PRO A 1 18 ? 18.581  8.619   9.012   1.00 3.24 ? 18  PRO A HB3  1 
ATOM 247  H HG2  . PRO A 1 18 ? 15.913  9.928   9.752   1.00 3.36 ? 18  PRO A HG2  1 
ATOM 248  H HG3  . PRO A 1 18 ? 17.255  10.648  8.831   1.00 3.53 ? 18  PRO A HG3  1 
ATOM 249  H HD2  . PRO A 1 18 ? 15.088  9.604   7.585   1.00 2.67 ? 18  PRO A HD2  1 
ATOM 250  H HD3  . PRO A 1 18 ? 16.691  9.363   6.843   1.00 2.43 ? 18  PRO A HD3  1 
ATOM 251  N N    . GLY A 1 19 ? 14.904  7.108   10.694  1.00 1.91 ? 19  GLY A N    1 
ATOM 252  C CA   . GLY A 1 19 ? 14.043  6.514   11.739  1.00 2.07 ? 19  GLY A CA   1 
ATOM 253  C C    . GLY A 1 19 ? 13.229  5.295   11.267  1.00 1.69 ? 19  GLY A C    1 
ATOM 254  O O    . GLY A 1 19 ? 13.384  4.195   11.806  1.00 2.05 ? 19  GLY A O    1 
ATOM 255  H H    . GLY A 1 19 ? 14.516  7.743   9.985   1.00 2.26 ? 19  GLY A H    1 
ATOM 256  H HA2  . GLY A 1 19 ? 14.643  6.250   12.631  1.00 2.36 ? 19  GLY A HA2  1 
ATOM 257  H HA3  . GLY A 1 19 ? 13.341  7.295   12.087  1.00 2.38 ? 19  GLY A HA3  1 
ATOM 258  N N    . GLU A 1 20 ? 12.373  5.511   10.254  1.00 1.64 ? 20  GLU A N    1 
ATOM 259  C CA   . GLU A 1 20 ? 11.528  4.457   9.647   1.00 1.49 ? 20  GLU A CA   1 
ATOM 260  C C    . GLU A 1 20 ? 12.367  3.438   8.826   1.00 1.16 ? 20  GLU A C    1 
ATOM 261  O O    . GLU A 1 20 ? 13.453  3.752   8.338   1.00 1.85 ? 20  GLU A O    1 
ATOM 262  C CB   . GLU A 1 20 ? 10.436  5.120   8.763   1.00 2.37 ? 20  GLU A CB   1 
ATOM 263  C CG   . GLU A 1 20 ? 9.417   6.055   9.455   1.00 3.27 ? 20  GLU A CG   1 
ATOM 264  C CD   . GLU A 1 20 ? 9.830   7.528   9.467   1.00 3.73 ? 20  GLU A CD   1 
ATOM 265  O OE1  . GLU A 1 20 ? 10.524  7.960   10.414  1.00 4.10 ? 20  GLU A OE1  1 
ATOM 266  O OE2  . GLU A 1 20 ? 9.462   8.261   8.524   1.00 4.15 ? 20  GLU A OE2  1 
ATOM 267  H H    . GLU A 1 20 ? 12.356  6.473   9.900   1.00 2.14 ? 20  GLU A H    1 
ATOM 268  H HA   . GLU A 1 20 ? 11.022  3.917   10.470  1.00 1.69 ? 20  GLU A HA   1 
ATOM 269  H HB2  . GLU A 1 20 ? 10.901  5.645   7.917   1.00 2.59 ? 20  GLU A HB2  1 
ATOM 270  H HB3  . GLU A 1 20 ? 9.859   4.318   8.272   1.00 2.59 ? 20  GLU A HB3  1 
ATOM 271  H HG2  . GLU A 1 20 ? 8.442   5.973   8.940   1.00 3.86 ? 20  GLU A HG2  1 
ATOM 272  H HG3  . GLU A 1 20 ? 9.218   5.720   10.489  1.00 3.44 ? 20  GLU A HG3  1 
ATOM 273  N N    . ASN A 1 21 ? 11.868  2.199   8.734   1.00 0.91 ? 21  ASN A N    1 
ATOM 274  C CA   . ASN A 1 21 ? 12.575  1.040   8.117   1.00 1.67 ? 21  ASN A CA   1 
ATOM 275  C C    . ASN A 1 21 ? 11.564  -0.023  7.602   1.00 1.45 ? 21  ASN A C    1 
ATOM 276  O O    . ASN A 1 21 ? 11.651  -0.448  6.446   1.00 1.86 ? 21  ASN A O    1 
ATOM 277  C CB   . ASN A 1 21 ? 13.620  0.414   9.084   1.00 2.60 ? 21  ASN A CB   1 
ATOM 278  C CG   . ASN A 1 21 ? 14.905  1.252   9.246   1.00 3.51 ? 21  ASN A CG   1 
ATOM 279  O OD1  . ASN A 1 21 ? 15.667  1.464   8.309   1.00 4.06 ? 21  ASN A OD1  1 
ATOM 280  N ND2  . ASN A 1 21 ? 15.150  1.827   10.405  1.00 4.09 ? 21  ASN A ND2  1 
ATOM 281  H H    . ASN A 1 21 ? 10.937  2.088   9.152   1.00 0.91 ? 21  ASN A H    1 
ATOM 282  H HA   . ASN A 1 21 ? 13.114  1.381   7.218   1.00 2.28 ? 21  ASN A HA   1 
ATOM 283  H HB2  . ASN A 1 21 ? 13.145  0.205   10.065  1.00 2.56 ? 21  ASN A HB2  1 
ATOM 284  H HB3  . ASN A 1 21 ? 13.922  -0.581  8.714   1.00 3.04 ? 21  ASN A HB3  1 
ATOM 285  H HD21 . ASN A 1 21 ? 14.396  1.775   11.098  1.00 4.06 ? 21  ASN A HD21 1 
ATOM 286  H HD22 . ASN A 1 21 ? 15.934  2.489   10.395  1.00 4.74 ? 21  ASN A HD22 1 
ATOM 287  N N    . LEU A 1 22 ? 10.613  -0.447  8.455   1.00 1.00 ? 22  LEU A N    1 
ATOM 288  C CA   . LEU A 1 22 ? 9.542   -1.403  8.091   1.00 0.87 ? 22  LEU A CA   1 
ATOM 289  C C    . LEU A 1 22 ? 8.552   -0.829  7.059   1.00 0.76 ? 22  LEU A C    1 
ATOM 290  O O    . LEU A 1 22 ? 8.275   0.370   7.033   1.00 0.93 ? 22  LEU A O    1 
ATOM 291  C CB   . LEU A 1 22 ? 8.835   -1.850  9.393   1.00 0.92 ? 22  LEU A CB   1 
ATOM 292  C CG   . LEU A 1 22 ? 8.071   -0.801  10.233  1.00 1.05 ? 22  LEU A CG   1 
ATOM 293  C CD1  . LEU A 1 22 ? 6.566   -0.806  10.014  1.00 1.73 ? 22  LEU A CD1  1 
ATOM 294  C CD2  . LEU A 1 22 ? 8.408   -0.937  11.718  1.00 1.03 ? 22  LEU A CD2  1 
ATOM 295  H H    . LEU A 1 22 ? 10.549  0.105   9.316   1.00 0.99 ? 22  LEU A H    1 
ATOM 296  H HA   . LEU A 1 22 ? 10.030  -2.304  7.671   1.00 0.96 ? 22  LEU A HA   1 
ATOM 297  H HB2  . LEU A 1 22 ? 8.157   -2.695  9.182   1.00 1.32 ? 22  LEU A HB2  1 
ATOM 298  H HB3  . LEU A 1 22 ? 9.631   -2.276  10.023  1.00 1.24 ? 22  LEU A HB3  1 
ATOM 299  H HG   . LEU A 1 22 ? 8.392   0.185   9.910   1.00 1.65 ? 22  LEU A HG   1 
ATOM 300  H HD11 . LEU A 1 22 ? 6.115   -1.677  10.512  1.00 2.01 ? 22  LEU A HD11 1 
ATOM 301  H HD12 . LEU A 1 22 ? 6.305   -0.804  8.939   1.00 2.30 ? 22  LEU A HD12 1 
ATOM 302  H HD13 . LEU A 1 22 ? 6.085   0.077   10.453  1.00 2.19 ? 22  LEU A HD13 1 
ATOM 303  H HD21 . LEU A 1 22 ? 9.407   -0.509  11.924  1.00 1.59 ? 22  LEU A HD21 1 
ATOM 304  H HD22 . LEU A 1 22 ? 8.402   -1.986  12.063  1.00 1.24 ? 22  LEU A HD22 1 
ATOM 305  H HD23 . LEU A 1 22 ? 7.684   -0.399  12.340  1.00 1.71 ? 22  LEU A HD23 1 
ATOM 306  N N    . CYS A 1 23 ? 8.017   -1.709  6.221   1.00 0.64 ? 23  CYS A N    1 
ATOM 307  C CA   . CYS A 1 23 ? 7.020   -1.324  5.215   1.00 0.62 ? 23  CYS A CA   1 
ATOM 308  C C    . CYS A 1 23 ? 5.591   -1.492  5.754   1.00 0.59 ? 23  CYS A C    1 
ATOM 309  O O    . CYS A 1 23 ? 5.241   -2.576  6.219   1.00 0.75 ? 23  CYS A O    1 
ATOM 310  C CB   . CYS A 1 23 ? 7.197   -2.273  4.040   1.00 0.77 ? 23  CYS A CB   1 
ATOM 311  S SG   . CYS A 1 23 ? 8.568   -1.841  2.984   1.00 1.00 ? 23  CYS A SG   1 
ATOM 312  H H    . CYS A 1 23 ? 8.268   -2.689  6.392   1.00 0.72 ? 23  CYS A H    1 
ATOM 313  H HA   . CYS A 1 23 ? 7.188   -0.286  4.858   1.00 0.66 ? 23  CYS A HA   1 
ATOM 314  H HB2  . CYS A 1 23 ? 7.216   -3.344  4.317   1.00 0.93 ? 23  CYS A HB2  1 
ATOM 315  H HB3  . CYS A 1 23 ? 6.312   -2.157  3.426   1.00 0.92 ? 23  CYS A HB3  1 
ATOM 316  N N    . TYR A 1 24 ? 4.776   -0.438  5.606   1.00 0.56 ? 24  TYR A N    1 
ATOM 317  C CA   . TYR A 1 24 ? 3.346   -0.453  5.975   1.00 0.61 ? 24  TYR A CA   1 
ATOM 318  C C    . TYR A 1 24 ? 2.419   -0.453  4.734   1.00 0.58 ? 24  TYR A C    1 
ATOM 319  O O    . TYR A 1 24 ? 2.761   0.041   3.656   1.00 0.64 ? 24  TYR A O    1 
ATOM 320  C CB   . TYR A 1 24 ? 3.048   0.682   7.008   1.00 0.73 ? 24  TYR A CB   1 
ATOM 321  C CG   . TYR A 1 24 ? 2.710   2.093   6.474   1.00 0.69 ? 24  TYR A CG   1 
ATOM 322  C CD1  . TYR A 1 24 ? 1.473   2.359   5.881   1.00 1.22 ? 24  TYR A CD1  1 
ATOM 323  C CD2  . TYR A 1 24 ? 3.652   3.117   6.538   1.00 1.37 ? 24  TYR A CD2  1 
ATOM 324  C CE1  . TYR A 1 24 ? 1.173   3.614   5.375   1.00 1.22 ? 24  TYR A CE1  1 
ATOM 325  C CE2  . TYR A 1 24 ? 3.363   4.378   6.033   1.00 1.44 ? 24  TYR A CE2  1 
ATOM 326  C CZ   . TYR A 1 24 ? 2.129   4.624   5.441   1.00 0.82 ? 24  TYR A CZ   1 
ATOM 327  O OH   . TYR A 1 24 ? 1.887   5.823   4.836   1.00 0.95 ? 24  TYR A OH   1 
ATOM 328  H H    . TYR A 1 24 ? 5.186   0.359   5.110   1.00 0.63 ? 24  TYR A H    1 
ATOM 329  H HA   . TYR A 1 24 ? 3.153   -1.408  6.486   1.00 0.68 ? 24  TYR A HA   1 
ATOM 330  H HB2  . TYR A 1 24 ? 2.209   0.353   7.639   1.00 0.86 ? 24  TYR A HB2  1 
ATOM 331  H HB3  . TYR A 1 24 ? 3.867   0.727   7.751   1.00 0.82 ? 24  TYR A HB3  1 
ATOM 332  H HD1  . TYR A 1 24 ? 0.732   1.582   5.785   1.00 2.00 ? 24  TYR A HD1  1 
ATOM 333  H HD2  . TYR A 1 24 ? 4.639   2.901   6.898   1.00 2.14 ? 24  TYR A HD2  1 
ATOM 334  H HE1  . TYR A 1 24 ? 0.215   3.784   4.911   1.00 1.98 ? 24  TYR A HE1  1 
ATOM 335  H HE2  . TYR A 1 24 ? 4.119   5.150   6.056   1.00 2.25 ? 24  TYR A HE2  1 
ATOM 336  H HH   . TYR A 1 24 ? 2.732   6.230   4.632   1.00 1.20 ? 24  TYR A HH   1 
ATOM 337  N N    . ARG A 1 25 ? 1.190   -0.922  4.977   1.00 0.58 ? 25  ARG A N    1 
ATOM 338  C CA   . ARG A 1 25 ? 0.098   -0.933  3.981   1.00 0.59 ? 25  ARG A CA   1 
ATOM 339  C C    . ARG A 1 25 ? -1.236  -0.600  4.681   1.00 0.63 ? 25  ARG A C    1 
ATOM 340  O O    . ARG A 1 25 ? -1.659  -1.282  5.623   1.00 0.80 ? 25  ARG A O    1 
ATOM 341  C CB   . ARG A 1 25 ? 0.046   -2.286  3.248   1.00 0.70 ? 25  ARG A CB   1 
ATOM 342  C CG   . ARG A 1 25 ? -0.031  -3.554  4.140   1.00 1.13 ? 25  ARG A CG   1 
ATOM 343  C CD   . ARG A 1 25 ? 0.684   -4.751  3.502   1.00 1.31 ? 25  ARG A CD   1 
ATOM 344  N NE   . ARG A 1 25 ? -0.188  -5.941  3.472   1.00 1.53 ? 25  ARG A NE   1 
ATOM 345  C CZ   . ARG A 1 25 ? 0.080   -7.042  2.753   1.00 1.57 ? 25  ARG A CZ   1 
ATOM 346  N NH1  . ARG A 1 25 ? 1.184   -7.195  2.021   1.00 1.89 ? 25  ARG A NH1  1 
ATOM 347  N NH2  . ARG A 1 25 ? -0.804  -8.019  2.777   1.00 2.11 ? 25  ARG A NH2  1 
ATOM 348  H H    . ARG A 1 25 ? 1.069   -1.348  5.903   1.00 0.65 ? 25  ARG A H    1 
ATOM 349  H HA   . ARG A 1 25 ? 0.307   -0.168  3.206   1.00 0.56 ? 25  ARG A HA   1 
ATOM 350  H HB2  . ARG A 1 25 ? -0.803  -2.294  2.537   1.00 1.23 ? 25  ARG A HB2  1 
ATOM 351  H HB3  . ARG A 1 25 ? 0.944   -2.321  2.602   1.00 1.47 ? 25  ARG A HB3  1 
ATOM 352  H HG2  . ARG A 1 25 ? 0.443   -3.385  5.126   1.00 1.83 ? 25  ARG A HG2  1 
ATOM 353  H HG3  . ARG A 1 25 ? -1.090  -3.750  4.397   1.00 1.68 ? 25  ARG A HG3  1 
ATOM 354  H HD2  . ARG A 1 25 ? 1.025   -4.514  2.475   1.00 1.64 ? 25  ARG A HD2  1 
ATOM 355  H HD3  . ARG A 1 25 ? 1.606   -4.977  4.071   1.00 1.81 ? 25  ARG A HD3  1 
ATOM 356  H HE   . ARG A 1 25 ? -1.083  -5.956  3.974   1.00 2.15 ? 25  ARG A HE   1 
ATOM 357  H HH11 . ARG A 1 25 ? 1.836   -6.402  2.030   1.00 2.16 ? 25  ARG A HH11 1 
ATOM 358  H HH12 . ARG A 1 25 ? 1.290   -8.076  1.510   1.00 2.30 ? 25  ARG A HH12 1 
ATOM 359  H HH21 . ARG A 1 25 ? -1.642  -7.858  3.347   1.00 2.69 ? 25  ARG A HH21 1 
ATOM 360  H HH22 . ARG A 1 25 ? -0.580  -8.851  2.223   1.00 2.22 ? 25  ARG A HH22 1 
ATOM 361  N N    . LYS A 1 26 ? -1.895  0.450   4.175   1.00 0.62 ? 26  LYS A N    1 
ATOM 362  C CA   . LYS A 1 26 ? -3.199  0.911   4.693   1.00 0.72 ? 26  LYS A CA   1 
ATOM 363  C C    . LYS A 1 26 ? -4.327  0.515   3.736   1.00 0.62 ? 26  LYS A C    1 
ATOM 364  O O    . LYS A 1 26 ? -4.309  0.879   2.554   1.00 0.64 ? 26  LYS A O    1 
ATOM 365  C CB   . LYS A 1 26 ? -3.204  2.449   4.856   1.00 0.92 ? 26  LYS A CB   1 
ATOM 366  C CG   . LYS A 1 26 ? -3.364  2.879   6.321   1.00 1.20 ? 26  LYS A CG   1 
ATOM 367  C CD   . LYS A 1 26 ? -4.248  4.112   6.530   1.00 1.46 ? 26  LYS A CD   1 
ATOM 368  C CE   . LYS A 1 26 ? -3.687  5.359   5.832   1.00 1.88 ? 26  LYS A CE   1 
ATOM 369  N NZ   . LYS A 1 26 ? -4.628  6.477   5.941   1.00 2.73 ? 26  LYS A NZ   1 
ATOM 370  H H    . LYS A 1 26 ? -1.415  0.928   3.406   1.00 0.65 ? 26  LYS A H    1 
ATOM 371  H HA   . LYS A 1 26 ? -3.379  0.427   5.676   1.00 0.83 ? 26  LYS A HA   1 
ATOM 372  H HB2  . LYS A 1 26 ? -2.294  2.924   4.439   1.00 1.56 ? 26  LYS A HB2  1 
ATOM 373  H HB3  . LYS A 1 26 ? -4.016  2.913   4.260   1.00 1.48 ? 26  LYS A HB3  1 
ATOM 374  H HG2  . LYS A 1 26 ? -3.810  2.066   6.925   1.00 1.76 ? 26  LYS A HG2  1 
ATOM 375  H HG3  . LYS A 1 26 ? -2.356  3.043   6.739   1.00 1.92 ? 26  LYS A HG3  1 
ATOM 376  H HD2  . LYS A 1 26 ? -5.270  3.877   6.173   1.00 1.94 ? 26  LYS A HD2  1 
ATOM 377  H HD3  . LYS A 1 26 ? -4.352  4.298   7.616   1.00 2.04 ? 26  LYS A HD3  1 
ATOM 378  H HE2  . LYS A 1 26 ? -2.710  5.636   6.269   1.00 2.32 ? 26  LYS A HE2  1 
ATOM 379  H HE3  . LYS A 1 26 ? -3.502  5.161   4.760   1.00 2.07 ? 26  LYS A HE3  1 
ATOM 380  H HZ1  . LYS A 1 26 ? -5.514  6.254   5.475   1.00 3.16 ? 26  LYS A HZ1  1 
ATOM 381  H HZ2  . LYS A 1 26 ? -4.250  7.323   5.504   1.00 3.01 ? 26  LYS A HZ2  1 
ATOM 382  H HZ3  . LYS A 1 26 ? -4.839  6.691   6.922   1.00 3.21 ? 26  LYS A HZ3  1 
ATOM 383  N N    . MET A 1 27 ? -5.325  -0.197  4.277   1.00 0.60 ? 27  MET A N    1 
ATOM 384  C CA   . MET A 1 27 ? -6.401  -0.786  3.453   1.00 0.62 ? 27  MET A CA   1 
ATOM 385  C C    . MET A 1 27 ? -7.759  -0.652  4.172   1.00 0.67 ? 27  MET A C    1 
ATOM 386  O O    . MET A 1 27 ? -7.870  -0.873  5.382   1.00 0.68 ? 27  MET A O    1 
ATOM 387  C CB   . MET A 1 27 ? -6.159  -2.228  2.930   1.00 0.72 ? 27  MET A CB   1 
ATOM 388  C CG   . MET A 1 27 ? -4.704  -2.691  2.791   1.00 1.14 ? 27  MET A CG   1 
ATOM 389  S SD   . MET A 1 27 ? -4.057  -3.112  4.416   1.00 1.70 ? 27  MET A SD   1 
ATOM 390  C CE   . MET A 1 27 ? -4.020  -4.904  4.272   1.00 2.05 ? 27  MET A CE   1 
ATOM 391  H H    . MET A 1 27 ? -5.223  -0.403  5.277   1.00 0.64 ? 27  MET A H    1 
ATOM 392  H HA   . MET A 1 27 ? -6.443  -0.186  2.542   1.00 0.64 ? 27  MET A HA   1 
ATOM 393  H HB2  . MET A 1 27 ? -6.695  -2.973  3.544   1.00 0.90 ? 27  MET A HB2  1 
ATOM 394  H HB3  . MET A 1 27 ? -6.631  -2.298  1.931   1.00 1.22 ? 27  MET A HB3  1 
ATOM 395  H HG2  . MET A 1 27 ? -4.652  -3.557  2.116   1.00 1.88 ? 27  MET A HG2  1 
ATOM 396  H HG3  . MET A 1 27 ? -4.067  -1.912  2.348   1.00 1.59 ? 27  MET A HG3  1 
ATOM 397  H HE1  . MET A 1 27 ? -4.278  -5.370  5.236   1.00 2.37 ? 27  MET A HE1  1 
ATOM 398  H HE2  . MET A 1 27 ? -3.012  -5.234  3.970   1.00 2.30 ? 27  MET A HE2  1 
ATOM 399  H HE3  . MET A 1 27 ? -4.741  -5.269  3.516   1.00 2.56 ? 27  MET A HE3  1 
ATOM 400  N N    . TRP A 1 28 ? -8.783  -0.321  3.373   1.00 0.77 ? 28  TRP A N    1 
ATOM 401  C CA   . TRP A 1 28 ? -10.207 -0.266  3.812   1.00 0.88 ? 28  TRP A CA   1 
ATOM 402  C C    . TRP A 1 28 ? -11.192 -1.185  3.039   1.00 0.87 ? 28  TRP A C    1 
ATOM 403  O O    . TRP A 1 28 ? -12.380 -0.882  2.884   1.00 1.61 ? 28  TRP A O    1 
ATOM 404  C CB   . TRP A 1 28 ? -10.666 1.217   3.876   1.00 1.23 ? 28  TRP A CB   1 
ATOM 405  C CG   . TRP A 1 28 ? -10.568 2.085   2.630   1.00 1.00 ? 28  TRP A CG   1 
ATOM 406  C CD1  . TRP A 1 28 ? -11.310 1.922   1.449   1.00 1.21 ? 28  TRP A CD1  1 
ATOM 407  C CD2  . TRP A 1 28 ? -9.710  3.144   2.403   1.00 0.91 ? 28  TRP A CD2  1 
ATOM 408  N NE1  . TRP A 1 28 ? -10.948 2.869   0.489   1.00 1.27 ? 28  TRP A NE1  1 
ATOM 409  C CE2  . TRP A 1 28 ? -9.973  3.632   1.102   1.00 1.11 ? 28  TRP A CE2  1 
ATOM 410  C CE3  . TRP A 1 28 ? -8.611  3.639   3.152   1.00 1.05 ? 28  TRP A CE3  1 
ATOM 411  C CZ2  . TRP A 1 28 ? -9.172  4.657   0.555   1.00 1.39 ? 28  TRP A CZ2  1 
ATOM 412  C CZ3  . TRP A 1 28 ? -7.825  4.643   2.587   1.00 1.33 ? 28  TRP A CZ3  1 
ATOM 413  C CH2  . TRP A 1 28 ? -8.112  5.159   1.315   1.00 1.48 ? 28  TRP A CH2  1 
ATOM 414  H H    . TRP A 1 28 ? -8.535  -0.267  2.379   1.00 0.82 ? 28  TRP A H    1 
ATOM 415  H HA   . TRP A 1 28 ? -10.282 -0.686  4.827   1.00 1.25 ? 28  TRP A HA   1 
ATOM 416  H HB2  . TRP A 1 28 ? -11.724 1.257   4.182   1.00 1.66 ? 28  TRP A HB2  1 
ATOM 417  H HB3  . TRP A 1 28 ? -10.122 1.713   4.700   1.00 1.83 ? 28  TRP A HB3  1 
ATOM 418  H HD1  . TRP A 1 28 ? -12.015 1.123   1.268   1.00 1.49 ? 28  TRP A HD1  1 
ATOM 419  H HE1  . TRP A 1 28 ? -11.185 2.841   -0.509  1.00 1.55 ? 28  TRP A HE1  1 
ATOM 420  H HE3  . TRP A 1 28 ? -8.346  3.211   4.108   1.00 1.16 ? 28  TRP A HE3  1 
ATOM 421  H HZ2  . TRP A 1 28 ? -9.302  4.959   -0.475  1.00 1.68 ? 28  TRP A HZ2  1 
ATOM 422  H HZ3  . TRP A 1 28 ? -6.953  4.994   3.120   1.00 1.60 ? 28  TRP A HZ3  1 
ATOM 423  H HH2  . TRP A 1 28 ? -7.438  5.875   0.868   1.00 1.82 ? 28  TRP A HH2  1 
ATOM 424  N N    . CYS A 1 29 ? -10.690 -2.349  2.633   1.00 0.86 ? 29  CYS A N    1 
ATOM 425  C CA   . CYS A 1 29 ? -11.446 -3.377  1.901   1.00 1.03 ? 29  CYS A CA   1 
ATOM 426  C C    . CYS A 1 29 ? -11.043 -4.774  2.448   1.00 1.26 ? 29  CYS A C    1 
ATOM 427  O O    . CYS A 1 29 ? -11.937 -5.540  2.818   1.00 1.85 ? 29  CYS A O    1 
ATOM 428  C CB   . CYS A 1 29 ? -11.199 -3.177  0.398   1.00 1.22 ? 29  CYS A CB   1 
ATOM 429  S SG   . CYS A 1 29 ? -12.253 -4.299  -0.509  1.00 1.84 ? 29  CYS A SG   1 
ATOM 430  H H    . CYS A 1 29 ? -9.693  -2.474  2.839   1.00 1.31 ? 29  CYS A H    1 
ATOM 431  H HA   . CYS A 1 29 ? -12.534 -3.246  2.067   1.00 1.26 ? 29  CYS A HA   1 
ATOM 432  H HB2  . CYS A 1 29 ? -11.413 -2.142  0.070   1.00 1.42 ? 29  CYS A HB2  1 
ATOM 433  H HB3  . CYS A 1 29 ? -10.149 -3.339  0.148   1.00 1.28 ? 29  CYS A HB3  1 
ATOM 434  N N    . ASP A 1 30 ? -9.721  -5.090  2.512   1.00 1.04 ? 30  ASP A N    1 
ATOM 435  C CA   . ASP A 1 30 ? -9.148  -6.331  3.108   1.00 1.44 ? 30  ASP A CA   1 
ATOM 436  C C    . ASP A 1 30 ? -9.873  -7.656  2.740   1.00 1.56 ? 30  ASP A C    1 
ATOM 437  O O    . ASP A 1 30 ? -10.459 -8.326  3.598   1.00 1.85 ? 30  ASP A O    1 
ATOM 438  C CB   . ASP A 1 30 ? -8.918  -6.161  4.640   1.00 1.76 ? 30  ASP A CB   1 
ATOM 439  C CG   . ASP A 1 30 ? -7.843  -7.085  5.245   1.00 2.21 ? 30  ASP A CG   1 
ATOM 440  O OD1  . ASP A 1 30 ? -6.841  -7.405  4.564   1.00 2.37 ? 30  ASP A OD1  1 
ATOM 441  O OD2  . ASP A 1 30 ? -7.997  -7.491  6.417   1.00 2.80 ? 30  ASP A OD2  1 
ATOM 442  H H    . ASP A 1 30 ? -9.105  -4.315  2.238   1.00 0.84 ? 30  ASP A H    1 
ATOM 443  H HA   . ASP A 1 30 ? -8.143  -6.390  2.648   1.00 1.57 ? 30  ASP A HA   1 
ATOM 444  H HB2  . ASP A 1 30 ? -8.641  -5.120  4.891   1.00 1.68 ? 30  ASP A HB2  1 
ATOM 445  H HB3  . ASP A 1 30 ? -9.876  -6.328  5.172   1.00 1.89 ? 30  ASP A HB3  1 
ATOM 446  N N    . ALA A 1 31 ? -9.891  -7.963  1.435   1.00 1.83 ? 31  ALA A N    1 
ATOM 447  C CA   . ALA A 1 31 ? -10.759 -9.010  0.850   1.00 2.02 ? 31  ALA A CA   1 
ATOM 448  C C    . ALA A 1 31 ? -10.542 -8.908  -0.680  1.00 1.89 ? 31  ALA A C    1 
ATOM 449  O O    . ALA A 1 31 ? -9.654  -9.574  -1.221  1.00 2.15 ? 31  ALA A O    1 
ATOM 450  C CB   . ALA A 1 31 ? -12.252 -8.945  1.312   1.00 2.23 ? 31  ALA A CB   1 
ATOM 451  H H    . ALA A 1 31 ? -9.352  -7.324  0.840   1.00 2.13 ? 31  ALA A H    1 
ATOM 452  H HA   . ALA A 1 31 ? -10.366 -9.994  1.167   1.00 2.31 ? 31  ALA A HA   1 
ATOM 453  H HB1  . ALA A 1 31 ? -12.636 -7.906  1.314   1.00 2.48 ? 31  ALA A HB1  1 
ATOM 454  H HB2  . ALA A 1 31 ? -12.389 -9.346  2.331   1.00 2.78 ? 31  ALA A HB2  1 
ATOM 455  H HB3  . ALA A 1 31 ? -12.925 -9.527  0.660   1.00 2.18 ? 31  ALA A HB3  1 
ATOM 456  N N    . PHE A 1 32 ? -11.381 -8.108  -1.364  1.00 1.86 ? 32  PHE A N    1 
ATOM 457  C CA   . PHE A 1 32 ? -11.546 -8.119  -2.834  1.00 1.79 ? 32  PHE A CA   1 
ATOM 458  C C    . PHE A 1 32 ? -12.657 -7.060  -3.100  1.00 1.58 ? 32  PHE A C    1 
ATOM 459  O O    . PHE A 1 32 ? -13.855 -7.357  -3.125  1.00 2.22 ? 32  PHE A O    1 
ATOM 460  C CB   . PHE A 1 32 ? -11.842 -9.525  -3.472  1.00 2.06 ? 32  PHE A CB   1 
ATOM 461  C CG   . PHE A 1 32 ? -13.147 -10.244 -3.047  1.00 2.47 ? 32  PHE A CG   1 
ATOM 462  C CD1  . PHE A 1 32 ? -13.263 -10.829 -1.780  1.00 2.97 ? 32  PHE A CD1  1 
ATOM 463  C CD2  . PHE A 1 32 ? -14.274 -10.182 -3.874  1.00 3.17 ? 32  PHE A CD2  1 
ATOM 464  C CE1  . PHE A 1 32 ? -14.498 -11.272 -1.320  1.00 3.88 ? 32  PHE A CE1  1 
ATOM 465  C CE2  . PHE A 1 32 ? -15.507 -10.640 -3.418  1.00 4.09 ? 32  PHE A CE2  1 
ATOM 466  C CZ   . PHE A 1 32 ? -15.619 -11.179 -2.138  1.00 4.36 ? 32  PHE A CZ   1 
ATOM 467  H H    . PHE A 1 32 ? -12.040 -7.594  -0.770  1.00 2.13 ? 32  PHE A H    1 
ATOM 468  H HA   . PHE A 1 32 ? -10.590 -7.769  -3.278  1.00 1.94 ? 32  PHE A HA   1 
ATOM 469  H HB2  . PHE A 1 32 ? -11.819 -9.410  -4.573  1.00 2.83 ? 32  PHE A HB2  1 
ATOM 470  H HB3  . PHE A 1 32 ? -10.989 -10.202 -3.279  1.00 1.85 ? 32  PHE A HB3  1 
ATOM 471  H HD1  . PHE A 1 32 ? -12.411 -10.888 -1.121  1.00 3.09 ? 32  PHE A HD1  1 
ATOM 472  H HD2  . PHE A 1 32 ? -14.214 -9.703  -4.841  1.00 3.36 ? 32  PHE A HD2  1 
ATOM 473  H HE1  . PHE A 1 32 ? -14.588 -11.662 -0.315  1.00 4.50 ? 32  PHE A HE1  1 
ATOM 474  H HE2  . PHE A 1 32 ? -16.380 -10.548 -4.046  1.00 4.86 ? 32  PHE A HE2  1 
ATOM 475  H HZ   . PHE A 1 32 ? -16.580 -11.511 -1.775  1.00 5.23 ? 32  PHE A HZ   1 
ATOM 476  N N    . CYS A 1 33 ? -12.265 -5.801  -3.310  1.00 1.26 ? 33  CYS A N    1 
ATOM 477  C CA   . CYS A 1 33 ? -13.145 -4.777  -3.934  1.00 1.26 ? 33  CYS A CA   1 
ATOM 478  C C    . CYS A 1 33 ? -13.245 -4.835  -5.487  1.00 1.51 ? 33  CYS A C    1 
ATOM 479  O O    . CYS A 1 33 ? -13.787 -3.893  -6.076  1.00 2.29 ? 33  CYS A O    1 
ATOM 480  C CB   . CYS A 1 33 ? -12.730 -3.384  -3.419  1.00 1.45 ? 33  CYS A CB   1 
ATOM 481  S SG   . CYS A 1 33 ? -13.353 -3.202  -1.748  1.00 2.00 ? 33  CYS A SG   1 
ATOM 482  H H    . CYS A 1 33 ? -11.243 -5.685  -3.314  1.00 1.55 ? 33  CYS A H    1 
ATOM 483  H HA   . CYS A 1 33 ? -14.179 -4.920  -3.574  1.00 1.36 ? 33  CYS A HA   1 
ATOM 484  H HB2  . CYS A 1 33 ? -11.642 -3.189  -3.462  1.00 1.46 ? 33  CYS A HB2  1 
ATOM 485  H HB3  . CYS A 1 33 ? -13.203 -2.590  -4.020  1.00 1.73 ? 33  CYS A HB3  1 
ATOM 486  N N    . SER A 1 34 ? -12.784 -5.925  -6.157  1.00 1.56 ? 34  SER A N    1 
ATOM 487  C CA   . SER A 1 34 ? -12.829 -6.087  -7.633  1.00 1.85 ? 34  SER A CA   1 
ATOM 488  C C    . SER A 1 34 ? -11.901 -5.078  -8.349  1.00 1.66 ? 34  SER A C    1 
ATOM 489  O O    . SER A 1 34 ? -11.664 -3.975  -7.838  1.00 2.12 ? 34  SER A O    1 
ATOM 490  C CB   . SER A 1 34 ? -14.277 -6.043  -8.187  1.00 2.44 ? 34  SER A CB   1 
ATOM 491  O OG   . SER A 1 34 ? -14.407 -6.868  -9.334  1.00 3.11 ? 34  SER A OG   1 
ATOM 492  H H    . SER A 1 34 ? -12.352 -6.639  -5.559  1.00 1.93 ? 34  SER A H    1 
ATOM 493  H HA   . SER A 1 34 ? -12.429 -7.106  -7.813  1.00 2.36 ? 34  SER A HA   1 
ATOM 494  H HB2  . SER A 1 34 ? -15.009 -6.378  -7.427  1.00 2.70 ? 34  SER A HB2  1 
ATOM 495  H HB3  . SER A 1 34 ? -14.569 -5.007  -8.444  1.00 2.70 ? 34  SER A HB3  1 
ATOM 496  H HG   . SER A 1 34 ? -15.338 -6.836  -9.566  1.00 3.25 ? 34  SER A HG   1 
ATOM 497  N N    . SER A 1 35 ? -11.407 -5.425  -9.555  1.00 1.81 ? 35  SER A N    1 
ATOM 498  C CA   . SER A 1 35 ? -10.566 -4.504  -10.369 1.00 1.96 ? 35  SER A CA   1 
ATOM 499  C C    . SER A 1 35 ? -9.120  -4.515  -9.801  1.00 1.77 ? 35  SER A C    1 
ATOM 500  O O    . SER A 1 35 ? -8.240  -5.205  -10.325 1.00 2.46 ? 35  SER A O    1 
ATOM 501  C CB   . SER A 1 35 ? -11.228 -3.097  -10.603 1.00 2.20 ? 35  SER A CB   1 
ATOM 502  O OG   . SER A 1 35 ? -11.446 -2.827  -11.977 1.00 2.93 ? 35  SER A OG   1 
ATOM 503  H H    . SER A 1 35 ? -11.544 -6.407  -9.818  1.00 2.28 ? 35  SER A H    1 
ATOM 504  H HA   . SER A 1 35 ? -10.487 -4.980  -11.364 1.00 2.47 ? 35  SER A HA   1 
ATOM 505  H HB2  . SER A 1 35 ? -12.206 -3.005  -10.095 1.00 2.29 ? 35  SER A HB2  1 
ATOM 506  H HB3  . SER A 1 35 ? -10.623 -2.286  -10.163 1.00 2.37 ? 35  SER A HB3  1 
ATOM 507  H HG   . SER A 1 35 ? -11.745 -3.653  -12.360 1.00 3.41 ? 35  SER A HG   1 
ATOM 508  N N    . ARG A 1 36 ? -8.912  -3.769  -8.708  1.00 1.33 ? 36  ARG A N    1 
ATOM 509  C CA   . ARG A 1 36 ? -7.609  -3.633  -8.032  1.00 1.25 ? 36  ARG A CA   1 
ATOM 510  C C    . ARG A 1 36 ? -7.691  -4.120  -6.578  1.00 1.39 ? 36  ARG A C    1 
ATOM 511  O O    . ARG A 1 36 ? -7.295  -3.377  -5.684  1.00 2.00 ? 36  ARG A O    1 
ATOM 512  C CB   . ARG A 1 36 ? -7.219  -2.132  -8.142  1.00 1.14 ? 36  ARG A CB   1 
ATOM 513  C CG   . ARG A 1 36 ? -5.983  -1.795  -8.977  1.00 1.08 ? 36  ARG A CG   1 
ATOM 514  C CD   . ARG A 1 36 ? -5.939  -2.368  -10.387 1.00 1.98 ? 36  ARG A CD   1 
ATOM 515  N NE   . ARG A 1 36 ? -7.186  -2.126  -11.145 1.00 2.71 ? 36  ARG A NE   1 
ATOM 516  C CZ   . ARG A 1 36 ? -7.473  -2.729  -12.301 1.00 3.27 ? 36  ARG A CZ   1 
ATOM 517  N NH1  . ARG A 1 36 ? -6.614  -3.507  -12.947 1.00 3.16 ? 36  ARG A NH1  1 
ATOM 518  N NH2  . ARG A 1 36 ? -8.674  -2.561  -12.802 1.00 4.23 ? 36  ARG A NH2  1 
ATOM 519  H H    . ARG A 1 36 ? -9.733  -3.248  -8.381  1.00 1.57 ? 36  ARG A H    1 
ATOM 520  H HA   . ARG A 1 36 ? -6.829  -4.250  -8.515  1.00 1.58 ? 36  ARG A HA   1 
ATOM 521  H HB2  . ARG A 1 36 ? -8.067  -1.542  -8.507  1.00 1.32 ? 36  ARG A HB2  1 
ATOM 522  H HB3  . ARG A 1 36 ? -7.032  -1.670  -7.169  1.00 1.29 ? 36  ARG A HB3  1 
ATOM 523  H HG2  . ARG A 1 36 ? -5.849  -0.710  -8.970  1.00 1.04 ? 36  ARG A HG2  1 
ATOM 524  H HG3  . ARG A 1 36 ? -5.078  -2.124  -8.470  1.00 1.18 ? 36  ARG A HG3  1 
ATOM 525  H HD2  . ARG A 1 36 ? -5.084  -1.949  -10.938 1.00 2.33 ? 36  ARG A HD2  1 
ATOM 526  H HD3  . ARG A 1 36 ? -5.733  -3.450  -10.310 1.00 2.46 ? 36  ARG A HD3  1 
ATOM 527  H HE   . ARG A 1 36 ? -7.971  -1.613  -10.721 1.00 3.07 ? 36  ARG A HE   1 
ATOM 528  H HH11 . ARG A 1 36 ? -5.707  -3.625  -12.479 1.00 2.84 ? 36  ARG A HH11 1 
ATOM 529  H HH12 . ARG A 1 36 ? -6.947  -3.968  -13.796 1.00 3.64 ? 36  ARG A HH12 1 
ATOM 530  H HH21 . ARG A 1 36 ? -9.335  -2.034  -12.216 1.00 4.62 ? 36  ARG A HH21 1 
ATOM 531  H HH22 . ARG A 1 36 ? -8.900  -3.107  -13.638 1.00 4.67 ? 36  ARG A HH22 1 
ATOM 532  N N    . GLY A 1 37 ? -8.125  -5.365  -6.311  1.00 1.32 ? 37  GLY A N    1 
ATOM 533  C CA   . GLY A 1 37 ? -8.145  -5.943  -4.944  1.00 1.61 ? 37  GLY A CA   1 
ATOM 534  C C    . GLY A 1 37 ? -8.643  -4.991  -3.835  1.00 1.36 ? 37  GLY A C    1 
ATOM 535  O O    . GLY A 1 37 ? -9.828  -4.733  -3.740  1.00 1.63 ? 37  GLY A O    1 
ATOM 536  H H    . GLY A 1 37 ? -8.448  -5.881  -7.138  1.00 1.47 ? 37  GLY A H    1 
ATOM 537  H HA2  . GLY A 1 37 ? -8.800  -6.831  -4.967  1.00 1.89 ? 37  GLY A HA2  1 
ATOM 538  H HA3  . GLY A 1 37 ? -7.143  -6.339  -4.702  1.00 1.98 ? 37  GLY A HA3  1 
ATOM 539  N N    . LYS A 1 38 ? -7.712  -4.357  -3.125  1.00 1.15 ? 38  LYS A N    1 
ATOM 540  C CA   . LYS A 1 38 ? -8.010  -3.327  -2.091  1.00 1.09 ? 38  LYS A CA   1 
ATOM 541  C C    . LYS A 1 38 ? -7.165  -2.046  -2.313  1.00 1.08 ? 38  LYS A C    1 
ATOM 542  O O    . LYS A 1 38 ? -6.082  -2.100  -2.902  1.00 1.87 ? 38  LYS A O    1 
ATOM 543  C CB   . LYS A 1 38 ? -7.767  -3.918  -0.678  1.00 1.11 ? 38  LYS A CB   1 
ATOM 544  C CG   . LYS A 1 38 ? -6.509  -4.784  -0.484  1.00 1.85 ? 38  LYS A CG   1 
ATOM 545  C CD   . LYS A 1 38 ? -6.803  -6.292  -0.563  1.00 2.42 ? 38  LYS A CD   1 
ATOM 546  C CE   . LYS A 1 38 ? -5.764  -7.044  -1.396  1.00 3.25 ? 38  LYS A CE   1 
ATOM 547  N NZ   . LYS A 1 38 ? -6.115  -8.465  -1.473  1.00 3.72 ? 38  LYS A NZ   1 
ATOM 548  H H    . LYS A 1 38 ? -6.756  -4.499  -3.467  1.00 1.31 ? 38  LYS A H    1 
ATOM 549  H HA   . LYS A 1 38 ? -9.078  -3.031  -2.145  1.00 1.36 ? 38  LYS A HA   1 
ATOM 550  H HB2  . LYS A 1 38 ? -7.779  -3.101  0.068   1.00 1.24 ? 38  LYS A HB2  1 
ATOM 551  H HB3  . LYS A 1 38 ? -8.641  -4.539  -0.426  1.00 1.60 ? 38  LYS A HB3  1 
ATOM 552  H HG2  . LYS A 1 38 ? -5.782  -4.497  -1.266  1.00 2.28 ? 38  LYS A HG2  1 
ATOM 553  H HG3  . LYS A 1 38 ? -6.023  -4.548  0.477   1.00 2.28 ? 38  LYS A HG3  1 
ATOM 554  H HD2  . LYS A 1 38 ? -6.867  -6.692  0.464   1.00 2.66 ? 38  LYS A HD2  1 
ATOM 555  H HD3  . LYS A 1 38 ? -7.799  -6.473  -1.016  1.00 2.74 ? 38  LYS A HD3  1 
ATOM 556  H HE2  . LYS A 1 38 ? -5.732  -6.627  -2.421  1.00 3.74 ? 38  LYS A HE2  1 
ATOM 557  H HE3  . LYS A 1 38 ? -4.753  -6.924  -0.966  1.00 3.62 ? 38  LYS A HE3  1 
ATOM 558  H HZ1  . LYS A 1 38 ? -5.921  -8.942  -0.585  1.00 3.95 ? 38  LYS A HZ1  1 
ATOM 559  H HZ2  . LYS A 1 38 ? -5.594  -8.945  -2.214  1.00 4.02 ? 38  LYS A HZ2  1 
ATOM 560  H HZ3  . LYS A 1 38 ? -7.116  -8.580  -1.671  1.00 4.02 ? 38  LYS A HZ3  1 
ATOM 561  N N    . VAL A 1 39 ? -7.683  -0.893  -1.830  1.00 0.88 ? 39  VAL A N    1 
ATOM 562  C CA   . VAL A 1 39 ? -6.979  0.436   -1.824  1.00 0.84 ? 39  VAL A CA   1 
ATOM 563  C C    . VAL A 1 39 ? -5.431  0.421   -1.629  1.00 0.90 ? 39  VAL A C    1 
ATOM 564  O O    . VAL A 1 39 ? -4.731  1.086   -2.389  1.00 1.84 ? 39  VAL A O    1 
ATOM 565  C CB   . VAL A 1 39 ? -7.597  1.455   -0.822  1.00 0.89 ? 39  VAL A CB   1 
ATOM 566  C CG1  . VAL A 1 39 ? -7.652  0.900   0.603   1.00 0.86 ? 39  VAL A CG1  1 
ATOM 567  C CG2  . VAL A 1 39 ? -6.938  2.869   -0.849  1.00 0.96 ? 39  VAL A CG2  1 
ATOM 568  H H    . VAL A 1 39 ? -8.625  -0.991  -1.435  1.00 1.36 ? 39  VAL A H    1 
ATOM 569  H HA   . VAL A 1 39 ? -7.224  0.883   -2.797  1.00 0.94 ? 39  VAL A HA   1 
ATOM 570  H HB   . VAL A 1 39 ? -8.652  1.601   -1.084  1.00 0.99 ? 39  VAL A HB   1 
ATOM 571  H HG11 . VAL A 1 39 ? -7.631  -0.205  0.645   1.00 1.42 ? 39  VAL A HG11 1 
ATOM 572  H HG12 . VAL A 1 39 ? -8.583  1.173   1.098   1.00 1.33 ? 39  VAL A HG12 1 
ATOM 573  H HG13 . VAL A 1 39 ? -6.811  1.280   1.202   1.00 1.20 ? 39  VAL A HG13 1 
ATOM 574  H HG21 . VAL A 1 39 ? -6.781  3.272   0.162   1.00 1.33 ? 39  VAL A HG21 1 
ATOM 575  H HG22 . VAL A 1 39 ? -7.525  3.597   -1.433  1.00 1.43 ? 39  VAL A HG22 1 
ATOM 576  H HG23 . VAL A 1 39 ? -5.921  2.903   -1.268  1.00 1.45 ? 39  VAL A HG23 1 
ATOM 577  N N    . VAL A 1 40 ? -4.943  -0.245  -0.564  1.00 0.79 ? 40  VAL A N    1 
ATOM 578  C CA   . VAL A 1 40 ? -3.496  -0.498  -0.295  1.00 0.72 ? 40  VAL A CA   1 
ATOM 579  C C    . VAL A 1 40 ? -2.532  0.675   -0.609  1.00 0.85 ? 40  VAL A C    1 
ATOM 580  O O    . VAL A 1 40 ? -2.089  0.875   -1.749  1.00 1.58 ? 40  VAL A O    1 
ATOM 581  C CB   . VAL A 1 40 ? -2.978  -1.823  -0.913  1.00 0.70 ? 40  VAL A CB   1 
ATOM 582  C CG1  . VAL A 1 40 ? -3.677  -3.081  -0.381  1.00 0.64 ? 40  VAL A CG1  1 
ATOM 583  C CG2  . VAL A 1 40 ? -3.024  -1.763  -2.440  1.00 0.90 ? 40  VAL A CG2  1 
ATOM 584  H H    . VAL A 1 40 ? -5.675  -0.741  -0.044  1.00 1.48 ? 40  VAL A H    1 
ATOM 585  H HA   . VAL A 1 40 ? -3.456  -0.670  0.792   1.00 0.69 ? 40  VAL A HA   1 
ATOM 586  H HB   . VAL A 1 40 ? -1.917  -1.943  -0.627  1.00 0.79 ? 40  VAL A HB   1 
ATOM 587  H HG11 . VAL A 1 40 ? -3.690  -3.915  -1.101  1.00 1.22 ? 40  VAL A HG11 1 
ATOM 588  H HG12 . VAL A 1 40 ? -4.729  -2.860  -0.128  1.00 1.18 ? 40  VAL A HG12 1 
ATOM 589  H HG13 . VAL A 1 40 ? -3.186  -3.472  0.524   1.00 1.15 ? 40  VAL A HG13 1 
ATOM 590  H HG21 . VAL A 1 40 ? -3.691  -2.517  -2.865  1.00 1.56 ? 40  VAL A HG21 1 
ATOM 591  H HG22 . VAL A 1 40 ? -2.013  -1.807  -2.874  1.00 1.29 ? 40  VAL A HG22 1 
ATOM 592  H HG23 . VAL A 1 40 ? -3.448  -0.843  -2.834  1.00 1.22 ? 40  VAL A HG23 1 
ATOM 593  N N    . GLU A 1 41 ? -2.247  1.456   0.417   1.00 0.64 ? 41  GLU A N    1 
ATOM 594  C CA   . GLU A 1 41 ? -1.347  2.605   0.276   1.00 0.65 ? 41  GLU A CA   1 
ATOM 595  C C    . GLU A 1 41 ? -0.057  2.210   0.991   1.00 0.63 ? 41  GLU A C    1 
ATOM 596  O O    . GLU A 1 41 ? 0.030   2.184   2.225   1.00 0.66 ? 41  GLU A O    1 
ATOM 597  C CB   . GLU A 1 41 ? -2.016  3.876   0.815   1.00 0.72 ? 41  GLU A CB   1 
ATOM 598  C CG   . GLU A 1 41 ? -3.077  4.461   -0.154  1.00 0.84 ? 41  GLU A CG   1 
ATOM 599  C CD   . GLU A 1 41 ? -2.953  5.976   -0.341  1.00 1.36 ? 41  GLU A CD   1 
ATOM 600  O OE1  . GLU A 1 41 ? -2.800  6.707   0.662   1.00 2.09 ? 41  GLU A OE1  1 
ATOM 601  O OE2  . GLU A 1 41 ? -2.990  6.440   -1.502  1.00 1.95 ? 41  GLU A OE2  1 
ATOM 602  H H    . GLU A 1 41 ? -2.589  1.119   1.324   1.00 1.04 ? 41  GLU A H    1 
ATOM 603  H HA   . GLU A 1 41 ? -1.121  2.816   -0.794  1.00 0.68 ? 41  GLU A HA   1 
ATOM 604  H HB2  . GLU A 1 41 ? -2.466  3.694   1.810   1.00 0.77 ? 41  GLU A HB2  1 
ATOM 605  H HB3  . GLU A 1 41 ? -1.210  4.612   0.996   1.00 0.82 ? 41  GLU A HB3  1 
ATOM 606  H HG2  . GLU A 1 41 ? -3.015  3.983   -1.154  1.00 1.11 ? 41  GLU A HG2  1 
ATOM 607  H HG3  . GLU A 1 41 ? -4.093  4.206   0.202   1.00 1.27 ? 41  GLU A HG3  1 
ATOM 608  N N    . LEU A 1 42 ? 0.949   1.928   0.156   1.00 0.65 ? 42  LEU A N    1 
ATOM 609  C CA   . LEU A 1 42 ? 2.311   1.636   0.620   1.00 0.71 ? 42  LEU A CA   1 
ATOM 610  C C    . LEU A 1 42 ? 2.979   2.888   1.259   1.00 0.65 ? 42  LEU A C    1 
ATOM 611  O O    . LEU A 1 42 ? 2.475   4.019   1.210   1.00 0.94 ? 42  LEU A O    1 
ATOM 612  C CB   . LEU A 1 42 ? 3.122   1.056   -0.575  1.00 1.06 ? 42  LEU A CB   1 
ATOM 613  C CG   . LEU A 1 42 ? 2.771   -0.347  -1.152  1.00 1.01 ? 42  LEU A CG   1 
ATOM 614  C CD1  . LEU A 1 42 ? 2.537   -1.425  -0.087  1.00 1.85 ? 42  LEU A CD1  1 
ATOM 615  C CD2  . LEU A 1 42 ? 1.574   -0.429  -2.110  1.00 1.92 ? 42  LEU A CD2  1 
ATOM 616  H H    . LEU A 1 42 ? 0.710   1.938   -0.841  1.00 0.67 ? 42  LEU A H    1 
ATOM 617  H HA   . LEU A 1 42 ? 2.234   0.858   1.399   1.00 0.80 ? 42  LEU A HA   1 
ATOM 618  H HB2  . LEU A 1 42 ? 3.140   1.797   -1.391  1.00 1.68 ? 42  LEU A HB2  1 
ATOM 619  H HB3  . LEU A 1 42 ? 4.183   0.997   -0.258  1.00 1.82 ? 42  LEU A HB3  1 
ATOM 620  H HG   . LEU A 1 42 ? 3.666   -0.640  -1.739  1.00 1.50 ? 42  LEU A HG   1 
ATOM 621  H HD11 . LEU A 1 42 ? 2.959   -1.151  0.890   1.00 2.36 ? 42  LEU A HD11 1 
ATOM 622  H HD12 . LEU A 1 42 ? 3.012   -2.361  -0.415  1.00 2.41 ? 42  LEU A HD12 1 
ATOM 623  H HD13 . LEU A 1 42 ? 1.474   -1.643  0.120   1.00 2.19 ? 42  LEU A HD13 1 
ATOM 624  H HD21 . LEU A 1 42 ? 1.484   -1.435  -2.556  1.00 2.46 ? 42  LEU A HD21 1 
ATOM 625  H HD22 . LEU A 1 42 ? 1.673   0.243   -2.960  1.00 2.40 ? 42  LEU A HD22 1 
ATOM 626  H HD23 . LEU A 1 42 ? 0.619   -0.199  -1.603  1.00 2.45 ? 42  LEU A HD23 1 
ATOM 627  N N    . GLY A 1 43 ? 4.108   2.633   1.914   1.00 0.56 ? 43  GLY A N    1 
ATOM 628  C CA   . GLY A 1 43 ? 4.833   3.671   2.653   1.00 0.62 ? 43  GLY A CA   1 
ATOM 629  C C    . GLY A 1 43 ? 5.723   3.031   3.716   1.00 0.57 ? 43  GLY A C    1 
ATOM 630  O O    . GLY A 1 43 ? 5.389   2.003   4.308   1.00 0.79 ? 43  GLY A O    1 
ATOM 631  H H    . GLY A 1 43 ? 4.417   1.656   1.886   1.00 0.68 ? 43  GLY A H    1 
ATOM 632  H HA2  . GLY A 1 43 ? 5.416   4.275   1.932   1.00 0.81 ? 43  GLY A HA2  1 
ATOM 633  H HA3  . GLY A 1 43 ? 4.132   4.366   3.155   1.00 0.69 ? 43  GLY A HA3  1 
ATOM 634  N N    . CYS A 1 44 ? 6.835   3.706   4.007   1.00 0.63 ? 44  CYS A N    1 
ATOM 635  C CA   . CYS A 1 44 ? 7.730   3.316   5.118   1.00 0.60 ? 44  CYS A CA   1 
ATOM 636  C C    . CYS A 1 44 ? 7.206   3.813   6.501   1.00 0.66 ? 44  CYS A C    1 
ATOM 637  O O    . CYS A 1 44 ? 6.588   4.875   6.620   1.00 0.78 ? 44  CYS A O    1 
ATOM 638  C CB   . CYS A 1 44 ? 9.136   3.863   4.823   1.00 0.65 ? 44  CYS A CB   1 
ATOM 639  S SG   . CYS A 1 44 ? 10.281  2.978   5.890   1.00 1.11 ? 44  CYS A SG   1 
ATOM 640  H H    . CYS A 1 44 ? 7.019   4.511   3.401   1.00 0.89 ? 44  CYS A H    1 
ATOM 641  H HA   . CYS A 1 44 ? 7.816   2.207   5.114   1.00 0.62 ? 44  CYS A HA   1 
ATOM 642  H HB2  . CYS A 1 44 ? 9.437   3.687   3.773   1.00 0.83 ? 44  CYS A HB2  1 
ATOM 643  H HB3  . CYS A 1 44 ? 9.192   4.954   4.999   1.00 0.99 ? 44  CYS A HB3  1 
ATOM 644  N N    . ALA A 1 45 ? 7.461   3.006   7.536   1.00 0.71 ? 45  ALA A N    1 
ATOM 645  C CA   . ALA A 1 45 ? 7.039   3.257   8.940   1.00 0.86 ? 45  ALA A CA   1 
ATOM 646  C C    . ALA A 1 45 ? 8.177   2.877   9.925   1.00 0.80 ? 45  ALA A C    1 
ATOM 647  O O    . ALA A 1 45 ? 9.176   2.257   9.564   1.00 0.82 ? 45  ALA A O    1 
ATOM 648  C CB   . ALA A 1 45 ? 5.749   2.468   9.253   1.00 1.10 ? 45  ALA A CB   1 
ATOM 649  H H    . ALA A 1 45 ? 8.072   2.214   7.302   1.00 0.74 ? 45  ALA A H    1 
ATOM 650  H HA   . ALA A 1 45 ? 6.819   4.333   9.081   1.00 0.93 ? 45  ALA A HA   1 
ATOM 651  H HB1  . ALA A 1 45 ? 4.851   3.056   9.010   1.00 1.69 ? 45  ALA A HB1  1 
ATOM 652  H HB2  . ALA A 1 45 ? 5.639   2.221   10.324  1.00 1.44 ? 45  ALA A HB2  1 
ATOM 653  H HB3  . ALA A 1 45 ? 5.694   1.516   8.694   1.00 1.27 ? 45  ALA A HB3  1 
ATOM 654  N N    . ALA A 1 46 ? 8.024   3.295   11.185  1.00 0.98 ? 46  ALA A N    1 
ATOM 655  C CA   . ALA A 1 46 ? 8.957   2.962   12.303  1.00 1.01 ? 46  ALA A CA   1 
ATOM 656  C C    . ALA A 1 46 ? 8.388   1.966   13.352  1.00 1.01 ? 46  ALA A C    1 
ATOM 657  O O    . ALA A 1 46 ? 9.164   1.211   13.947  1.00 1.35 ? 46  ALA A O    1 
ATOM 658  C CB   . ALA A 1 46 ? 9.373   4.276   12.997  1.00 1.16 ? 46  ALA A CB   1 
ATOM 659  H H    . ALA A 1 46 ? 7.095   3.689   11.371  1.00 1.21 ? 46  ALA A H    1 
ATOM 660  H HA   . ALA A 1 46 ? 9.881   2.493   11.908  1.00 1.06 ? 46  ALA A HA   1 
ATOM 661  H HB1  . ALA A 1 46 ? 9.621   4.138   14.065  1.00 1.53 ? 46  ALA A HB1  1 
ATOM 662  H HB2  . ALA A 1 46 ? 8.583   5.051   12.958  1.00 1.22 ? 46  ALA A HB2  1 
ATOM 663  H HB3  . ALA A 1 46 ? 10.273  4.706   12.522  1.00 1.74 ? 46  ALA A HB3  1 
ATOM 664  N N    . THR A 1 47 ? 7.062   1.971   13.571  1.00 0.96 ? 47  THR A N    1 
ATOM 665  C CA   . THR A 1 47 ? 6.353   1.083   14.528  1.00 1.08 ? 47  THR A CA   1 
ATOM 666  C C    . THR A 1 47 ? 5.446   0.081   13.767  1.00 1.05 ? 47  THR A C    1 
ATOM 667  O O    . THR A 1 47 ? 5.024   0.312   12.628  1.00 1.74 ? 47  THR A O    1 
ATOM 668  C CB   . THR A 1 47 ? 5.516   1.909   15.567  1.00 1.36 ? 47  THR A CB   1 
ATOM 669  O OG1  . THR A 1 47 ? 5.430   3.304   15.268  1.00 1.87 ? 47  THR A OG1  1 
ATOM 670  C CG2  . THR A 1 47 ? 6.080   1.749   16.983  1.00 1.89 ? 47  THR A CG2  1 
ATOM 671  H H    . THR A 1 47 ? 6.547   2.641   12.989  1.00 1.08 ? 47  THR A H    1 
ATOM 672  H HA   . THR A 1 47 ? 7.111   0.469   15.062  1.00 1.22 ? 47  THR A HA   1 
ATOM 673  H HB   . THR A 1 47 ? 4.474   1.538   15.602  1.00 1.33 ? 47  THR A HB   1 
ATOM 674  H HG1  . THR A 1 47 ? 4.895   3.694   15.959  1.00 2.22 ? 47  THR A HG1  1 
ATOM 675  H HG21 . THR A 1 47 ? 5.484   2.317   17.717  1.00 2.26 ? 47  THR A HG21 1 
ATOM 676  H HG22 . THR A 1 47 ? 7.126   2.102   17.044  1.00 2.40 ? 47  THR A HG22 1 
ATOM 677  H HG23 . THR A 1 47 ? 6.067   0.688   17.294  1.00 2.15 ? 47  THR A HG23 1 
ATOM 678  N N    . CYS A 1 48 ? 5.141   -1.042  14.440  1.00 0.97 ? 48  CYS A N    1 
ATOM 679  C CA   . CYS A 1 48 ? 4.262   -2.082  13.871  1.00 1.13 ? 48  CYS A CA   1 
ATOM 680  C C    . CYS A 1 48 ? 3.364   -2.661  15.002  1.00 1.20 ? 48  CYS A C    1 
ATOM 681  O O    . CYS A 1 48 ? 3.707   -3.721  15.537  1.00 1.53 ? 48  CYS A O    1 
ATOM 682  C CB   . CYS A 1 48 ? 5.094   -3.130  13.089  1.00 1.72 ? 48  CYS A CB   1 
ATOM 683  S SG   . CYS A 1 48 ? 3.997   -3.835  11.862  1.00 2.14 ? 48  CYS A SG   1 
ATOM 684  H H    . CYS A 1 48 ? 5.368   -1.017  15.440  1.00 1.37 ? 48  CYS A H    1 
ATOM 685  H HA   . CYS A 1 48 ? 3.586   -1.619  13.130  1.00 1.42 ? 48  CYS A HA   1 
ATOM 686  H HB2  . CYS A 1 48 ? 5.951   -2.672  12.563  1.00 2.14 ? 48  CYS A HB2  1 
ATOM 687  H HB3  . CYS A 1 48 ? 5.513   -3.921  13.737  1.00 2.16 ? 48  CYS A HB3  1 
ATOM 688  N N    . PRO A 1 49 ? 2.205   -2.042  15.395  1.00 1.56 ? 49  PRO A N    1 
ATOM 689  C CA   . PRO A 1 49 ? 1.263   -2.650  16.366  1.00 2.15 ? 49  PRO A CA   1 
ATOM 690  C C    . PRO A 1 49 ? 0.435   -3.811  15.730  1.00 2.09 ? 49  PRO A C    1 
ATOM 691  O O    . PRO A 1 49 ? 0.648   -4.212  14.578  1.00 2.39 ? 49  PRO A O    1 
ATOM 692  C CB   . PRO A 1 49 ? 0.434   -1.418  16.793  1.00 2.79 ? 49  PRO A CB   1 
ATOM 693  C CG   . PRO A 1 49 ? 0.358   -0.547  15.540  1.00 2.68 ? 49  PRO A CG   1 
ATOM 694  C CD   . PRO A 1 49 ? 1.711   -0.756  14.852  1.00 1.94 ? 49  PRO A CD   1 
ATOM 695  H HA   . PRO A 1 49 ? 1.815   -3.036  17.248  1.00 2.45 ? 49  PRO A HA   1 
ATOM 696  H HB2  . PRO A 1 49 ? -0.567  -1.674  17.189  1.00 3.14 ? 49  PRO A HB2  1 
ATOM 697  H HB3  . PRO A 1 49 ? 0.952   -0.871  17.604  1.00 3.22 ? 49  PRO A HB3  1 
ATOM 698  H HG2  . PRO A 1 49 ? -0.463  -0.905  14.888  1.00 2.88 ? 49  PRO A HG2  1 
ATOM 699  H HG3  . PRO A 1 49 ? 0.150   0.512   15.773  1.00 3.16 ? 49  PRO A HG3  1 
ATOM 700  H HD2  . PRO A 1 49 ? 1.586   -0.787  13.753  1.00 1.94 ? 49  PRO A HD2  1 
ATOM 701  H HD3  . PRO A 1 49 ? 2.410   0.065   15.096  1.00 2.02 ? 49  PRO A HD3  1 
ATOM 702  N N    . SER A 1 50 ? -0.488  -4.368  16.521  1.00 2.30 ? 50  SER A N    1 
ATOM 703  C CA   . SER A 1 50 ? -1.362  -5.483  16.086  1.00 2.34 ? 50  SER A CA   1 
ATOM 704  C C    . SER A 1 50 ? -2.374  -5.717  17.222  1.00 2.04 ? 50  SER A C    1 
ATOM 705  O O    . SER A 1 50 ? -2.005  -5.982  18.373  1.00 2.08 ? 50  SER A O    1 
ATOM 706  C CB   . SER A 1 50 ? -0.586  -6.789  15.790  1.00 2.76 ? 50  SER A CB   1 
ATOM 707  O OG   . SER A 1 50 ? -1.462  -7.890  15.564  1.00 2.97 ? 50  SER A OG   1 
ATOM 708  H H    . SER A 1 50 ? -0.657  -3.858  17.396  1.00 2.74 ? 50  SER A H    1 
ATOM 709  H HA   . SER A 1 50 ? -1.881  -5.162  15.155  1.00 2.44 ? 50  SER A HA   1 
ATOM 710  H HB2  . SER A 1 50 ? 0.050   -6.661  14.896  1.00 3.30 ? 50  SER A HB2  1 
ATOM 711  H HB3  . SER A 1 50 ? 0.096   -7.029  16.626  1.00 2.89 ? 50  SER A HB3  1 
ATOM 712  H HG   . SER A 1 50 ? -1.410  -8.083  14.625  1.00 3.29 ? 50  SER A HG   1 
ATOM 713  N N    . LYS A 1 51 ? -3.657  -5.630  16.860  1.00 1.96 ? 51  LYS A N    1 
ATOM 714  C CA   . LYS A 1 51 ? -4.790  -5.795  17.808  1.00 1.82 ? 51  LYS A CA   1 
ATOM 715  C C    . LYS A 1 51 ? -6.111  -5.677  17.020  1.00 1.92 ? 51  LYS A C    1 
ATOM 716  O O    . LYS A 1 51 ? -6.944  -4.806  17.307  1.00 2.66 ? 51  LYS A O    1 
ATOM 717  C CB   . LYS A 1 51 ? -4.773  -4.805  19.012  1.00 2.05 ? 51  LYS A CB   1 
ATOM 718  C CG   . LYS A 1 51 ? -4.567  -3.330  18.594  1.00 2.73 ? 51  LYS A CG   1 
ATOM 719  C CD   . LYS A 1 51 ? -4.580  -2.342  19.760  1.00 3.01 ? 51  LYS A CD   1 
ATOM 720  C CE   . LYS A 1 51 ? -3.623  -1.165  19.492  1.00 3.15 ? 51  LYS A CE   1 
ATOM 721  N NZ   . LYS A 1 51 ? -4.143  0.081   20.061  1.00 3.75 ? 51  LYS A NZ   1 
ATOM 722  H H    . LYS A 1 51 ? -3.814  -5.398  15.872  1.00 2.14 ? 51  LYS A H    1 
ATOM 723  H HA   . LYS A 1 51 ? -4.753  -6.824  18.218  1.00 1.77 ? 51  LYS A HA   1 
ATOM 724  H HB2  . LYS A 1 51 ? -5.709  -4.910  19.595  1.00 2.19 ? 51  LYS A HB2  1 
ATOM 725  H HB3  . LYS A 1 51 ? -3.975  -5.101  19.717  1.00 2.28 ? 51  LYS A HB3  1 
ATOM 726  H HG2  . LYS A 1 51 ? -3.613  -3.258  18.041  1.00 3.12 ? 51  LYS A HG2  1 
ATOM 727  H HG3  . LYS A 1 51 ? -5.331  -3.013  17.860  1.00 3.10 ? 51  LYS A HG3  1 
ATOM 728  H HD2  . LYS A 1 51 ? -5.628  -2.019  19.918  1.00 3.30 ? 51  LYS A HD2  1 
ATOM 729  H HD3  . LYS A 1 51 ? -4.282  -2.842  20.701  1.00 3.37 ? 51  LYS A HD3  1 
ATOM 730  H HE2  . LYS A 1 51 ? -2.633  -1.396  19.925  1.00 3.22 ? 51  LYS A HE2  1 
ATOM 731  H HE3  . LYS A 1 51 ? -3.445  -1.004  18.411  1.00 3.40 ? 51  LYS A HE3  1 
ATOM 732  H HZ1  . LYS A 1 51 ? -4.655  0.615   19.350  1.00 3.90 ? 51  LYS A HZ1  1 
ATOM 733  H HZ2  . LYS A 1 51 ? -3.390  0.676   20.422  1.00 4.05 ? 51  LYS A HZ2  1 
ATOM 734  H HZ3  . LYS A 1 51 ? -4.797  -0.109  20.829  1.00 4.21 ? 51  LYS A HZ3  1 
ATOM 735  N N    . LYS A 1 52 ? -6.341  -6.584  16.049  1.00 1.73 ? 52  LYS A N    1 
ATOM 736  C CA   . LYS A 1 52 ? -7.631  -6.685  15.322  1.00 1.99 ? 52  LYS A CA   1 
ATOM 737  C C    . LYS A 1 52 ? -7.989  -5.307  14.672  1.00 2.03 ? 52  LYS A C    1 
ATOM 738  O O    . LYS A 1 52 ? -8.845  -4.598  15.218  1.00 2.44 ? 52  LYS A O    1 
ATOM 739  C CB   . LYS A 1 52 ? -8.776  -7.309  16.168  1.00 2.51 ? 52  LYS A CB   1 
ATOM 740  C CG   . LYS A 1 52 ? -8.435  -8.265  17.337  1.00 2.65 ? 52  LYS A CG   1 
ATOM 741  C CD   . LYS A 1 52 ? -8.265  -7.518  18.686  1.00 2.79 ? 52  LYS A CD   1 
ATOM 742  C CE   . LYS A 1 52 ? -9.293  -7.926  19.744  1.00 3.32 ? 52  LYS A CE   1 
ATOM 743  N NZ   . LYS A 1 52 ? -9.224  -7.033  20.913  1.00 3.86 ? 52  LYS A NZ   1 
ATOM 744  H H    . LYS A 1 52 ? -5.579  -7.250  15.880  1.00 1.88 ? 52  LYS A H    1 
ATOM 745  H HA   . LYS A 1 52 ? -7.467  -7.411  14.507  1.00 1.93 ? 52  LYS A HA   1 
ATOM 746  H HB2  . LYS A 1 52 ? -9.403  -6.501  16.584  1.00 2.90 ? 52  LYS A HB2  1 
ATOM 747  H HB3  . LYS A 1 52 ? -9.445  -7.842  15.470  1.00 2.89 ? 52  LYS A HB3  1 
ATOM 748  H HG2  . LYS A 1 52 ? -9.227  -9.033  17.407  1.00 2.98 ? 52  LYS A HG2  1 
ATOM 749  H HG3  . LYS A 1 52 ? -7.517  -8.835  17.098  1.00 3.07 ? 52  LYS A HG3  1 
ATOM 750  H HD2  . LYS A 1 52 ? -7.234  -7.656  19.064  1.00 3.12 ? 52  LYS A HD2  1 
ATOM 751  H HD3  . LYS A 1 52 ? -8.355  -6.424  18.537  1.00 2.84 ? 52  LYS A HD3  1 
ATOM 752  H HE2  . LYS A 1 52 ? -10.311 -7.874  19.315  1.00 3.62 ? 52  LYS A HE2  1 
ATOM 753  H HE3  . LYS A 1 52 ? -9.127  -8.972  20.056  1.00 3.58 ? 52  LYS A HE3  1 
ATOM 754  H HZ1  . LYS A 1 52 ? -10.122 -6.997  21.407  1.00 3.96 ? 52  LYS A HZ1  1 
ATOM 755  H HZ2  . LYS A 1 52 ? -8.995  -6.072  20.633  1.00 4.38 ? 52  LYS A HZ2  1 
ATOM 756  H HZ3  . LYS A 1 52 ? -8.509  -7.334  21.582  1.00 4.10 ? 52  LYS A HZ3  1 
ATOM 757  N N    . PRO A 1 53 ? -7.291  -4.829  13.609  1.00 1.67 ? 53  PRO A N    1 
ATOM 758  C CA   . PRO A 1 53 ? -7.562  -3.493  13.024  1.00 1.72 ? 53  PRO A CA   1 
ATOM 759  C C    . PRO A 1 53 ? -9.013  -3.285  12.523  1.00 1.83 ? 53  PRO A C    1 
ATOM 760  O O    . PRO A 1 53 ? -9.578  -2.202  12.699  1.00 2.33 ? 53  PRO A O    1 
ATOM 761  C CB   . PRO A 1 53 ? -6.514  -3.435  11.902  1.00 1.43 ? 53  PRO A CB   1 
ATOM 762  C CG   . PRO A 1 53 ? -6.203  -4.867  11.498  1.00 1.32 ? 53  PRO A CG   1 
ATOM 763  C CD   . PRO A 1 53 ? -6.372  -5.650  12.794  1.00 1.35 ? 53  PRO A CD   1 
ATOM 764  H HA   . PRO A 1 53 ? -7.338  -2.703  13.768  1.00 2.03 ? 53  PRO A HA   1 
ATOM 765  H HB2  . PRO A 1 53 ? -6.851  -2.854  11.030  1.00 1.28 ? 53  PRO A HB2  1 
ATOM 766  H HB3  . PRO A 1 53 ? -5.594  -2.963  12.289  1.00 1.72 ? 53  PRO A HB3  1 
ATOM 767  H HG2  . PRO A 1 53 ? -6.932  -5.207  10.738  1.00 1.32 ? 53  PRO A HG2  1 
ATOM 768  H HG3  . PRO A 1 53 ? -5.194  -4.967  11.061  1.00 1.62 ? 53  PRO A HG3  1 
ATOM 769  H HD2  . PRO A 1 53 ? -6.788  -6.650  12.571  1.00 1.46 ? 53  PRO A HD2  1 
ATOM 770  H HD3  . PRO A 1 53 ? -5.407  -5.779  13.317  1.00 1.33 ? 53  PRO A HD3  1 
ATOM 771  N N    . TYR A 1 54 ? -9.582  -4.335  11.890  1.00 1.86 ? 54  TYR A N    1 
ATOM 772  C CA   . TYR A 1 54 ? -10.880 -4.268  11.174  1.00 2.03 ? 54  TYR A CA   1 
ATOM 773  C C    . TYR A 1 54 ? -10.885 -3.281  9.962   1.00 1.61 ? 54  TYR A C    1 
ATOM 774  O O    . TYR A 1 54 ? -11.979 -2.907  9.533   1.00 1.90 ? 54  TYR A O    1 
ATOM 775  C CB   . TYR A 1 54 ? -12.079 -4.069  12.164  1.00 2.59 ? 54  TYR A CB   1 
ATOM 776  C CG   . TYR A 1 54 ? -12.086 -4.935  13.444  1.00 3.07 ? 54  TYR A CG   1 
ATOM 777  C CD1  . TYR A 1 54 ? -12.015 -6.330  13.358  1.00 3.60 ? 54  TYR A CD1  1 
ATOM 778  C CD2  . TYR A 1 54 ? -12.050 -4.325  14.704  1.00 3.50 ? 54  TYR A CD2  1 
ATOM 779  C CE1  . TYR A 1 54 ? -11.948 -7.102  14.511  1.00 4.18 ? 54  TYR A CE1  1 
ATOM 780  C CE2  . TYR A 1 54 ? -11.977 -5.100  15.857  1.00 4.07 ? 54  TYR A CE2  1 
ATOM 781  C CZ   . TYR A 1 54 ? -11.955 -6.490  15.762  1.00 4.28 ? 54  TYR A CZ   1 
ATOM 782  O OH   . TYR A 1 54 ? -11.803 -7.253  16.890  1.00 4.97 ? 54  TYR A OH   1 
ATOM 783  H H    . TYR A 1 54 ? -8.967  -5.152  11.803  1.00 2.14 ? 54  TYR A H    1 
ATOM 784  H HA   . TYR A 1 54 ? -11.014 -5.268  10.721  1.00 2.18 ? 54  TYR A HA   1 
ATOM 785  H HB2  . TYR A 1 54 ? -12.125 -2.997  12.437  1.00 2.71 ? 54  TYR A HB2  1 
ATOM 786  H HB3  . TYR A 1 54 ? -13.027 -4.246  11.623  1.00 2.82 ? 54  TYR A HB3  1 
ATOM 787  H HD1  . TYR A 1 54 ? -11.942 -6.816  12.395  1.00 3.85 ? 54  TYR A HD1  1 
ATOM 788  H HD2  . TYR A 1 54 ? -12.024 -3.248  14.793  1.00 3.69 ? 54  TYR A HD2  1 
ATOM 789  H HE1  . TYR A 1 54 ? -11.815 -8.172  14.430  1.00 4.80 ? 54  TYR A HE1  1 
ATOM 790  H HE2  . TYR A 1 54 ? -11.891 -4.619  16.823  1.00 4.61 ? 54  TYR A HE2  1 
ATOM 791  H HH   . TYR A 1 54 ? -11.272 -6.764  17.524  1.00 5.24 ? 54  TYR A HH   1 
ATOM 792  N N    . GLU A 1 55 ? -9.681  -2.883  9.447   1.00 1.21 ? 55  GLU A N    1 
ATOM 793  C CA   . GLU A 1 55 ? -9.401  -1.654  8.656   1.00 0.95 ? 55  GLU A CA   1 
ATOM 794  C C    . GLU A 1 55 ? -8.431  -0.751  9.469   1.00 1.11 ? 55  GLU A C    1 
ATOM 795  O O    . GLU A 1 55 ? -8.870  0.095   10.258  1.00 1.69 ? 55  GLU A O    1 
ATOM 796  C CB   . GLU A 1 55 ? -10.645 -0.875  8.182   1.00 1.34 ? 55  GLU A CB   1 
ATOM 797  C CG   . GLU A 1 55 ? -10.438 0.399   7.370   1.00 2.12 ? 55  GLU A CG   1 
ATOM 798  C CD   . GLU A 1 55 ? -11.785 0.869   6.810   1.00 2.85 ? 55  GLU A CD   1 
ATOM 799  O OE1  . GLU A 1 55 ? -12.536 0.047   6.232   1.00 2.91 ? 55  GLU A OE1  1 
ATOM 800  O OE2  . GLU A 1 55 ? -12.082 2.077   6.906   1.00 3.81 ? 55  GLU A OE2  1 
ATOM 801  H H    . GLU A 1 55 ? -8.902  -3.309  9.963   1.00 1.38 ? 55  GLU A H    1 
ATOM 802  H HA   . GLU A 1 55 ? -8.879  -2.002  7.743   1.00 1.00 ? 55  GLU A HA   1 
ATOM 803  H HB2  . GLU A 1 55 ? -11.244 -1.592  7.587   1.00 1.66 ? 55  GLU A HB2  1 
ATOM 804  H HB3  . GLU A 1 55 ? -11.259 -0.602  9.062   1.00 1.88 ? 55  GLU A HB3  1 
ATOM 805  H HG2  . GLU A 1 55 ? -9.980  1.187   7.994   1.00 2.57 ? 55  GLU A HG2  1 
ATOM 806  H HG3  . GLU A 1 55 ? -9.700  0.225   6.574   1.00 2.53 ? 55  GLU A HG3  1 
ATOM 807  N N    . GLU A 1 56 ? -7.114  -0.910  9.251   1.00 0.96 ? 56  GLU A N    1 
ATOM 808  C CA   . GLU A 1 56 ? -6.088  -0.009  9.840   1.00 1.51 ? 56  GLU A CA   1 
ATOM 809  C C    . GLU A 1 56 ? -4.774  -0.141  9.004   1.00 1.30 ? 56  GLU A C    1 
ATOM 810  O O    . GLU A 1 56 ? -4.792  -0.406  7.795   1.00 1.21 ? 56  GLU A O    1 
ATOM 811  C CB   . GLU A 1 56 ? -5.938  -0.269  11.380  1.00 2.15 ? 56  GLU A CB   1 
ATOM 812  C CG   . GLU A 1 56 ? -5.589  0.963   12.235  1.00 2.99 ? 56  GLU A CG   1 
ATOM 813  C CD   . GLU A 1 56 ? -4.983  0.595   13.597  1.00 3.85 ? 56  GLU A CD   1 
ATOM 814  O OE1  . GLU A 1 56 ? -3.968  -0.139  13.637  1.00 4.28 ? 56  GLU A OE1  1 
ATOM 815  O OE2  . GLU A 1 56 ? -5.514  1.047   14.634  1.00 4.49 ? 56  GLU A OE2  1 
ATOM 816  H H    . GLU A 1 56 ? -6.859  -1.698  8.644   1.00 0.73 ? 56  GLU A H    1 
ATOM 817  H HA   . GLU A 1 56 ? -6.429  1.034   9.691   1.00 1.91 ? 56  GLU A HA   1 
ATOM 818  H HB2  . GLU A 1 56 ? -6.851  -0.713  11.817  1.00 2.11 ? 56  GLU A HB2  1 
ATOM 819  H HB3  . GLU A 1 56 ? -5.156  -1.040  11.513  1.00 2.29 ? 56  GLU A HB3  1 
ATOM 820  H HG2  . GLU A 1 56 ? -4.883  1.627   11.704  1.00 3.18 ? 56  GLU A HG2  1 
ATOM 821  H HG3  . GLU A 1 56 ? -6.510  1.557   12.378  1.00 3.22 ? 56  GLU A HG3  1 
ATOM 822  N N    . VAL A 1 57 ? -3.631  0.094   9.671   1.00 1.36 ? 57  VAL A N    1 
ATOM 823  C CA   . VAL A 1 57 ? -2.301  0.147   9.045   1.00 1.19 ? 57  VAL A CA   1 
ATOM 824  C C    . VAL A 1 57 ? -1.530  -1.084  9.580   1.00 1.22 ? 57  VAL A C    1 
ATOM 825  O O    . VAL A 1 57 ? -1.201  -1.170  10.770  1.00 1.36 ? 57  VAL A O    1 
ATOM 826  C CB   . VAL A 1 57 ? -1.549  1.494   9.337   1.00 1.17 ? 57  VAL A CB   1 
ATOM 827  C CG1  . VAL A 1 57 ? -0.445  1.651   8.284   1.00 1.08 ? 57  VAL A CG1  1 
ATOM 828  C CG2  . VAL A 1 57 ? -2.404  2.786   9.451   1.00 1.24 ? 57  VAL A CG2  1 
ATOM 829  H H    . VAL A 1 57 ? -3.763  0.362   10.651  1.00 1.59 ? 57  VAL A H    1 
ATOM 830  H HA   . VAL A 1 57 ? -2.431  0.062   7.945   1.00 1.12 ? 57  VAL A HA   1 
ATOM 831  H HB   . VAL A 1 57 ? -1.030  1.420   10.311  1.00 1.24 ? 57  VAL A HB   1 
ATOM 832  H HG11 . VAL A 1 57 ? -0.757  1.265   7.293   1.00 1.34 ? 57  VAL A HG11 1 
ATOM 833  H HG12 . VAL A 1 57 ? 0.449   1.078   8.578   1.00 1.73 ? 57  VAL A HG12 1 
ATOM 834  H HG13 . VAL A 1 57 ? -0.124  2.696   8.128   1.00 1.30 ? 57  VAL A HG13 1 
ATOM 835  H HG21 . VAL A 1 57 ? -3.413  2.662   9.024   1.00 1.69 ? 57  VAL A HG21 1 
ATOM 836  H HG22 . VAL A 1 57 ? -1.957  3.667   8.954   1.00 1.61 ? 57  VAL A HG22 1 
ATOM 837  H HG23 . VAL A 1 57 ? -2.562  3.064   10.507  1.00 1.28 ? 57  VAL A HG23 1 
ATOM 838  N N    . THR A 1 58 ? -1.248  -2.019  8.663   1.00 1.15 ? 58  THR A N    1 
ATOM 839  C CA   . THR A 1 58 ? -0.404  -3.209  8.947   1.00 1.23 ? 58  THR A CA   1 
ATOM 840  C C    . THR A 1 58 ? 1.038   -2.936  8.450   1.00 1.13 ? 58  THR A C    1 
ATOM 841  O O    . THR A 1 58 ? 1.322   -1.893  7.862   1.00 1.40 ? 58  THR A O    1 
ATOM 842  C CB   . THR A 1 58 ? -1.011  -4.502  8.309   1.00 1.32 ? 58  THR A CB   1 
ATOM 843  O OG1  . THR A 1 58 ? -2.435  -4.467  8.251   1.00 2.05 ? 58  THR A OG1  1 
ATOM 844  C CG2  . THR A 1 58 ? -0.609  -5.770  9.090   1.00 1.69 ? 58  THR A CG2  1 
ATOM 845  H H    . THR A 1 58 ? -1.466  -1.741  7.700   1.00 1.08 ? 58  THR A H    1 
ATOM 846  H HA   . THR A 1 58 ? -0.344  -3.346  10.047  1.00 1.38 ? 58  THR A HA   1 
ATOM 847  H HB   . THR A 1 58 ? -0.649  -4.600  7.266   1.00 1.58 ? 58  THR A HB   1 
ATOM 848  H HG1  . THR A 1 58 ? -2.728  -4.267  9.141   1.00 2.42 ? 58  THR A HG1  1 
ATOM 849  H HG21 . THR A 1 58 ? -0.485  -5.575  10.173  1.00 2.21 ? 58  THR A HG21 1 
ATOM 850  H HG22 . THR A 1 58 ? 0.353   -6.180  8.729   1.00 2.10 ? 58  THR A HG22 1 
ATOM 851  H HG23 . THR A 1 58 ? -1.361  -6.571  8.994   1.00 2.07 ? 58  THR A HG23 1 
ATOM 852  N N    . CYS A 1 59 ? 1.962   -3.871  8.726   1.00 0.93 ? 59  CYS A N    1 
ATOM 853  C CA   . CYS A 1 59 ? 3.383   -3.741  8.344   1.00 0.90 ? 59  CYS A CA   1 
ATOM 854  C C    . CYS A 1 59 ? 4.197   -5.036  8.621   1.00 0.90 ? 59  CYS A C    1 
ATOM 855  O O    . CYS A 1 59 ? 3.703   -6.035  9.155   1.00 1.04 ? 59  CYS A O    1 
ATOM 856  C CB   . CYS A 1 59 ? 4.015   -2.511  9.038   1.00 1.16 ? 59  CYS A CB   1 
ATOM 857  S SG   . CYS A 1 59 ? 3.387   -2.324  10.712  1.00 1.83 ? 59  CYS A SG   1 
ATOM 858  H H    . CYS A 1 59 ? 1.613   -4.701  9.215   1.00 0.98 ? 59  CYS A H    1 
ATOM 859  H HA   . CYS A 1 59 ? 3.393   -3.592  7.250   1.00 0.97 ? 59  CYS A HA   1 
ATOM 860  H HB2  . CYS A 1 59 ? 5.106   -2.602  9.004   1.00 1.46 ? 59  CYS A HB2  1 
ATOM 861  H HB3  . CYS A 1 59 ? 3.805   -1.573  8.504   1.00 1.67 ? 59  CYS A HB3  1 
ATOM 862  N N    . CYS A 1 60 ? 5.481   -4.991  8.221   1.00 0.86 ? 60  CYS A N    1 
ATOM 863  C CA   . CYS A 1 60 ? 6.443   -6.096  8.402   1.00 0.98 ? 60  CYS A CA   1 
ATOM 864  C C    . CYS A 1 60 ? 7.848   -5.485  8.619   1.00 0.98 ? 60  CYS A C    1 
ATOM 865  O O    . CYS A 1 60 ? 8.320   -4.693  7.793   1.00 0.96 ? 60  CYS A O    1 
ATOM 866  C CB   . CYS A 1 60 ? 6.351   -6.992  7.155   1.00 1.14 ? 60  CYS A CB   1 
ATOM 867  S SG   . CYS A 1 60 ? 7.813   -8.006  6.941   1.00 1.25 ? 60  CYS A SG   1 
ATOM 868  H H    . CYS A 1 60 ? 5.766   -4.100  7.796   1.00 0.83 ? 60  CYS A H    1 
ATOM 869  H HA   . CYS A 1 60 ? 6.161   -6.704  9.284   1.00 1.13 ? 60  CYS A HA   1 
ATOM 870  H HB2  . CYS A 1 60 ? 5.455   -7.636  7.188   1.00 1.82 ? 60  CYS A HB2  1 
ATOM 871  H HB3  . CYS A 1 60 ? 6.246   -6.383  6.236   1.00 1.72 ? 60  CYS A HB3  1 
ATOM 872  N N    . SER A 1 61 ? 8.502   -5.897  9.732   1.00 1.21 ? 61  SER A N    1 
ATOM 873  C CA   . SER A 1 61 ? 9.822   -5.360  10.183  1.00 1.39 ? 61  SER A CA   1 
ATOM 874  C C    . SER A 1 61 ? 11.011  -5.876  9.328   1.00 1.42 ? 61  SER A C    1 
ATOM 875  O O    . SER A 1 61 ? 11.773  -6.765  9.726   1.00 2.28 ? 61  SER A O    1 
ATOM 876  C CB   . SER A 1 61 ? 10.077  -5.601  11.697  1.00 1.89 ? 61  SER A CB   1 
ATOM 877  O OG   . SER A 1 61 ? 8.902   -5.568  12.498  1.00 2.44 ? 61  SER A OG   1 
ATOM 878  H H    . SER A 1 61 ? 7.935   -6.491  10.345  1.00 1.36 ? 61  SER A H    1 
ATOM 879  H HA   . SER A 1 61 ? 9.792   -4.271  10.076  1.00 1.48 ? 61  SER A HA   1 
ATOM 880  H HB2  . SER A 1 61 ? 10.572  -6.574  11.873  1.00 2.19 ? 61  SER A HB2  1 
ATOM 881  H HB3  . SER A 1 61 ? 10.786  -4.840  12.077  1.00 2.34 ? 61  SER A HB3  1 
ATOM 882  H HG   . SER A 1 61 ? 8.727   -6.489  12.711  1.00 2.68 ? 61  SER A HG   1 
ATOM 883  N N    . THR A 1 62 ? 11.114  -5.344  8.104   1.00 1.00 ? 62  THR A N    1 
ATOM 884  C CA   . THR A 1 62 ? 12.019  -5.866  7.059   1.00 1.32 ? 62  THR A CA   1 
ATOM 885  C C    . THR A 1 62 ? 12.098  -4.786  5.929   1.00 1.02 ? 62  THR A C    1 
ATOM 886  O O    . THR A 1 62 ? 11.731  -3.612  6.084   1.00 1.79 ? 62  THR A O    1 
ATOM 887  C CB   . THR A 1 62 ? 11.643  -7.313  6.529   1.00 2.15 ? 62  THR A CB   1 
ATOM 888  O OG1  . THR A 1 62 ? 10.792  -8.072  7.382   1.00 2.63 ? 62  THR A OG1  1 
ATOM 889  C CG2  . THR A 1 62 ? 12.890  -8.165  6.229   1.00 3.22 ? 62  THR A CG2  1 
ATOM 890  H H    . THR A 1 62 ? 10.443  -4.592  7.902   1.00 1.14 ? 62  THR A H    1 
ATOM 891  H HA   . THR A 1 62 ? 13.029  -5.897  7.514   1.00 1.98 ? 62  THR A HA   1 
ATOM 892  H HB   . THR A 1 62 ? 11.086  -7.207  5.583   1.00 2.33 ? 62  THR A HB   1 
ATOM 893  H HG1  . THR A 1 62 ? 11.252  -8.140  8.220   1.00 2.88 ? 62  THR A HG1  1 
ATOM 894  H HG21 . THR A 1 62 ? 12.723  -8.817  5.353   1.00 3.83 ? 62  THR A HG21 1 
ATOM 895  H HG22 . THR A 1 62 ? 13.158  -8.810  7.084   1.00 3.45 ? 62  THR A HG22 1 
ATOM 896  H HG23 . THR A 1 62 ? 13.779  -7.549  5.999   1.00 3.69 ? 62  THR A HG23 1 
ATOM 897  N N    . ASP A 1 63 ? 12.622  -5.212  4.772   1.00 0.90 ? 63  ASP A N    1 
ATOM 898  C CA   . ASP A 1 63 ? 12.819  -4.368  3.583   1.00 0.94 ? 63  ASP A CA   1 
ATOM 899  C C    . ASP A 1 63 ? 11.489  -4.097  2.819   1.00 0.97 ? 63  ASP A C    1 
ATOM 900  O O    . ASP A 1 63 ? 10.488  -3.748  3.449   1.00 1.43 ? 63  ASP A O    1 
ATOM 901  C CB   . ASP A 1 63 ? 14.023  -4.966  2.792   1.00 1.43 ? 63  ASP A CB   1 
ATOM 902  C CG   . ASP A 1 63 ? 13.849  -6.330  2.080   1.00 1.76 ? 63  ASP A CG   1 
ATOM 903  O OD1  . ASP A 1 63 ? 13.016  -7.161  2.508   1.00 1.91 ? 63  ASP A OD1  1 
ATOM 904  O OD2  . ASP A 1 63 ? 14.543  -6.557  1.066   1.00 2.71 ? 63  ASP A OD2  1 
ATOM 905  H H    . ASP A 1 63 ? 12.785  -6.224  4.739   1.00 1.49 ? 63  ASP A H    1 
ATOM 906  H HA   . ASP A 1 63 ? 13.143  -3.390  3.955   1.00 1.25 ? 63  ASP A HA   1 
ATOM 907  H HB2  . ASP A 1 63 ? 14.279  -4.217  2.029   1.00 1.69 ? 63  ASP A HB2  1 
ATOM 908  H HB3  . ASP A 1 63 ? 14.923  -5.009  3.432   1.00 2.19 ? 63  ASP A HB3  1 
ATOM 909  N N    . LYS A 1 64 ? 11.494  -4.257  1.483   1.00 0.78 ? 64  LYS A N    1 
ATOM 910  C CA   . LYS A 1 64 ? 10.295  -4.501  0.643   1.00 0.81 ? 64  LYS A CA   1 
ATOM 911  C C    . LYS A 1 64 ? 9.514   -5.788  1.066   1.00 0.84 ? 64  LYS A C    1 
ATOM 912  O O    . LYS A 1 64 ? 9.521   -6.836  0.416   1.00 0.99 ? 64  LYS A O    1 
ATOM 913  C CB   . LYS A 1 64 ? 10.805  -4.521  -0.827  1.00 1.00 ? 64  LYS A CB   1 
ATOM 914  C CG   . LYS A 1 64 ? 11.699  -5.712  -1.246  1.00 1.13 ? 64  LYS A CG   1 
ATOM 915  C CD   . LYS A 1 64 ? 12.609  -5.433  -2.447  1.00 1.41 ? 64  LYS A CD   1 
ATOM 916  C CE   . LYS A 1 64 ? 12.837  -6.686  -3.299  1.00 1.64 ? 64  LYS A CE   1 
ATOM 917  N NZ   . LYS A 1 64 ? 13.859  -6.426  -4.322  1.00 2.15 ? 64  LYS A NZ   1 
ATOM 918  H H    . LYS A 1 64 ? 12.427  -4.433  1.101   1.00 0.91 ? 64  LYS A H    1 
ATOM 919  H HA   . LYS A 1 64 ? 9.620   -3.623  0.727   1.00 0.82 ? 64  LYS A HA   1 
ATOM 920  H HB2  . LYS A 1 64 ? 9.946   -4.555  -1.506  1.00 1.60 ? 64  LYS A HB2  1 
ATOM 921  H HB3  . LYS A 1 64 ? 11.292  -3.552  -1.063  1.00 1.50 ? 64  LYS A HB3  1 
ATOM 922  H HG2  . LYS A 1 64 ? 12.326  -6.041  -0.398  1.00 1.76 ? 64  LYS A HG2  1 
ATOM 923  H HG3  . LYS A 1 64 ? 11.041  -6.572  -1.461  1.00 1.67 ? 64  LYS A HG3  1 
ATOM 924  H HD2  . LYS A 1 64 ? 12.209  -4.611  -3.072  1.00 1.87 ? 64  LYS A HD2  1 
ATOM 925  H HD3  . LYS A 1 64 ? 13.577  -5.078  -2.055  1.00 1.93 ? 64  LYS A HD3  1 
ATOM 926  H HE2  . LYS A 1 64 ? 13.161  -7.532  -2.665  1.00 2.15 ? 64  LYS A HE2  1 
ATOM 927  H HE3  . LYS A 1 64 ? 11.893  -6.996  -3.784  1.00 1.87 ? 64  LYS A HE3  1 
ATOM 928  H HZ1  . LYS A 1 64 ? 14.236  -7.298  -4.707  1.00 2.52 ? 64  LYS A HZ1  1 
ATOM 929  H HZ2  . LYS A 1 64 ? 14.645  -5.897  -3.927  1.00 2.61 ? 64  LYS A HZ2  1 
ATOM 930  H HZ3  . LYS A 1 64 ? 13.481  -5.875  -5.099  1.00 2.47 ? 64  LYS A HZ3  1 
ATOM 931  N N    . CYS A 1 65 ? 8.825   -5.652  2.196   1.00 0.83 ? 65  CYS A N    1 
ATOM 932  C CA   . CYS A 1 65 ? 7.944   -6.686  2.794   1.00 0.95 ? 65  CYS A CA   1 
ATOM 933  C C    . CYS A 1 65 ? 6.404   -6.443  2.628   1.00 0.95 ? 65  CYS A C    1 
ATOM 934  O O    . CYS A 1 65 ? 5.583   -7.289  2.990   1.00 1.06 ? 65  CYS A O    1 
ATOM 935  C CB   . CYS A 1 65 ? 8.334   -6.689  4.276   1.00 1.10 ? 65  CYS A CB   1 
ATOM 936  S SG   . CYS A 1 65 ? 7.917   -8.284  4.986   1.00 1.09 ? 65  CYS A SG   1 
ATOM 937  H H    . CYS A 1 65 ? 8.977   -4.753  2.666   1.00 0.81 ? 65  CYS A H    1 
ATOM 938  H HA   . CYS A 1 65 ? 8.183   -7.680  2.368   1.00 1.05 ? 65  CYS A HA   1 
ATOM 939  H HB2  . CYS A 1 65 ? 9.408   -6.501  4.455   1.00 1.24 ? 65  CYS A HB2  1 
ATOM 940  H HB3  . CYS A 1 65 ? 7.810   -5.875  4.814   1.00 1.19 ? 65  CYS A HB3  1 
ATOM 941  N N    . ASN A 1 66 ? 6.050   -5.303  2.021   1.00 0.96 ? 66  ASN A N    1 
ATOM 942  C CA   . ASN A 1 66 ? 4.736   -4.997  1.444   1.00 1.07 ? 66  ASN A CA   1 
ATOM 943  C C    . ASN A 1 66 ? 4.547   -5.284  -0.099  1.00 0.96 ? 66  ASN A C    1 
ATOM 944  O O    . ASN A 1 66 ? 3.544   -4.732  -0.554  1.00 1.07 ? 66  ASN A O    1 
ATOM 945  C CB   . ASN A 1 66 ? 4.539   -3.480  1.783   1.00 1.28 ? 66  ASN A CB   1 
ATOM 946  C CG   . ASN A 1 66 ? 5.503   -2.475  1.067   1.00 1.03 ? 66  ASN A CG   1 
ATOM 947  O OD1  . ASN A 1 66 ? 6.390   -2.885  0.327   1.00 1.66 ? 66  ASN A OD1  1 
ATOM 948  N ND2  . ASN A 1 66 ? 5.435   -1.174  1.318   1.00 1.32 ? 66  ASN A ND2  1 
ATOM 949  H H    . ASN A 1 66 ? 6.863   -4.791  1.661   1.00 0.99 ? 66  ASN A H    1 
ATOM 950  H HA   . ASN A 1 66 ? 3.949   -5.564  1.977   1.00 1.29 ? 66  ASN A HA   1 
ATOM 951  H HB2  . ASN A 1 66 ? 3.490   -3.220  1.574   1.00 1.94 ? 66  ASN A HB2  1 
ATOM 952  H HB3  . ASN A 1 66 ? 4.598   -3.332  2.878   1.00 1.70 ? 66  ASN A HB3  1 
ATOM 953  H HD21 . ASN A 1 66 ? 4.760   -0.875  2.029   1.00 1.83 ? 66  ASN A HD21 1 
ATOM 954  H HD22 . ASN A 1 66 ? 6.097   -0.578  0.808   1.00 1.52 ? 66  ASN A HD22 1 
ATOM 955  N N    . PRO A 1 67 ? 5.335   -6.060  -0.946  1.00 0.93 ? 67  PRO A N    1 
ATOM 956  C CA   . PRO A 1 67 ? 5.072   -6.299  -2.387  1.00 1.02 ? 67  PRO A CA   1 
ATOM 957  C C    . PRO A 1 67 ? 3.644   -6.775  -2.642  1.00 1.09 ? 67  PRO A C    1 
ATOM 958  O O    . PRO A 1 67 ? 3.286   -7.943  -2.447  1.00 1.93 ? 67  PRO A O    1 
ATOM 959  C CB   . PRO A 1 67 ? 6.090   -7.373  -2.831  1.00 1.08 ? 67  PRO A CB   1 
ATOM 960  C CG   . PRO A 1 67 ? 7.241   -7.273  -1.849  1.00 1.16 ? 67  PRO A CG   1 
ATOM 961  C CD   . PRO A 1 67 ? 6.621   -6.657  -0.599  1.00 1.00 ? 67  PRO A CD   1 
ATOM 962  H HA   . PRO A 1 67 ? 5.298   -5.366  -2.948  1.00 1.25 ? 67  PRO A HA   1 
ATOM 963  H HB2  . PRO A 1 67 ? 5.680   -8.399  -2.756  1.00 1.24 ? 67  PRO A HB2  1 
ATOM 964  H HB3  . PRO A 1 67 ? 6.412   -7.246  -3.881  1.00 1.31 ? 67  PRO A HB3  1 
ATOM 965  H HG2  . PRO A 1 67 ? 7.697   -8.257  -1.642  1.00 1.45 ? 67  PRO A HG2  1 
ATOM 966  H HG3  . PRO A 1 67 ? 8.050   -6.637  -2.245  1.00 1.39 ? 67  PRO A HG3  1 
ATOM 967  H HD2  . PRO A 1 67 ? 6.486   -7.434  0.170   1.00 1.01 ? 67  PRO A HD2  1 
ATOM 968  H HD3  . PRO A 1 67 ? 7.280   -5.860  -0.229  1.00 1.12 ? 67  PRO A HD3  1 
ATOM 969  N N    . HIS A 1 68 ? 2.823   -5.797  -3.017  1.00 0.98 ? 68  HIS A N    1 
ATOM 970  C CA   . HIS A 1 68 ? 1.422   -6.052  -3.308  1.00 1.06 ? 68  HIS A CA   1 
ATOM 971  C C    . HIS A 1 68 ? 1.216   -6.991  -4.526  1.00 1.35 ? 68  HIS A C    1 
ATOM 972  O O    . HIS A 1 68 ? 0.510   -7.981  -4.306  1.00 1.66 ? 68  HIS A O    1 
ATOM 973  C CB   . HIS A 1 68 ? 0.597   -4.767  -3.455  1.00 1.38 ? 68  HIS A CB   1 
ATOM 974  C CG   . HIS A 1 68 ? -0.886  -5.074  -3.267  1.00 1.13 ? 68  HIS A CG   1 
ATOM 975  N ND1  . HIS A 1 68 ? -1.487  -6.219  -2.738  1.00 1.80 ? 68  HIS A ND1  1 
ATOM 976  C CD2  . HIS A 1 68 ? -1.833  -4.266  -3.807  1.00 1.29 ? 68  HIS A CD2  1 
ATOM 977  C CE1  . HIS A 1 68 ? -2.781  -5.961  -3.025  1.00 2.38 ? 68  HIS A CE1  1 
ATOM 978  N NE2  . HIS A 1 68 ? -3.093  -4.786  -3.604  1.00 1.97 ? 68  HIS A NE2  1 
ATOM 979  H H    . HIS A 1 68 ? 3.240   -4.860  -3.084  1.00 1.49 ? 68  HIS A H    1 
ATOM 980  H HA   . HIS A 1 68 ? 1.052   -6.563  -2.394  1.00 1.02 ? 68  HIS A HA   1 
ATOM 981  H HB2  . HIS A 1 68 ? 0.902   -3.986  -2.734  1.00 1.79 ? 68  HIS A HB2  1 
ATOM 982  H HB3  . HIS A 1 68 ? 0.780   -4.309  -4.450  1.00 2.21 ? 68  HIS A HB3  1 
ATOM 983  H HD1  . HIS A 1 68 ? -1.046  -7.135  -2.609  1.00 2.10 ? 68  HIS A HD1  1 
ATOM 984  H HD2  . HIS A 1 68 ? -1.585  -3.343  -4.303  1.00 1.49 ? 68  HIS A HD2  1 
ATOM 985  H HE1  . HIS A 1 68 ? -3.526  -6.730  -2.935  1.00 3.23 ? 68  HIS A HE1  1 
ATOM 986  H HE2  . HIS A 1 68 ? -3.999  -4.387  -3.877  1.00 2.36 ? 68  HIS A HE2  1 
ATOM 987  N N    . PRO A 1 69 ? 1.797   -6.788  -5.752  1.00 1.95 ? 69  PRO A N    1 
ATOM 988  C CA   . PRO A 1 69 ? 1.743   -7.796  -6.830  1.00 2.40 ? 69  PRO A CA   1 
ATOM 989  C C    . PRO A 1 69 ? 2.187   -9.204  -6.357  1.00 2.06 ? 69  PRO A C    1 
ATOM 990  O O    . PRO A 1 69 ? 1.317   -10.063 -6.173  1.00 2.48 ? 69  PRO A O    1 
ATOM 991  C CB   . PRO A 1 69 ? 2.595   -7.159  -7.947  1.00 3.45 ? 69  PRO A CB   1 
ATOM 992  C CG   . PRO A 1 69 ? 3.500   -6.142  -7.257  1.00 3.63 ? 69  PRO A CG   1 
ATOM 993  C CD   . PRO A 1 69 ? 2.634   -5.620  -6.123  1.00 2.71 ? 69  PRO A CD   1 
ATOM 994  H HA   . PRO A 1 69 ? 0.697   -7.872  -7.186  1.00 2.67 ? 69  PRO A HA   1 
ATOM 995  H HB2  . PRO A 1 69 ? 3.184   -7.900  -8.521  1.00 3.73 ? 69  PRO A HB2  1 
ATOM 996  H HB3  . PRO A 1 69 ? 1.939   -6.637  -8.667  1.00 4.00 ? 69  PRO A HB3  1 
ATOM 997  H HG2  . PRO A 1 69 ? 4.403   -6.639  -6.847  1.00 4.06 ? 69  PRO A HG2  1 
ATOM 998  H HG3  . PRO A 1 69 ? 3.847   -5.336  -7.927  1.00 4.21 ? 69  PRO A HG3  1 
ATOM 999  H HD2  . PRO A 1 69 ? 3.303   -5.236  -5.341  1.00 2.79 ? 69  PRO A HD2  1 
ATOM 1000 H HD3  . PRO A 1 69 ? 1.995   -4.779  -6.449  1.00 2.88 ? 69  PRO A HD3  1 
ATOM 1001 N N    . LYS A 1 70 ? 3.498   -9.422  -6.117  1.00 2.11 ? 70  LYS A N    1 
ATOM 1002 C CA   . LYS A 1 70 ? 4.058   -10.771 -5.811  1.00 2.24 ? 70  LYS A CA   1 
ATOM 1003 C C    . LYS A 1 70 ? 3.576   -11.939 -6.747  1.00 1.96 ? 70  LYS A C    1 
ATOM 1004 O O    . LYS A 1 70 ? 3.408   -13.087 -6.323  1.00 2.51 ? 70  LYS A O    1 
ATOM 1005 C CB   . LYS A 1 70 ? 3.858   -11.043 -4.291  1.00 3.00 ? 70  LYS A CB   1 
ATOM 1006 C CG   . LYS A 1 70 ? 4.743   -12.163 -3.697  1.00 3.45 ? 70  LYS A CG   1 
ATOM 1007 C CD   . LYS A 1 70 ? 6.051   -11.683 -3.045  1.00 3.89 ? 70  LYS A CD   1 
ATOM 1008 C CE   . LYS A 1 70 ? 7.027   -11.004 -4.026  1.00 4.78 ? 70  LYS A CE   1 
ATOM 1009 N NZ   . LYS A 1 70 ? 8.355   -10.823 -3.430  1.00 5.50 ? 70  LYS A NZ   1 
ATOM 1010 H H    . LYS A 1 70 ? 4.107   -8.627  -6.344  1.00 2.57 ? 70  LYS A H    1 
ATOM 1011 H HA   . LYS A 1 70 ? 5.142   -10.672 -6.002  1.00 2.72 ? 70  LYS A HA   1 
ATOM 1012 H HB2  . LYS A 1 70 ? 4.024   -10.119 -3.703  1.00 3.46 ? 70  LYS A HB2  1 
ATOM 1013 H HB3  . LYS A 1 70 ? 2.793   -11.286 -4.113  1.00 3.42 ? 70  LYS A HB3  1 
ATOM 1014 H HG2  . LYS A 1 70 ? 4.150   -12.709 -2.941  1.00 3.65 ? 70  LYS A HG2  1 
ATOM 1015 H HG3  . LYS A 1 70 ? 4.987   -12.926 -4.457  1.00 3.84 ? 70  LYS A HG3  1 
ATOM 1016 H HD2  . LYS A 1 70 ? 5.813   -10.995 -2.210  1.00 3.99 ? 70  LYS A HD2  1 
ATOM 1017 H HD3  . LYS A 1 70 ? 6.531   -12.563 -2.576  1.00 4.01 ? 70  LYS A HD3  1 
ATOM 1018 H HE2  . LYS A 1 70 ? 7.127   -11.595 -4.956  1.00 4.98 ? 70  LYS A HE2  1 
ATOM 1019 H HE3  . LYS A 1 70 ? 6.633   -10.016 -4.330  1.00 5.10 ? 70  LYS A HE3  1 
ATOM 1020 H HZ1  . LYS A 1 70 ? 8.829   -11.725 -3.309  1.00 6.04 ? 70  LYS A HZ1  1 
ATOM 1021 H HZ2  . LYS A 1 70 ? 8.296   -10.379 -2.508  1.00 5.65 ? 70  LYS A HZ2  1 
ATOM 1022 H HZ3  . LYS A 1 70 ? 8.954   -10.237 -4.022  1.00 5.67 ? 70  LYS A HZ3  1 
ATOM 1023 N N    . GLN A 1 71 ? 3.326   -11.608 -8.025  1.00 1.94 ? 71  GLN A N    1 
ATOM 1024 C CA   . GLN A 1 71 ? 2.664   -12.503 -8.990  1.00 2.43 ? 71  GLN A CA   1 
ATOM 1025 C C    . GLN A 1 71 ? 3.802   -13.128 -9.803  1.00 2.01 ? 71  GLN A C    1 
ATOM 1026 O O    . GLN A 1 71 ? 4.492   -12.448 -10.576 1.00 2.59 ? 71  GLN A O    1 
ATOM 1027 C CB   . GLN A 1 71 ? 1.625   -11.734 -9.846  1.00 3.52 ? 71  GLN A CB   1 
ATOM 1028 C CG   . GLN A 1 71 ? 2.175   -10.620 -10.779 1.00 4.17 ? 71  GLN A CG   1 
ATOM 1029 C CD   . GLN A 1 71 ? 1.223   -9.444  -11.023 1.00 4.95 ? 71  GLN A CD   1 
ATOM 1030 O OE1  . GLN A 1 71 ? 0.022   -9.601  -11.240 1.00 5.17 ? 71  GLN A OE1  1 
ATOM 1031 N NE2  . GLN A 1 71 ? 1.761   -8.237  -11.001 1.00 5.73 ? 71  GLN A NE2  1 
ATOM 1032 H H    . GLN A 1 71 ? 3.472   -10.615 -8.237  1.00 2.19 ? 71  GLN A H    1 
ATOM 1033 H HA   . GLN A 1 71 ? 2.086   -13.279 -8.444  1.00 2.88 ? 71  GLN A HA   1 
ATOM 1034 H HB2  . GLN A 1 71 ? 1.070   -12.464 -10.464 1.00 3.89 ? 71  GLN A HB2  1 
ATOM 1035 H HB3  . GLN A 1 71 ? 0.860   -11.319 -9.161  1.00 3.98 ? 71  GLN A HB3  1 
ATOM 1036 H HG2  . GLN A 1 71 ? 3.134   -10.246 -10.369 1.00 4.14 ? 71  GLN A HG2  1 
ATOM 1037 H HG3  . GLN A 1 71 ? 2.452   -11.069 -11.752 1.00 4.58 ? 71  GLN A HG3  1 
ATOM 1038 H HE21 . GLN A 1 71 ? 2.753   -8.202  -10.729 1.00 5.83 ? 71  GLN A HE21 1 
ATOM 1039 H HE22 . GLN A 1 71 ? 1.117   -7.442  -11.054 1.00 6.36 ? 71  GLN A HE22 1 
ATOM 1040 N N    . ARG A 1 72 ? 4.024   -14.418 -9.564  1.00 1.67 ? 72  ARG A N    1 
ATOM 1041 C CA   . ARG A 1 72 ? 5.110   -15.143 -10.235 1.00 1.65 ? 72  ARG A CA   1 
ATOM 1042 C C    . ARG A 1 72 ? 4.555   -16.505 -10.728 1.00 1.56 ? 72  ARG A C    1 
ATOM 1043 O O    . ARG A 1 72 ? 3.982   -17.236 -9.909  1.00 1.99 ? 72  ARG A O    1 
ATOM 1044 C CB   . ARG A 1 72 ? 6.347   -15.274 -9.315  1.00 2.41 ? 72  ARG A CB   1 
ATOM 1045 C CG   . ARG A 1 72 ? 7.663   -15.225 -10.121 1.00 3.26 ? 72  ARG A CG   1 
ATOM 1046 C CD   . ARG A 1 72 ? 8.900   -15.603 -9.305  1.00 4.15 ? 72  ARG A CD   1 
ATOM 1047 N NE   . ARG A 1 72 ? 8.930   -17.068 -9.068  1.00 4.87 ? 72  ARG A NE   1 
ATOM 1048 C CZ   . ARG A 1 72 ? 9.656   -17.666 -8.112  1.00 5.69 ? 72  ARG A CZ   1 
ATOM 1049 N NH1  . ARG A 1 72 ? 10.455  -17.007 -7.276  1.00 5.89 ? 72  ARG A NH1  1 
ATOM 1050 N NH2  . ARG A 1 72 ? 9.567   -18.978 -7.996  1.00 6.56 ? 72  ARG A NH2  1 
ATOM 1051 H H    . ARG A 1 72 ? 3.433   -14.844 -8.841  1.00 2.02 ? 72  ARG A H    1 
ATOM 1052 H HA   . ARG A 1 72 ? 5.422   -14.541 -11.108 1.00 2.21 ? 72  ARG A HA   1 
ATOM 1053 H HB2  . ARG A 1 72 ? 6.384   -14.455 -8.568  1.00 2.85 ? 72  ARG A HB2  1 
ATOM 1054 H HB3  . ARG A 1 72 ? 6.279   -16.200 -8.710  1.00 2.68 ? 72  ARG A HB3  1 
ATOM 1055 H HG2  . ARG A 1 72 ? 7.605   -15.876 -11.012 1.00 3.43 ? 72  ARG A HG2  1 
ATOM 1056 H HG3  . ARG A 1 72 ? 7.793   -14.201 -10.520 1.00 3.61 ? 72  ARG A HG3  1 
ATOM 1057 H HD2  . ARG A 1 72 ? 9.811   -15.304 -9.856  1.00 4.37 ? 72  ARG A HD2  1 
ATOM 1058 H HD3  . ARG A 1 72 ? 8.907   -15.032 -8.356  1.00 4.48 ? 72  ARG A HD3  1 
ATOM 1059 H HE   . ARG A 1 72 ? 8.347   -17.705 -9.624  1.00 4.97 ? 72  ARG A HE   1 
ATOM 1060 H HH11 . ARG A 1 72 ? 10.481  -15.989 -7.396  1.00 5.39 ? 72  ARG A HH11 1 
ATOM 1061 H HH12 . ARG A 1 72 ? 10.963  -17.562 -6.579  1.00 6.67 ? 72  ARG A HH12 1 
ATOM 1062 H HH21 . ARG A 1 72 ? 8.937   -19.455 -8.652  1.00 6.59 ? 72  ARG A HH21 1 
ATOM 1063 H HH22 . ARG A 1 72 ? 10.132  -19.411 -7.259  1.00 7.30 ? 72  ARG A HH22 1 
ATOM 1064 N N    . PRO A 1 73 ? 4.729   -16.912 -12.019 1.00 2.13 ? 73  PRO A N    1 
ATOM 1065 C CA   . PRO A 1 73 ? 4.322   -18.259 -12.493 1.00 2.81 ? 73  PRO A CA   1 
ATOM 1066 C C    . PRO A 1 73 ? 5.172   -19.419 -11.874 1.00 2.58 ? 73  PRO A C    1 
ATOM 1067 O O    . PRO A 1 73 ? 6.006   -19.216 -10.982 1.00 2.68 ? 73  PRO A O    1 
ATOM 1068 C CB   . PRO A 1 73 ? 4.462   -18.084 -14.024 1.00 3.86 ? 73  PRO A CB   1 
ATOM 1069 C CG   . PRO A 1 73 ? 5.575   -17.059 -14.226 1.00 3.88 ? 73  PRO A CG   1 
ATOM 1070 C CD   . PRO A 1 73 ? 5.371   -16.091 -13.071 1.00 2.96 ? 73  PRO A CD   1 
ATOM 1071 H HA   . PRO A 1 73 ? 3.255   -18.431 -12.248 1.00 3.27 ? 73  PRO A HA   1 
ATOM 1072 H HB2  . PRO A 1 73 ? 4.673   -19.027 -14.562 1.00 4.18 ? 73  PRO A HB2  1 
ATOM 1073 H HB3  . PRO A 1 73 ? 3.517   -17.692 -14.448 1.00 4.57 ? 73  PRO A HB3  1 
ATOM 1074 H HG2  . PRO A 1 73 ? 6.566   -17.546 -14.140 1.00 4.18 ? 73  PRO A HG2  1 
ATOM 1075 H HG3  . PRO A 1 73 ? 5.535   -16.557 -15.208 1.00 4.58 ? 73  PRO A HG3  1 
ATOM 1076 H HD2  . PRO A 1 73 ? 6.342   -15.667 -12.759 1.00 3.13 ? 73  PRO A HD2  1 
ATOM 1077 H HD3  . PRO A 1 73 ? 4.713   -15.247 -13.355 1.00 3.22 ? 73  PRO A HD3  1 
ATOM 1078 N N    . GLY A 1 74 ? 4.925   -20.644 -12.352 1.00 2.95 ? 74  GLY A N    1 
ATOM 1079 C CA   . GLY A 1 74 ? 5.717   -21.815 -11.941 1.00 3.20 ? 74  GLY A CA   1 
ATOM 1080 C C    . GLY A 1 74 ? 5.580   -22.933 -12.972 1.00 3.82 ? 74  GLY A C    1 
ATOM 1081 O O    . GLY A 1 74 ? 6.076   -22.776 -14.110 1.00 4.34 ? 74  GLY A O    1 
ATOM 1082 O OXT  . GLY A 1 74 ? 4.981   -23.981 -12.646 1.00 4.25 ? 74  GLY A OXT  1 
ATOM 1083 H H    . GLY A 1 74 ? 4.257   -20.673 -13.130 1.00 3.41 ? 74  GLY A H    1 
ATOM 1084 H HA2  . GLY A 1 74 ? 6.788   -21.553 -11.835 1.00 3.59 ? 74  GLY A HA2  1 
ATOM 1085 H HA3  . GLY A 1 74 ? 5.380   -22.156 -10.944 1.00 3.10 ? 74  GLY A HA3  1 
ATOM 1086 N N    . ILE B 2 1  ? -18.902 20.674  -15.405 1.00 3.68 ? 178 ILE B N    1 
ATOM 1087 C CA   . ILE B 2 1  ? -17.890 21.190  -14.454 1.00 3.02 ? 178 ILE B CA   1 
ATOM 1088 C C    . ILE B 2 1  ? -17.491 19.951  -13.607 1.00 2.69 ? 178 ILE B C    1 
ATOM 1089 O O    . ILE B 2 1  ? -18.078 19.774  -12.532 1.00 2.93 ? 178 ILE B O    1 
ATOM 1090 C CB   . ILE B 2 1  ? -18.345 22.443  -13.617 1.00 2.97 ? 178 ILE B CB   1 
ATOM 1091 C CG1  . ILE B 2 1  ? -18.952 23.603  -14.463 1.00 3.37 ? 178 ILE B CG1  1 
ATOM 1092 C CG2  . ILE B 2 1  ? -17.186 22.973  -12.725 1.00 3.34 ? 178 ILE B CG2  1 
ATOM 1093 C CD1  . ILE B 2 1  ? -20.393 23.348  -14.953 1.00 3.75 ? 178 ILE B CD1  1 
ATOM 1094 H H1   . ILE B 2 1  ? -19.826 20.589  -14.968 1.00 3.85 ? 178 ILE B H1   1 
ATOM 1095 H H2   . ILE B 2 1  ? -18.639 19.747  -15.759 1.00 3.99 ? 178 ILE B H2   1 
ATOM 1096 H H3   . ILE B 2 1  ? -18.996 21.294  -16.216 1.00 4.12 ? 178 ILE B H3   1 
ATOM 1097 H HA   . ILE B 2 1  ? -17.016 21.514  -15.049 1.00 3.47 ? 178 ILE B HA   1 
ATOM 1098 H HB   . ILE B 2 1  ? -19.136 22.125  -12.909 1.00 3.18 ? 178 ILE B HB   1 
ATOM 1099 H HG12 . ILE B 2 1  ? -18.976 24.535  -13.868 1.00 3.86 ? 178 ILE B HG12 1 
ATOM 1100 H HG13 . ILE B 2 1  ? -18.297 23.829  -15.326 1.00 3.52 ? 178 ILE B HG13 1 
ATOM 1101 H HG21 . ILE B 2 1  ? -17.296 24.038  -12.445 1.00 3.49 ? 178 ILE B HG21 1 
ATOM 1102 H HG22 . ILE B 2 1  ? -16.195 22.871  -13.205 1.00 3.78 ? 178 ILE B HG22 1 
ATOM 1103 H HG23 . ILE B 2 1  ? -17.133 22.415  -11.771 1.00 3.64 ? 178 ILE B HG23 1 
ATOM 1104 H HD11 . ILE B 2 1  ? -20.923 22.602  -14.328 1.00 3.67 ? 178 ILE B HD11 1 
ATOM 1105 H HD12 . ILE B 2 1  ? -20.402 22.959  -15.987 1.00 4.23 ? 178 ILE B HD12 1 
ATOM 1106 H HD13 . ILE B 2 1  ? -21.002 24.268  -14.942 1.00 4.14 ? 178 ILE B HD13 1 
ATOM 1107 N N    . PRO B 2 2  ? -16.510 19.086  -14.018 1.00 2.76 ? 179 PRO B N    1 
ATOM 1108 C CA   . PRO B 2 2  ? -16.038 17.947  -13.199 1.00 2.91 ? 179 PRO B CA   1 
ATOM 1109 C C    . PRO B 2 2  ? -15.399 18.439  -11.879 1.00 2.36 ? 179 PRO B C    1 
ATOM 1110 O O    . PRO B 2 2  ? -14.305 19.015  -11.874 1.00 2.33 ? 179 PRO B O    1 
ATOM 1111 C CB   . PRO B 2 2  ? -15.040 17.216  -14.122 1.00 3.66 ? 179 PRO B CB   1 
ATOM 1112 C CG   . PRO B 2 2  ? -15.378 17.680  -15.537 1.00 3.94 ? 179 PRO B CG   1 
ATOM 1113 C CD   . PRO B 2 2  ? -15.900 19.104  -15.361 1.00 3.39 ? 179 PRO B CD   1 
ATOM 1114 H HA   . PRO B 2 2  ? -16.895 17.268  -13.010 1.00 3.45 ? 179 PRO B HA   1 
ATOM 1115 H HB2  . PRO B 2 2  ? -13.988 17.486  -13.900 1.00 3.68 ? 179 PRO B HB2  1 
ATOM 1116 H HB3  . PRO B 2 2  ? -15.106 16.117  -14.018 1.00 4.31 ? 179 PRO B HB3  1 
ATOM 1117 H HG2  . PRO B 2 2  ? -14.508 17.636  -16.218 1.00 4.20 ? 179 PRO B HG2  1 
ATOM 1118 H HG3  . PRO B 2 2  ? -16.168 17.036  -15.970 1.00 4.59 ? 179 PRO B HG3  1 
ATOM 1119 H HD2  . PRO B 2 2  ? -15.082 19.848  -15.394 1.00 3.41 ? 179 PRO B HD2  1 
ATOM 1120 H HD3  . PRO B 2 2  ? -16.618 19.352  -16.164 1.00 3.90 ? 179 PRO B HD3  1 
ATOM 1121 N N    . GLY B 2 3  ? -16.132 18.237  -10.771 1.00 2.62 ? 180 GLY B N    1 
ATOM 1122 C CA   . GLY B 2 3  ? -15.625 18.569  -9.421  1.00 2.59 ? 180 GLY B CA   1 
ATOM 1123 C C    . GLY B 2 3  ? -14.352 17.798  -9.035  1.00 2.09 ? 180 GLY B C    1 
ATOM 1124 O O    . GLY B 2 3  ? -13.353 18.431  -8.687  1.00 2.62 ? 180 GLY B O    1 
ATOM 1125 H H    . GLY B 2 3  ? -16.989 17.691  -10.909 1.00 3.19 ? 180 GLY B H    1 
ATOM 1126 H HA2  . GLY B 2 3  ? -15.428 19.656  -9.362  1.00 2.90 ? 180 GLY B HA2  1 
ATOM 1127 H HA3  . GLY B 2 3  ? -16.416 18.374  -8.673  1.00 3.24 ? 180 GLY B HA3  1 
ATOM 1128 N N    . LYS B 2 4  ? -14.393 16.454  -9.166  1.00 1.92 ? 181 LYS B N    1 
ATOM 1129 C CA   . LYS B 2 4  ? -13.225 15.568  -8.975  1.00 2.25 ? 181 LYS B CA   1 
ATOM 1130 C C    . LYS B 2 4  ? -12.766 15.540  -7.504  1.00 1.95 ? 181 LYS B C    1 
ATOM 1131 O O    . LYS B 2 4  ? -12.459 16.579  -6.908  1.00 2.29 ? 181 LYS B O    1 
ATOM 1132 C CB   . LYS B 2 4  ? -12.037 15.792  -9.967  1.00 3.21 ? 181 LYS B CB   1 
ATOM 1133 C CG   . LYS B 2 4  ? -11.966 14.839  -11.180 1.00 3.93 ? 181 LYS B CG   1 
ATOM 1134 C CD   . LYS B 2 4  ? -11.929 13.328  -10.832 1.00 4.68 ? 181 LYS B CD   1 
ATOM 1135 C CE   . LYS B 2 4  ? -13.044 12.451  -11.430 1.00 5.41 ? 181 LYS B CE   1 
ATOM 1136 N NZ   . LYS B 2 4  ? -14.403 12.866  -11.034 1.00 6.10 ? 181 LYS B NZ   1 
ATOM 1137 H H    . LYS B 2 4  ? -15.263 16.098  -9.578  1.00 2.27 ? 181 LYS B H    1 
ATOM 1138 H HA   . LYS B 2 4  ? -13.656 14.573  -9.190  1.00 2.73 ? 181 LYS B HA   1 
ATOM 1139 H HB2  . LYS B 2 4  ? -12.043 16.829  -10.349 1.00 3.41 ? 181 LYS B HB2  1 
ATOM 1140 H HB3  . LYS B 2 4  ? -11.070 15.718  -9.432  1.00 3.66 ? 181 LYS B HB3  1 
ATOM 1141 H HG2  . LYS B 2 4  ? -12.794 15.064  -11.876 1.00 4.26 ? 181 LYS B HG2  1 
ATOM 1142 H HG3  . LYS B 2 4  ? -11.051 15.087  -11.750 1.00 4.03 ? 181 LYS B HG3  1 
ATOM 1143 H HD2  . LYS B 2 4  ? -10.972 12.929  -11.207 1.00 4.87 ? 181 LYS B HD2  1 
ATOM 1144 H HD3  . LYS B 2 4  ? -11.886 13.169  -9.735  1.00 4.93 ? 181 LYS B HD3  1 
ATOM 1145 H HE2  . LYS B 2 4  ? -12.965 12.461  -12.531 1.00 5.60 ? 181 LYS B HE2  1 
ATOM 1146 H HE3  . LYS B 2 4  ? -12.888 11.400  -11.122 1.00 5.62 ? 181 LYS B HE3  1 
ATOM 1147 H HZ1  . LYS B 2 4  ? -14.520 13.879  -11.152 1.00 6.40 ? 181 LYS B HZ1  1 
ATOM 1148 H HZ2  . LYS B 2 4  ? -14.595 12.658  -10.048 1.00 6.43 ? 181 LYS B HZ2  1 
ATOM 1149 H HZ3  . LYS B 2 4  ? -15.126 12.409  -11.599 1.00 6.27 ? 181 LYS B HZ3  1 
ATOM 1150 N N    . ARG B 2 5  ? -12.699 14.336  -6.925  1.00 2.18 ? 182 ARG B N    1 
ATOM 1151 C CA   . ARG B 2 5  ? -12.432 14.190  -5.471  1.00 2.54 ? 182 ARG B CA   1 
ATOM 1152 C C    . ARG B 2 5  ? -10.905 14.290  -5.206  1.00 2.26 ? 182 ARG B C    1 
ATOM 1153 O O    . ARG B 2 5  ? -10.130 14.802  -6.026  1.00 3.04 ? 182 ARG B O    1 
ATOM 1154 C CB   . ARG B 2 5  ? -13.164 12.941  -4.873  1.00 3.59 ? 182 ARG B CB   1 
ATOM 1155 C CG   . ARG B 2 5  ? -14.535 12.541  -5.451  1.00 4.33 ? 182 ARG B CG   1 
ATOM 1156 C CD   . ARG B 2 5  ? -15.588 13.680  -5.554  1.00 5.17 ? 182 ARG B CD   1 
ATOM 1157 N NE   . ARG B 2 5  ? -16.289 13.709  -6.864  1.00 5.65 ? 182 ARG B NE   1 
ATOM 1158 C CZ   . ARG B 2 5  ? -17.099 12.732  -7.318  1.00 6.08 ? 182 ARG B CZ   1 
ATOM 1159 N NH1  . ARG B 2 5  ? -17.389 11.635  -6.620  1.00 6.22 ? 182 ARG B NH1  1 
ATOM 1160 N NH2  . ARG B 2 5  ? -17.621 12.861  -8.523  1.00 6.67 ? 182 ARG B NH2  1 
ATOM 1161 H H    . ARG B 2 5  ? -13.027 13.555  -7.504  1.00 2.58 ? 182 ARG B H    1 
ATOM 1162 H HA   . ARG B 2 5  ? -12.875 15.059  -4.948  1.00 2.90 ? 182 ARG B HA   1 
ATOM 1163 H HB2  . ARG B 2 5  ? -12.506 12.053  -4.946  1.00 3.92 ? 182 ARG B HB2  1 
ATOM 1164 H HB3  . ARG B 2 5  ? -13.285 13.106  -3.785  1.00 4.02 ? 182 ARG B HB3  1 
ATOM 1165 H HG2  . ARG B 2 5  ? -14.337 12.100  -6.447  1.00 4.42 ? 182 ARG B HG2  1 
ATOM 1166 H HG3  . ARG B 2 5  ? -14.953 11.703  -4.864  1.00 4.62 ? 182 ARG B HG3  1 
ATOM 1167 H HD2  . ARG B 2 5  ? -16.315 13.614  -4.723  1.00 5.37 ? 182 ARG B HD2  1 
ATOM 1168 H HD3  . ARG B 2 5  ? -15.119 14.672  -5.423  1.00 5.53 ? 182 ARG B HD3  1 
ATOM 1169 H HE   . ARG B 2 5  ? -16.136 14.476  -7.529  1.00 5.85 ? 182 ARG B HE   1 
ATOM 1170 H HH11 . ARG B 2 5  ? -16.924 11.560  -5.707  1.00 5.98 ? 182 ARG B HH11 1 
ATOM 1171 H HH12 . ARG B 2 5  ? -17.991 10.936  -7.064  1.00 6.73 ? 182 ARG B HH12 1 
ATOM 1172 H HH21 . ARG B 2 5  ? -17.371 13.708  -9.044  1.00 6.84 ? 182 ARG B HH21 1 
ATOM 1173 H HH22 . ARG B 2 5  ? -18.224 12.095  -8.839  1.00 7.09 ? 182 ARG B HH22 1 
ATOM 1174 N N    . THR B 2 6  ? -10.482 13.821  -4.031  1.00 1.79 ? 183 THR B N    1 
ATOM 1175 C CA   . THR B 2 6  ? -9.046  13.620  -3.730  1.00 2.12 ? 183 THR B CA   1 
ATOM 1176 C C    . THR B 2 6  ? -8.700  12.103  -3.861  1.00 1.82 ? 183 THR B C    1 
ATOM 1177 O O    . THR B 2 6  ? -8.208  11.471  -2.920  1.00 2.53 ? 183 THR B O    1 
ATOM 1178 C CB   . THR B 2 6  ? -8.726  14.220  -2.331  1.00 3.18 ? 183 THR B CB   1 
ATOM 1179 O OG1  . THR B 2 6  ? -9.422  15.441  -2.074  1.00 3.66 ? 183 THR B OG1  1 
ATOM 1180 C CG2  . THR B 2 6  ? -7.227  14.510  -2.177  1.00 4.12 ? 183 THR B CG2  1 
ATOM 1181 H H    . THR B 2 6  ? -11.223 13.409  -3.454  1.00 1.83 ? 183 THR B H    1 
ATOM 1182 H HA   . THR B 2 6  ? -8.421  14.160  -4.473  1.00 2.58 ? 183 THR B HA   1 
ATOM 1183 H HB   . THR B 2 6  ? -9.041  13.492  -1.558  1.00 3.37 ? 183 THR B HB   1 
ATOM 1184 H HG1  . THR B 2 6  ? -9.315  15.980  -2.862  1.00 3.64 ? 183 THR B HG1  1 
ATOM 1185 H HG21 . THR B 2 6  ? -6.944  14.567  -1.113  1.00 4.57 ? 183 THR B HG21 1 
ATOM 1186 H HG22 . THR B 2 6  ? -6.958  15.472  -2.654  1.00 4.67 ? 183 THR B HG22 1 
ATOM 1187 H HG23 . THR B 2 6  ? -6.598  13.731  -2.647  1.00 4.12 ? 183 THR B HG23 1 
ATOM 1188 N N    . GLU B 2 7  ? -8.921  11.550  -5.072  1.00 1.61 ? 184 GLU B N    1 
ATOM 1189 C CA   . GLU B 2 7  ? -8.698  10.129  -5.437  1.00 2.21 ? 184 GLU B CA   1 
ATOM 1190 C C    . GLU B 2 7  ? -7.325  9.602   -4.979  1.00 1.78 ? 184 GLU B C    1 
ATOM 1191 O O    . GLU B 2 7  ? -6.299  10.267  -5.166  1.00 1.94 ? 184 GLU B O    1 
ATOM 1192 C CB   . GLU B 2 7  ? -8.779  9.940   -6.978  1.00 3.10 ? 184 GLU B CB   1 
ATOM 1193 C CG   . GLU B 2 7  ? -9.956  10.646  -7.700  1.00 3.82 ? 184 GLU B CG   1 
ATOM 1194 C CD   . GLU B 2 7  ? -9.512  11.926  -8.418  1.00 4.46 ? 184 GLU B CD   1 
ATOM 1195 O OE1  . GLU B 2 7  ? -9.161  12.912  -7.742  1.00 5.22 ? 184 GLU B OE1  1 
ATOM 1196 O OE2  . GLU B 2 7  ? -9.472  11.945  -9.662  1.00 4.51 ? 184 GLU B OE2  1 
ATOM 1197 H H    . GLU B 2 7  ? -9.512  12.129  -5.680  1.00 1.74 ? 184 GLU B H    1 
ATOM 1198 H HA   . GLU B 2 7  ? -9.524  9.540   -4.982  1.00 2.88 ? 184 GLU B HA   1 
ATOM 1199 H HB2  . GLU B 2 7  ? -7.824  10.232  -7.457  1.00 3.16 ? 184 GLU B HB2  1 
ATOM 1200 H HB3  . GLU B 2 7  ? -8.821  8.857   -7.189  1.00 3.69 ? 184 GLU B HB3  1 
ATOM 1201 H HG2  . GLU B 2 7  ? -10.438 9.946   -8.403  1.00 3.99 ? 184 GLU B HG2  1 
ATOM 1202 H HG3  . GLU B 2 7  ? -10.765 10.896  -6.991  1.00 4.15 ? 184 GLU B HG3  1 
ATOM 1203 N N    . SER B 2 8  ? -7.351  8.436   -4.337  1.00 1.40 ? 185 SER B N    1 
ATOM 1204 C CA   . SER B 2 8  ? -6.125  7.830   -3.786  1.00 1.19 ? 185 SER B CA   1 
ATOM 1205 C C    . SER B 2 8  ? -5.660  6.715   -4.748  1.00 1.05 ? 185 SER B C    1 
ATOM 1206 O O    . SER B 2 8  ? -6.099  6.594   -5.903  1.00 1.26 ? 185 SER B O    1 
ATOM 1207 C CB   . SER B 2 8  ? -6.395  7.397   -2.319  1.00 1.45 ? 185 SER B CB   1 
ATOM 1208 O OG   . SER B 2 8  ? -6.997  8.429   -1.546  1.00 1.90 ? 185 SER B OG   1 
ATOM 1209 H H    . SER B 2 8  ? -8.225  7.906   -4.425  1.00 1.45 ? 185 SER B H    1 
ATOM 1210 H HA   . SER B 2 8  ? -5.301  8.572   -3.748  1.00 1.24 ? 185 SER B HA   1 
ATOM 1211 H HB2  . SER B 2 8  ? -7.014  6.481   -2.281  1.00 1.90 ? 185 SER B HB2  1 
ATOM 1212 H HB3  . SER B 2 8  ? -5.436  7.133   -1.841  1.00 1.62 ? 185 SER B HB3  1 
ATOM 1213 H HG   . SER B 2 8  ? -7.004  8.108   -0.643  1.00 2.23 ? 185 SER B HG   1 
ATOM 1214 N N    . PHE B 2 9  ? -4.724  5.905   -4.252  1.00 0.92 ? 186 PHE B N    1 
ATOM 1215 C CA   . PHE B 2 9  ? -4.276  4.714   -4.973  1.00 0.80 ? 186 PHE B CA   1 
ATOM 1216 C C    . PHE B 2 9  ? -5.121  3.470   -4.627  1.00 0.72 ? 186 PHE B C    1 
ATOM 1217 O O    . PHE B 2 9  ? -5.904  3.433   -3.674  1.00 0.88 ? 186 PHE B O    1 
ATOM 1218 C CB   . PHE B 2 9  ? -2.758  4.547   -4.723  1.00 0.81 ? 186 PHE B CB   1 
ATOM 1219 C CG   . PHE B 2 9  ? -2.120  3.688   -5.808  1.00 0.71 ? 186 PHE B CG   1 
ATOM 1220 C CD1  . PHE B 2 9  ? -2.191  4.080   -7.153  1.00 1.24 ? 186 PHE B CD1  1 
ATOM 1221 C CD2  . PHE B 2 9  ? -1.464  2.501   -5.474  1.00 1.32 ? 186 PHE B CD2  1 
ATOM 1222 C CE1  . PHE B 2 9  ? -1.597  3.310   -8.128  1.00 1.22 ? 186 PHE B CE1  1 
ATOM 1223 C CE2  . PHE B 2 9  ? -0.786  1.785   -6.447  1.00 1.36 ? 186 PHE B CE2  1 
ATOM 1224 C CZ   . PHE B 2 9  ? -0.805  2.227   -7.762  1.00 0.76 ? 186 PHE B CZ   1 
ATOM 1225 H H    . PHE B 2 9  ? -4.469  6.080   -3.275  1.00 1.08 ? 186 PHE B H    1 
ATOM 1226 H HA   . PHE B 2 9  ? -4.428  4.907   -6.054  1.00 0.82 ? 186 PHE B HA   1 
ATOM 1227 H HB2  . PHE B 2 9  ? -2.233  5.522   -4.722  1.00 0.92 ? 186 PHE B HB2  1 
ATOM 1228 H HB3  . PHE B 2 9  ? -2.579  4.132   -3.710  1.00 0.86 ? 186 PHE B HB3  1 
ATOM 1229 H HD1  . PHE B 2 9  ? -2.730  4.969   -7.451  1.00 2.02 ? 186 PHE B HD1  1 
ATOM 1230 H HD2  . PHE B 2 9  ? -1.447  2.150   -4.451  1.00 2.08 ? 186 PHE B HD2  1 
ATOM 1231 H HE1  . PHE B 2 9  ? -1.759  3.556   -9.166  1.00 1.96 ? 186 PHE B HE1  1 
ATOM 1232 H HE2  . PHE B 2 9  ? -0.240  0.888   -6.193  1.00 2.15 ? 186 PHE B HE2  1 
ATOM 1233 H HZ   . PHE B 2 9  ? -0.238  1.696   -8.499  1.00 0.86 ? 186 PHE B HZ   1 
ATOM 1234 N N    . TYR B 2 10 ? -4.934  2.458   -5.475  1.00 0.78 ? 187 TYR B N    1 
ATOM 1235 C CA   . TYR B 2 10 ? -5.553  1.139   -5.314  1.00 0.79 ? 187 TYR B CA   1 
ATOM 1236 C C    . TYR B 2 10 ? -4.456  0.033   -5.292  1.00 0.91 ? 187 TYR B C    1 
ATOM 1237 O O    . TYR B 2 10 ? -3.321  0.291   -4.879  1.00 1.44 ? 187 TYR B O    1 
ATOM 1238 C CB   . TYR B 2 10 ? -6.690  1.053   -6.353  1.00 0.85 ? 187 TYR B CB   1 
ATOM 1239 C CG   . TYR B 2 10 ? -8.060  0.574   -5.828  1.00 0.85 ? 187 TYR B CG   1 
ATOM 1240 C CD1  . TYR B 2 10 ? -8.176  -0.608  -5.096  1.00 1.49 ? 187 TYR B CD1  1 
ATOM 1241 C CD2  . TYR B 2 10 ? -9.215  1.286   -6.116  1.00 1.44 ? 187 TYR B CD2  1 
ATOM 1242 C CE1  . TYR B 2 10 ? -9.419  -1.072  -4.684  1.00 1.66 ? 187 TYR B CE1  1 
ATOM 1243 C CE2  . TYR B 2 10 ? -10.465 0.829   -5.709  1.00 1.48 ? 187 TYR B CE2  1 
ATOM 1244 C CZ   . TYR B 2 10 ? -10.558 -0.350  -4.977  1.00 1.17 ? 187 TYR B CZ   1 
ATOM 1245 O OH   . TYR B 2 10 ? -11.765 -0.732  -4.481  1.00 1.41 ? 187 TYR B OH   1 
ATOM 1246 H H    . TYR B 2 10 ? -4.249  2.641   -6.217  1.00 0.98 ? 187 TYR B H    1 
ATOM 1247 H HA   . TYR B 2 10 ? -6.017  1.086   -4.335  1.00 0.78 ? 187 TYR B HA   1 
ATOM 1248 H HB2  . TYR B 2 10 ? -6.834  2.008   -6.902  1.00 0.89 ? 187 TYR B HB2  1 
ATOM 1249 H HB3  . TYR B 2 10 ? -6.327  0.391   -7.146  1.00 0.98 ? 187 TYR B HB3  1 
ATOM 1250 H HD1  . TYR B 2 10 ? -7.289  -1.146  -4.841  1.00 2.23 ? 187 TYR B HD1  1 
ATOM 1251 H HD2  . TYR B 2 10 ? -9.152  2.229   -6.636  1.00 2.23 ? 187 TYR B HD2  1 
ATOM 1252 H HE1  . TYR B 2 10 ? -9.488  -1.982  -4.105  1.00 2.50 ? 187 TYR B HE1  1 
ATOM 1253 H HE2  . TYR B 2 10 ? -11.342 1.425   -5.892  1.00 2.21 ? 187 TYR B HE2  1 
ATOM 1254 H HH   . TYR B 2 10 ? -12.455 -0.442  -5.078  1.00 1.51 ? 187 TYR B HH   1 
ATOM 1255 N N    . GLU B 2 11 ? -4.766  -1.212  -5.706  1.00 0.89 ? 188 GLU B N    1 
ATOM 1256 C CA   . GLU B 2 11 ? -3.740  -2.278  -5.909  1.00 1.01 ? 188 GLU B CA   1 
ATOM 1257 C C    . GLU B 2 11 ? -2.526  -1.915  -6.802  1.00 1.13 ? 188 GLU B C    1 
ATOM 1258 O O    . GLU B 2 11 ? -1.400  -2.329  -6.521  1.00 1.33 ? 188 GLU B O    1 
ATOM 1259 C CB   . GLU B 2 11 ? -4.399  -3.643  -6.255  1.00 1.05 ? 188 GLU B CB   1 
ATOM 1260 C CG   . GLU B 2 11 ? -3.558  -4.833  -6.785  1.00 1.30 ? 188 GLU B CG   1 
ATOM 1261 C CD   . GLU B 2 11 ? -4.125  -6.237  -6.505  1.00 1.74 ? 188 GLU B CD   1 
ATOM 1262 O OE1  . GLU B 2 11 ? -4.832  -6.443  -5.494  1.00 2.25 ? 188 GLU B OE1  1 
ATOM 1263 O OE2  . GLU B 2 11 ? -3.826  -7.161  -7.290  1.00 2.25 ? 188 GLU B OE2  1 
ATOM 1264 H H    . GLU B 2 11 ? -5.729  -1.311  -6.045  1.00 1.19 ? 188 GLU B H    1 
ATOM 1265 H HA   . GLU B 2 11 ? -3.319  -2.411  -4.919  1.00 1.09 ? 188 GLU B HA   1 
ATOM 1266 H HB2  . GLU B 2 11 ? -4.967  -3.954  -5.359  1.00 1.12 ? 188 GLU B HB2  1 
ATOM 1267 H HB3  . GLU B 2 11 ? -5.166  -3.502  -7.012  1.00 1.19 ? 188 GLU B HB3  1 
ATOM 1268 H HG2  . GLU B 2 11 ? -3.428  -4.709  -7.876  1.00 1.61 ? 188 GLU B HG2  1 
ATOM 1269 H HG3  . GLU B 2 11 ? -2.536  -4.793  -6.377  1.00 1.56 ? 188 GLU B HG3  1 
ATOM 1270 N N    . CYS B 2 12 ? -2.790  -1.171  -7.878  1.00 1.10 ? 189 CYS B N    1 
ATOM 1271 C CA   . CYS B 2 12 ? -1.798  -0.835  -8.914  1.00 1.30 ? 189 CYS B CA   1 
ATOM 1272 C C    . CYS B 2 12 ? -2.272  0.217   -9.929  1.00 1.30 ? 189 CYS B C    1 
ATOM 1273 O O    . CYS B 2 12 ? -1.479  1.027   -10.418 1.00 1.25 ? 189 CYS B O    1 
ATOM 1274 C CB   . CYS B 2 12 ? -1.226  -2.069  -9.662  1.00 1.86 ? 189 CYS B CB   1 
ATOM 1275 S SG   . CYS B 2 12 ? -2.123  -2.514  -11.170 1.00 2.37 ? 189 CYS B SG   1 
ATOM 1276 H H    . CYS B 2 12 ? -3.713  -0.724  -7.847  1.00 1.00 ? 189 CYS B H    1 
ATOM 1277 H HA   . CYS B 2 12 ? -0.994  -0.345  -8.362  1.00 1.24 ? 189 CYS B HA   1 
ATOM 1278 H HB2  . CYS B 2 12 ? -0.193  -1.847  -9.974  1.00 2.02 ? 189 CYS B HB2  1 
ATOM 1279 H HB3  . CYS B 2 12 ? -1.148  -2.953  -9.001  1.00 2.12 ? 189 CYS B HB3  1 
ATOM 1280 N N    . CYS B 2 13 ? -3.518  0.082   -10.378 1.00 1.56 ? 190 CYS B N    1 
ATOM 1281 C CA   . CYS B 2 13 ? -3.984  0.683   -11.635 1.00 1.84 ? 190 CYS B CA   1 
ATOM 1282 C C    . CYS B 2 13 ? -5.541  0.746   -11.679 1.00 2.21 ? 190 CYS B C    1 
ATOM 1283 O O    . CYS B 2 13 ? -6.136  0.486   -12.732 1.00 2.46 ? 190 CYS B O    1 
ATOM 1284 C CB   . CYS B 2 13 ? -3.399  -0.120  -12.842 1.00 2.22 ? 190 CYS B CB   1 
ATOM 1285 S SG   . CYS B 2 13 ? -1.874  -1.077  -12.568 1.00 2.33 ? 190 CYS B SG   1 
ATOM 1286 H H    . CYS B 2 13 ? -4.051  -0.658  -9.906  1.00 1.66 ? 190 CYS B H    1 
ATOM 1287 H HA   . CYS B 2 13 ? -3.624  1.730   -11.676 1.00 1.67 ? 190 CYS B HA   1 
ATOM 1288 H HB2  . CYS B 2 13 ? -4.125  -0.869  -13.205 1.00 2.66 ? 190 CYS B HB2  1 
ATOM 1289 H HB3  . CYS B 2 13 ? -3.229  0.576   -13.681 1.00 2.24 ? 190 CYS B HB3  1 
ATOM 1290 N N    . LYS B 2 14 ? -6.232  1.113   -10.570 1.00 2.57 ? 191 LYS B N    1 
ATOM 1291 C CA   . LYS B 2 14 ? -7.709  1.331   -10.597 1.00 2.98 ? 191 LYS B CA   1 
ATOM 1292 C C    . LYS B 2 14 ? -8.085  2.753   -11.039 1.00 2.56 ? 191 LYS B C    1 
ATOM 1293 O O    . LYS B 2 14 ? -9.187  3.229   -10.754 1.00 2.89 ? 191 LYS B O    1 
ATOM 1294 C CB   . LYS B 2 14 ? -8.352  1.076   -9.221  1.00 3.84 ? 191 LYS B CB   1 
ATOM 1295 C CG   . LYS B 2 14 ? -9.756  0.424   -9.217  1.00 4.46 ? 191 LYS B CG   1 
ATOM 1296 C CD   . LYS B 2 14 ? -10.956 1.380   -9.044  1.00 5.02 ? 191 LYS B CD   1 
ATOM 1297 C CE   . LYS B 2 14 ? -12.053 1.257   -10.106 1.00 5.91 ? 191 LYS B CE   1 
ATOM 1298 N NZ   . LYS B 2 14 ? -11.876 2.258   -11.163 1.00 6.25 ? 191 LYS B NZ   1 
ATOM 1299 H H    . LYS B 2 14 ? -5.657  1.372   -9.759  1.00 2.74 ? 191 LYS B H    1 
ATOM 1300 H HA   . LYS B 2 14 ? -8.159  0.614   -11.311 1.00 3.23 ? 191 LYS B HA   1 
ATOM 1301 H HB2  . LYS B 2 14 ? -7.701  0.422   -8.656  1.00 4.21 ? 191 LYS B HB2  1 
ATOM 1302 H HB3  . LYS B 2 14 ? -8.334  2.000   -8.613  1.00 3.97 ? 191 LYS B HB3  1 
ATOM 1303 H HG2  . LYS B 2 14 ? -9.865  -0.228  -10.100 1.00 4.83 ? 191 LYS B HG2  1 
ATOM 1304 H HG3  . LYS B 2 14 ? -9.805  -0.286  -8.370  1.00 4.58 ? 191 LYS B HG3  1 
ATOM 1305 H HD2  . LYS B 2 14 ? -11.447 1.144   -8.089  1.00 5.12 ? 191 LYS B HD2  1 
ATOM 1306 H HD3  . LYS B 2 14 ? -10.631 2.427   -8.896  1.00 5.10 ? 191 LYS B HD3  1 
ATOM 1307 H HE2  . LYS B 2 14 ? -12.082 0.240   -10.540 1.00 6.44 ? 191 LYS B HE2  1 
ATOM 1308 H HE3  . LYS B 2 14 ? -13.036 1.415   -9.627  1.00 6.11 ? 191 LYS B HE3  1 
ATOM 1309 H HZ1  . LYS B 2 14 ? -11.646 3.171   -10.752 1.00 6.32 ? 191 LYS B HZ1  1 
ATOM 1310 H HZ2  . LYS B 2 14 ? -12.724 2.379   -11.725 1.00 6.67 ? 191 LYS B HZ2  1 
ATOM 1311 H HZ3  . LYS B 2 14 ? -11.102 2.015   -11.791 1.00 6.33 ? 191 LYS B HZ3  1 
ATOM 1312 N N    . GLU B 2 15 ? -7.195  3.458   -11.763 1.00 2.11 ? 192 GLU B N    1 
ATOM 1313 C CA   . GLU B 2 15 ? -7.501  4.774   -12.333 1.00 2.24 ? 192 GLU B CA   1 
ATOM 1314 C C    . GLU B 2 15 ? -7.581  5.789   -11.121 1.00 2.18 ? 192 GLU B C    1 
ATOM 1315 O O    . GLU B 2 15 ? -6.945  5.552   -10.078 1.00 2.73 ? 192 GLU B O    1 
ATOM 1316 C CB   . GLU B 2 15 ? -8.710  4.623   -13.340 1.00 2.44 ? 192 GLU B CB   1 
ATOM 1317 C CG   . GLU B 2 15 ? -8.930  3.289   -14.110 1.00 3.07 ? 192 GLU B CG   1 
ATOM 1318 C CD   . GLU B 2 15 ? -9.492  3.445   -15.517 1.00 3.70 ? 192 GLU B CD   1 
ATOM 1319 O OE1  . GLU B 2 15 ? -10.468 4.204   -15.708 1.00 4.15 ? 192 GLU B OE1  1 
ATOM 1320 O OE2  . GLU B 2 15 ? -8.956  2.802   -16.445 1.00 4.09 ? 192 GLU B OE2  1 
ATOM 1321 H H    . GLU B 2 15 ? -6.276  3.012   -11.866 1.00 2.00 ? 192 GLU B H    1 
ATOM 1322 H HA   . GLU B 2 15 ? -6.612  5.069   -12.914 1.00 2.79 ? 192 GLU B HA   1 
ATOM 1323 H HB2  . GLU B 2 15 ? -9.650  4.808   -12.783 1.00 2.35 ? 192 GLU B HB2  1 
ATOM 1324 H HB3  . GLU B 2 15 ? -8.639  5.446   -14.068 1.00 2.67 ? 192 GLU B HB3  1 
ATOM 1325 H HG2  . GLU B 2 15 ? -7.985  2.714   -14.165 1.00 3.29 ? 192 GLU B HG2  1 
ATOM 1326 H HG3  . GLU B 2 15 ? -9.611  2.639   -13.525 1.00 3.17 ? 192 GLU B HG3  1 
ATOM 1327 N N    . PRO B 2 16 ? -8.394  6.865   -11.144 1.00 2.11 ? 193 PRO B N    1 
ATOM 1328 C CA   . PRO B 2 16 ? -8.783  7.592   -9.921  1.00 2.68 ? 193 PRO B CA   1 
ATOM 1329 C C    . PRO B 2 16 ? -9.805  6.771   -9.074  1.00 2.19 ? 193 PRO B C    1 
ATOM 1330 O O    . PRO B 2 16 ? -11.002 6.929   -9.318  1.00 2.66 ? 193 PRO B O    1 
ATOM 1331 C CB   . PRO B 2 16 ? -9.335  8.898   -10.536 1.00 3.34 ? 193 PRO B CB   1 
ATOM 1332 C CG   . PRO B 2 16 ? -9.005  8.948   -12.018 1.00 3.12 ? 193 PRO B CG   1 
ATOM 1333 C CD   . PRO B 2 16 ? -8.870  7.494   -12.384 1.00 2.27 ? 193 PRO B CD   1 
ATOM 1334 H HA   . PRO B 2 16 ? -7.889  7.841   -9.313  1.00 3.34 ? 193 PRO B HA   1 
ATOM 1335 H HB2  . PRO B 2 16 ? -10.431 9.009   -10.418 1.00 3.59 ? 193 PRO B HB2  1 
ATOM 1336 H HB3  . PRO B 2 16 ? -8.857  9.748   -10.040 1.00 4.00 ? 193 PRO B HB3  1 
ATOM 1337 H HG2  . PRO B 2 16 ? -9.784  9.452   -12.619 1.00 3.33 ? 193 PRO B HG2  1 
ATOM 1338 H HG3  . PRO B 2 16 ? -8.047  9.476   -12.185 1.00 3.70 ? 193 PRO B HG3  1 
ATOM 1339 H HD2  . PRO B 2 16 ? -9.849  7.064   -12.669 1.00 2.06 ? 193 PRO B HD2  1 
ATOM 1340 H HD3  . PRO B 2 16 ? -8.160  7.377   -13.222 1.00 2.55 ? 193 PRO B HD3  1 
ATOM 1341 N N    . TYR B 2 17 ? -9.323  5.912   -8.121  1.00 1.40 ? 194 TYR B N    1 
ATOM 1342 C CA   . TYR B 2 17 ? -10.141 5.105   -7.136  1.00 1.16 ? 194 TYR B CA   1 
ATOM 1343 C C    . TYR B 2 17 ? -11.695 5.310   -7.164  1.00 1.49 ? 194 TYR B C    1 
ATOM 1344 O O    . TYR B 2 17 ? -12.375 4.377   -7.606  1.00 2.43 ? 194 TYR B O    1 
ATOM 1345 C CB   . TYR B 2 17 ? -9.513  5.167   -5.688  1.00 1.25 ? 194 TYR B CB   1 
ATOM 1346 C CG   . TYR B 2 17 ? -10.234 4.453   -4.492  1.00 0.94 ? 194 TYR B CG   1 
ATOM 1347 C CD1  . TYR B 2 17 ? -11.536 4.757   -4.074  1.00 1.74 ? 194 TYR B CD1  1 
ATOM 1348 C CD2  . TYR B 2 17 ? -9.584  3.381   -3.850  1.00 1.37 ? 194 TYR B CD2  1 
ATOM 1349 C CE1  . TYR B 2 17 ? -12.245 3.942   -3.215  1.00 2.06 ? 194 TYR B CE1  1 
ATOM 1350 C CE2  . TYR B 2 17 ? -10.307 2.542   -3.007  1.00 1.82 ? 194 TYR B CE2  1 
ATOM 1351 C CZ   . TYR B 2 17 ? -11.629 2.800   -2.703  1.00 1.87 ? 194 TYR B CZ   1 
ATOM 1352 O OH   . TYR B 2 17 ? -12.360 1.962   -1.911  1.00 2.58 ? 194 TYR B OH   1 
ATOM 1353 H H    . TYR B 2 17 ? -8.326  5.707   -8.244  1.00 1.25 ? 194 TYR B H    1 
ATOM 1354 H HA   . TYR B 2 17 ? -9.985  4.061   -7.464  1.00 1.39 ? 194 TYR B HA   1 
ATOM 1355 H HB2  . TYR B 2 17 ? -8.477  4.782   -5.775  1.00 1.82 ? 194 TYR B HB2  1 
ATOM 1356 H HB3  . TYR B 2 17 ? -9.350  6.219   -5.398  1.00 1.83 ? 194 TYR B HB3  1 
ATOM 1357 H HD1  . TYR B 2 17 ? -12.102 5.591   -4.447  1.00 2.54 ? 194 TYR B HD1  1 
ATOM 1358 H HD2  . TYR B 2 17 ? -8.581  3.113   -4.128  1.00 2.05 ? 194 TYR B HD2  1 
ATOM 1359 H HE1  . TYR B 2 17 ? -13.273 4.160   -2.984  1.00 2.89 ? 194 TYR B HE1  1 
ATOM 1360 H HE2  . TYR B 2 17 ? -9.872  1.600   -2.699  1.00 2.64 ? 194 TYR B HE2  1 
ATOM 1361 H HH   . TYR B 2 17 ? -13.022 2.487   -1.454  1.00 2.81 ? 194 TYR B HH   1 
ATOM 1362 N N    . PRO B 2 18 ? -12.270 6.491   -6.755  1.00 1.28 ? 195 PRO B N    1 
ATOM 1363 C CA   . PRO B 2 18 ? -13.716 6.784   -6.846  1.00 1.75 ? 195 PRO B CA   1 
ATOM 1364 C C    . PRO B 2 18 ? -14.202 6.770   -8.312  1.00 2.13 ? 195 PRO B C    1 
ATOM 1365 O O    . PRO B 2 18 ? -13.859 7.652   -9.107  1.00 2.77 ? 195 PRO B O    1 
ATOM 1366 C CB   . PRO B 2 18 ? -13.836 8.187   -6.209  1.00 1.97 ? 195 PRO B CB   1 
ATOM 1367 C CG   . PRO B 2 18 ? -12.444 8.797   -6.318  1.00 2.19 ? 195 PRO B CG   1 
ATOM 1368 C CD   . PRO B 2 18 ? -11.522 7.610   -6.147  1.00 1.72 ? 195 PRO B CD   1 
ATOM 1369 H HA   . PRO B 2 18 ? -14.277 6.061   -6.218  1.00 2.47 ? 195 PRO B HA   1 
ATOM 1370 H HB2  . PRO B 2 18 ? -14.583 8.837   -6.701  1.00 2.08 ? 195 PRO B HB2  1 
ATOM 1371 H HB3  . PRO B 2 18 ? -14.128 8.111   -5.146  1.00 2.61 ? 195 PRO B HB3  1 
ATOM 1372 H HG2  . PRO B 2 18 ? -12.306 9.223   -7.328  1.00 2.42 ? 195 PRO B HG2  1 
ATOM 1373 H HG3  . PRO B 2 18 ? -12.240 9.591   -5.578  1.00 2.93 ? 195 PRO B HG3  1 
ATOM 1374 H HD2  . PRO B 2 18 ? -10.552 7.787   -6.623  1.00 1.95 ? 195 PRO B HD2  1 
ATOM 1375 H HD3  . PRO B 2 18 ? -11.320 7.434   -5.075  1.00 2.25 ? 195 PRO B HD3  1 
ATOM 1376 N N    . ASP B 2 19 ? -14.973 5.723   -8.644  1.00 2.56 ? 196 ASP B N    1 
ATOM 1377 C CA   . ASP B 2 19 ? -15.590 5.549   -9.978  1.00 3.54 ? 196 ASP B CA   1 
ATOM 1378 C C    . ASP B 2 19 ? -14.536 5.174   -11.052 1.00 3.94 ? 196 ASP B C    1 
ATOM 1379 O O    . ASP B 2 19 ? -14.416 3.974   -11.376 1.00 4.26 ? 196 ASP B O    1 
ATOM 1380 C CB   . ASP B 2 19 ? -16.518 6.747   -10.355 1.00 4.35 ? 196 ASP B CB   1 
ATOM 1381 C CG   . ASP B 2 19 ? -17.805 6.420   -11.119 1.00 4.73 ? 196 ASP B CG   1 
ATOM 1382 O OD1  . ASP B 2 19 ? -17.925 5.330   -11.721 1.00 5.44 ? 196 ASP B OD1  1 
ATOM 1383 O OD2  . ASP B 2 19 ? -18.719 7.274   -11.109 1.00 4.71 ? 196 ASP B OD2  1 
ATOM 1384 H H    . ASP B 2 19 ? -15.172 5.080   -7.870  1.00 2.64 ? 196 ASP B H    1 
ATOM 1385 H HA   . ASP B 2 19 ? -16.235 4.658   -9.851  1.00 3.92 ? 196 ASP B HA   1 
ATOM 1386 H HB2  . ASP B 2 19 ? -16.828 7.283   -9.436  1.00 4.76 ? 196 ASP B HB2  1 
ATOM 1387 H HB3  . ASP B 2 19 ? -15.947 7.508   -10.920 1.00 4.72 ? 196 ASP B HB3  1 
# 
loop_
_pdbx_poly_seq_scheme.asym_id 
_pdbx_poly_seq_scheme.entity_id 
_pdbx_poly_seq_scheme.seq_id 
_pdbx_poly_seq_scheme.mon_id 
_pdbx_poly_seq_scheme.ndb_seq_num 
_pdbx_poly_seq_scheme.pdb_seq_num 
_pdbx_poly_seq_scheme.auth_seq_num 
_pdbx_poly_seq_scheme.pdb_mon_id 
_pdbx_poly_seq_scheme.auth_mon_id 
_pdbx_poly_seq_scheme.pdb_strand_id 
_pdbx_poly_seq_scheme.pdb_ins_code 
_pdbx_poly_seq_scheme.hetero 
A 1 1  ILE 1  1   1   ILE ILE A . n 
A 1 2  VAL 2  2   2   VAL VAL A . n 
A 1 3  CYS 3  3   3   CYS CYS A . n 
A 1 4  HIS 4  4   4   HIS HIS A . n 
A 1 5  THR 5  5   5   THR THR A . n 
A 1 6  THR 6  6   6   THR THR A . n 
A 1 7  ALA 7  7   7   ALA ALA A . n 
A 1 8  THR 8  8   8   THR THR A . n 
A 1 9  SER 9  9   9   SER SER A . n 
A 1 10 PRO 10 10  10  PRO PRO A . n 
A 1 11 ILE 11 11  11  ILE ILE A . n 
A 1 12 SER 12 12  12  SER SER A . n 
A 1 13 ALA 13 13  13  ALA ALA A . n 
A 1 14 VAL 14 14  14  VAL VAL A . n 
A 1 15 THR 15 15  15  THR THR A . n 
A 1 16 CYS 16 16  16  CYS CYS A . n 
A 1 17 PRO 17 17  17  PRO PRO A . n 
A 1 18 PRO 18 18  18  PRO PRO A . n 
A 1 19 GLY 19 19  19  GLY GLY A . n 
A 1 20 GLU 20 20  20  GLU GLU A . n 
A 1 21 ASN 21 21  21  ASN ASN A . n 
A 1 22 LEU 22 22  22  LEU LEU A . n 
A 1 23 CYS 23 23  23  CYS CYS A . n 
A 1 24 TYR 24 24  24  TYR TYR A . n 
A 1 25 ARG 25 25  25  ARG ARG A . n 
A 1 26 LYS 26 26  26  LYS LYS A . n 
A 1 27 MET 27 27  27  MET MET A . n 
A 1 28 TRP 28 28  28  TRP TRP A . n 
A 1 29 CYS 29 29  29  CYS CYS A . n 
A 1 30 ASP 30 30  30  ASP ASP A . n 
A 1 31 ALA 31 31  31  ALA ALA A . n 
A 1 32 PHE 32 32  32  PHE PHE A . n 
A 1 33 CYS 33 33  33  CYS CYS A . n 
A 1 34 SER 34 34  34  SER SER A . n 
A 1 35 SER 35 35  35  SER SER A . n 
A 1 36 ARG 36 36  36  ARG ARG A . n 
A 1 37 GLY 37 37  37  GLY GLY A . n 
A 1 38 LYS 38 38  38  LYS LYS A . n 
A 1 39 VAL 39 39  39  VAL VAL A . n 
A 1 40 VAL 40 40  40  VAL VAL A . n 
A 1 41 GLU 41 41  41  GLU GLU A . n 
A 1 42 LEU 42 42  42  LEU LEU A . n 
A 1 43 GLY 43 43  43  GLY GLY A . n 
A 1 44 CYS 44 44  44  CYS CYS A . n 
A 1 45 ALA 45 45  45  ALA ALA A . n 
A 1 46 ALA 46 46  46  ALA ALA A . n 
A 1 47 THR 47 47  47  THR THR A . n 
A 1 48 CYS 48 48  48  CYS CYS A . n 
A 1 49 PRO 49 49  49  PRO PRO A . n 
A 1 50 SER 50 50  50  SER SER A . n 
A 1 51 LYS 51 51  51  LYS LYS A . n 
A 1 52 LYS 52 52  52  LYS LYS A . n 
A 1 53 PRO 53 53  53  PRO PRO A . n 
A 1 54 TYR 54 54  54  TYR TYR A . n 
A 1 55 GLU 55 55  55  GLU GLU A . n 
A 1 56 GLU 56 56  56  GLU GLU A . n 
A 1 57 VAL 57 57  57  VAL VAL A . n 
A 1 58 THR 58 58  58  THR THR A . n 
A 1 59 CYS 59 59  59  CYS CYS A . n 
A 1 60 CYS 60 60  60  CYS CYS A . n 
A 1 61 SER 61 61  61  SER SER A . n 
A 1 62 THR 62 62  62  THR THR A . n 
A 1 63 ASP 63 63  63  ASP ASP A . n 
A 1 64 LYS 64 64  64  LYS LYS A . n 
A 1 65 CYS 65 65  65  CYS CYS A . n 
A 1 66 ASN 66 66  66  ASN ASN A . n 
A 1 67 PRO 67 67  67  PRO PRO A . n 
A 1 68 HIS 68 68  68  HIS HIS A . n 
A 1 69 PRO 69 69  69  PRO PRO A . n 
A 1 70 LYS 70 70  70  LYS LYS A . n 
A 1 71 GLN 71 71  71  GLN GLN A . n 
A 1 72 ARG 72 72  72  ARG ARG A . n 
A 1 73 PRO 73 73  73  PRO PRO A . n 
A 1 74 GLY 74 74  74  GLY GLY A . n 
B 2 1  ILE 1  178 178 ILE ILE B . n 
B 2 2  PRO 2  179 179 PRO PRO B . n 
B 2 3  GLY 3  180 180 GLY GLY B . n 
B 2 4  LYS 4  181 181 LYS LYS B . n 
B 2 5  ARG 5  182 182 ARG ARG B . n 
B 2 6  THR 6  183 183 THR THR B . n 
B 2 7  GLU 7  184 184 GLU GLU B . n 
B 2 8  SER 8  185 185 SER SER B . n 
B 2 9  PHE 9  186 186 PHE PHE B . n 
B 2 10 TYR 10 187 187 TYR TYR B . n 
B 2 11 GLU 11 188 188 GLU GLU B . n 
B 2 12 CYS 12 189 189 CYS CYS B . n 
B 2 13 CYS 13 190 190 CYS CYS B . n 
B 2 14 LYS 14 191 191 LYS LYS B . n 
B 2 15 GLU 15 192 192 GLU GLU B . n 
B 2 16 PRO 16 193 193 PRO PRO B . n 
B 2 17 TYR 17 194 194 TYR TYR B . n 
B 2 18 PRO 18 195 195 PRO PRO B . n 
B 2 19 ASP 19 196 196 ASP ASP B . n 
B 2 20 HSL 20 197 ?   ?   ?   B . n 
# 
_pdbx_struct_assembly.id                   1 
_pdbx_struct_assembly.details              author_defined_assembly 
_pdbx_struct_assembly.method_details       ? 
_pdbx_struct_assembly.oligomeric_details   dimeric 
_pdbx_struct_assembly.oligomeric_count     2 
# 
_pdbx_struct_assembly_gen.assembly_id       1 
_pdbx_struct_assembly_gen.oper_expression   1 
_pdbx_struct_assembly_gen.asym_id_list      A,B 
# 
_pdbx_struct_oper_list.id                   1 
_pdbx_struct_oper_list.type                 'identity operation' 
_pdbx_struct_oper_list.name                 1_555 
_pdbx_struct_oper_list.symmetry_operation   ? 
_pdbx_struct_oper_list.matrix[1][1]         1.0000000000 
_pdbx_struct_oper_list.matrix[1][2]         0.0000000000 
_pdbx_struct_oper_list.matrix[1][3]         0.0000000000 
_pdbx_struct_oper_list.vector[1]            0.0000000000 
_pdbx_struct_oper_list.matrix[2][1]         0.0000000000 
_pdbx_struct_oper_list.matrix[2][2]         1.0000000000 
_pdbx_struct_oper_list.matrix[2][3]         0.0000000000 
_pdbx_struct_oper_list.vector[2]            0.0000000000 
_pdbx_struct_oper_list.matrix[3][1]         0.0000000000 
_pdbx_struct_oper_list.matrix[3][2]         0.0000000000 
_pdbx_struct_oper_list.matrix[3][3]         1.0000000000 
_pdbx_struct_oper_list.vector[3]            0.0000000000 
# 
loop_
_pdbx_audit_revision_history.ordinal 
_pdbx_audit_revision_history.data_content_type 
_pdbx_audit_revision_history.major_revision 
_pdbx_audit_revision_history.minor_revision 
_pdbx_audit_revision_history.revision_date 
1 'Structure model' 1 0 2002-03-13 
2 'Structure model' 1 1 2008-04-27 
3 'Structure model' 1 2 2011-07-13 
4 'Structure model' 1 3 2021-10-27 
# 
_pdbx_audit_revision_details.ordinal             1 
_pdbx_audit_revision_details.revision_ordinal    1 
_pdbx_audit_revision_details.data_content_type   'Structure model' 
_pdbx_audit_revision_details.provider            repository 
_pdbx_audit_revision_details.type                'Initial release' 
_pdbx_audit_revision_details.description         ? 
_pdbx_audit_revision_details.details             ? 
# 
loop_
_pdbx_audit_revision_group.ordinal 
_pdbx_audit_revision_group.revision_ordinal 
_pdbx_audit_revision_group.data_content_type 
_pdbx_audit_revision_group.group 
1 2 'Structure model' 'Version format compliance' 
2 3 'Structure model' 'Version format compliance' 
3 4 'Structure model' 'Data collection'           
4 4 'Structure model' 'Database references'       
5 4 'Structure model' 'Derived calculations'      
# 
loop_
_pdbx_audit_revision_category.ordinal 
_pdbx_audit_revision_category.revision_ordinal 
_pdbx_audit_revision_category.data_content_type 
_pdbx_audit_revision_category.category 
1 4 'Structure model' database_2            
2 4 'Structure model' pdbx_nmr_software     
3 4 'Structure model' pdbx_nmr_spectrometer 
4 4 'Structure model' pdbx_struct_assembly  
5 4 'Structure model' pdbx_struct_oper_list 
6 4 'Structure model' struct_ref_seq_dif    
# 
loop_
_pdbx_audit_revision_item.ordinal 
_pdbx_audit_revision_item.revision_ordinal 
_pdbx_audit_revision_item.data_content_type 
_pdbx_audit_revision_item.item 
1 4 'Structure model' '_database_2.pdbx_DOI'                
2 4 'Structure model' '_database_2.pdbx_database_accession' 
3 4 'Structure model' '_pdbx_nmr_software.name'             
4 4 'Structure model' '_pdbx_nmr_spectrometer.model'        
5 4 'Structure model' '_struct_ref_seq_dif.details'         
# 
loop_
_pdbx_validate_rmsd_angle.id 
_pdbx_validate_rmsd_angle.PDB_model_num 
_pdbx_validate_rmsd_angle.auth_atom_id_1 
_pdbx_validate_rmsd_angle.auth_asym_id_1 
_pdbx_validate_rmsd_angle.auth_comp_id_1 
_pdbx_validate_rmsd_angle.auth_seq_id_1 
_pdbx_validate_rmsd_angle.PDB_ins_code_1 
_pdbx_validate_rmsd_angle.label_alt_id_1 
_pdbx_validate_rmsd_angle.auth_atom_id_2 
_pdbx_validate_rmsd_angle.auth_asym_id_2 
_pdbx_validate_rmsd_angle.auth_comp_id_2 
_pdbx_validate_rmsd_angle.auth_seq_id_2 
_pdbx_validate_rmsd_angle.PDB_ins_code_2 
_pdbx_validate_rmsd_angle.label_alt_id_2 
_pdbx_validate_rmsd_angle.auth_atom_id_3 
_pdbx_validate_rmsd_angle.auth_asym_id_3 
_pdbx_validate_rmsd_angle.auth_comp_id_3 
_pdbx_validate_rmsd_angle.auth_seq_id_3 
_pdbx_validate_rmsd_angle.PDB_ins_code_3 
_pdbx_validate_rmsd_angle.label_alt_id_3 
_pdbx_validate_rmsd_angle.angle_value 
_pdbx_validate_rmsd_angle.angle_target_value 
_pdbx_validate_rmsd_angle.angle_deviation 
_pdbx_validate_rmsd_angle.angle_standard_deviation 
_pdbx_validate_rmsd_angle.linker_flag 
1 1 NE A ARG 25  ? ? CZ A ARG 25  ? ? NH1 A ARG 25  ? ? 123.61 120.30 3.31 0.50 N 
2 1 NE A ARG 72  ? ? CZ A ARG 72  ? ? NH1 A ARG 72  ? ? 123.50 120.30 3.20 0.50 N 
3 1 NE B ARG 182 ? ? CZ B ARG 182 ? ? NH1 B ARG 182 ? ? 123.46 120.30 3.16 0.50 N 
# 
loop_
_pdbx_validate_torsion.id 
_pdbx_validate_torsion.PDB_model_num 
_pdbx_validate_torsion.auth_comp_id 
_pdbx_validate_torsion.auth_asym_id 
_pdbx_validate_torsion.auth_seq_id 
_pdbx_validate_torsion.PDB_ins_code 
_pdbx_validate_torsion.label_alt_id 
_pdbx_validate_torsion.phi 
_pdbx_validate_torsion.psi 
1  1 THR A 5   ? ? -51.52  170.42  
2  1 ALA A 7   ? ? 74.74   52.78   
3  1 SER A 9   ? ? -167.13 -65.38  
4  1 SER A 12  ? ? -115.36 -147.86 
5  1 ASN A 21  ? ? -154.64 -51.02  
6  1 CYS A 29  ? ? -139.82 -51.85  
7  1 ALA A 31  ? ? 174.53  -91.86  
8  1 PHE A 32  ? ? 177.94  90.30   
9  1 SER A 34  ? ? 66.79   153.08  
10 1 SER A 35  ? ? 78.70   -79.53  
11 1 VAL A 40  ? ? 40.17   94.47   
12 1 SER A 50  ? ? -173.77 123.24  
13 1 LYS A 51  ? ? -178.03 61.49   
14 1 LYS A 52  ? ? 55.86   70.84   
15 1 GLU A 55  ? ? 115.79  91.85   
16 1 GLU A 56  ? ? -159.82 -151.62 
17 1 THR A 62  ? ? -166.63 -165.35 
18 1 ASP A 63  ? ? -76.08  -132.94 
19 1 LYS A 64  ? ? -58.25  73.84   
20 1 PRO A 67  ? ? -51.17  97.78   
21 1 PRO A 69  ? ? -50.68  -72.77  
22 1 PRO A 73  ? ? -67.41  -174.51 
23 1 LYS B 181 ? ? 67.84   124.49  
24 1 THR B 183 ? ? -101.72 59.59   
25 1 SER B 185 ? ? -101.52 -167.21 
26 1 TYR B 187 ? ? -124.09 -152.43 
27 1 CYS B 189 ? ? -170.48 -42.84  
28 1 CYS B 190 ? ? -162.11 41.80   
29 1 GLU B 192 ? ? 70.81   -148.93 
30 1 TYR B 194 ? ? -2.66   -68.71  
# 
_pdbx_validate_planes.id              1 
_pdbx_validate_planes.PDB_model_num   1 
_pdbx_validate_planes.auth_comp_id    TYR 
_pdbx_validate_planes.auth_asym_id    B 
_pdbx_validate_planes.auth_seq_id     194 
_pdbx_validate_planes.PDB_ins_code    ? 
_pdbx_validate_planes.label_alt_id    ? 
_pdbx_validate_planes.rmsd            0.110 
_pdbx_validate_planes.type            'SIDE CHAIN' 
# 
_pdbx_unobs_or_zero_occ_residues.id               1 
_pdbx_unobs_or_zero_occ_residues.PDB_model_num    1 
_pdbx_unobs_or_zero_occ_residues.polymer_flag     Y 
_pdbx_unobs_or_zero_occ_residues.occupancy_flag   1 
_pdbx_unobs_or_zero_occ_residues.auth_asym_id     B 
_pdbx_unobs_or_zero_occ_residues.auth_comp_id     HSL 
_pdbx_unobs_or_zero_occ_residues.auth_seq_id      197 
_pdbx_unobs_or_zero_occ_residues.PDB_ins_code     ? 
_pdbx_unobs_or_zero_occ_residues.label_asym_id    B 
_pdbx_unobs_or_zero_occ_residues.label_comp_id    HSL 
_pdbx_unobs_or_zero_occ_residues.label_seq_id     20 
# 
